data_6FMB
# 
_entry.id   6FMB 
# 
_audit_conform.dict_name       mmcif_pdbx.dic 
_audit_conform.dict_version    5.399 
_audit_conform.dict_location   http://mmcif.pdb.org/dictionaries/ascii/mmcif_pdbx.dic 
# 
loop_
_database_2.database_id 
_database_2.database_code 
_database_2.pdbx_database_accession 
_database_2.pdbx_DOI 
PDB   6FMB         pdb_00006fmb 10.2210/pdb6fmb/pdb 
WWPDB D_1200008481 ?            ?                   
# 
loop_
_pdbx_audit_revision_history.ordinal 
_pdbx_audit_revision_history.data_content_type 
_pdbx_audit_revision_history.major_revision 
_pdbx_audit_revision_history.minor_revision 
_pdbx_audit_revision_history.revision_date 
1 'Structure model' 1 0 2018-06-20 
2 'Structure model' 1 1 2024-11-20 
# 
_pdbx_audit_revision_details.ordinal             1 
_pdbx_audit_revision_details.revision_ordinal    1 
_pdbx_audit_revision_details.data_content_type   'Structure model' 
_pdbx_audit_revision_details.provider            repository 
_pdbx_audit_revision_details.type                'Initial release' 
_pdbx_audit_revision_details.description         ? 
_pdbx_audit_revision_details.details             ? 
# 
loop_
_pdbx_audit_revision_group.ordinal 
_pdbx_audit_revision_group.revision_ordinal 
_pdbx_audit_revision_group.data_content_type 
_pdbx_audit_revision_group.group 
1 2 'Structure model' 'Data collection'     
2 2 'Structure model' 'Database references' 
3 2 'Structure model' 'Structure summary'   
# 
loop_
_pdbx_audit_revision_category.ordinal 
_pdbx_audit_revision_category.revision_ordinal 
_pdbx_audit_revision_category.data_content_type 
_pdbx_audit_revision_category.category 
1 2 'Structure model' chem_comp_atom            
2 2 'Structure model' chem_comp_bond            
3 2 'Structure model' citation                  
4 2 'Structure model' database_2                
5 2 'Structure model' pdbx_entry_details        
6 2 'Structure model' pdbx_modification_feature 
# 
loop_
_pdbx_audit_revision_item.ordinal 
_pdbx_audit_revision_item.revision_ordinal 
_pdbx_audit_revision_item.data_content_type 
_pdbx_audit_revision_item.item 
1 2 'Structure model' '_citation.journal_id_ISSN'           
2 2 'Structure model' '_database_2.pdbx_DOI'                
3 2 'Structure model' '_database_2.pdbx_database_accession' 
# 
_pdbx_database_status.status_code                     REL 
_pdbx_database_status.status_code_sf                  REL 
_pdbx_database_status.status_code_mr                  ? 
_pdbx_database_status.entry_id                        6FMB 
_pdbx_database_status.recvd_initial_deposition_date   2018-01-30 
_pdbx_database_status.SG_entry                        N 
_pdbx_database_status.deposit_site                    PDBE 
_pdbx_database_status.process_site                    PDBE 
_pdbx_database_status.status_code_cs                  ? 
_pdbx_database_status.methods_development_category    ? 
_pdbx_database_status.pdb_format_compatible           Y 
_pdbx_database_status.status_code_nmr_data            ? 
# 
loop_
_audit_author.name 
_audit_author.pdbx_ordinal 
_audit_author.identifier_ORCID 
'Jones, R.'   1 ?                   
'Garnett, J.' 2 ?                   
'Spanu, P.D.' 3 ?                   
'Cota, E.'    4 0000-0002-4690-0683 
# 
_citation.abstract                  ? 
_citation.abstract_id_CAS           ? 
_citation.book_id_ISBN              ? 
_citation.book_publisher            ? 
_citation.book_publisher_city       ? 
_citation.book_title                ? 
_citation.coordinate_linkage        ? 
_citation.country                   US 
_citation.database_id_Medline       ? 
_citation.details                   ? 
_citation.id                        primary 
_citation.journal_abbrev            Biorxiv 
_citation.journal_id_ASTM           ? 
_citation.journal_id_CSD            ? 
_citation.journal_id_ISSN           2692-8205 
_citation.journal_full              ? 
_citation.journal_issue             ? 
_citation.journal_volume            ? 
_citation.language                  ? 
_citation.page_first                ? 
_citation.page_last                 ? 
_citation.title                     
'Crystal structure of the BEC1054 RNase-like effector from the fungal pathogen Blumeria graminis' 
_citation.year                      2018 
_citation.database_id_CSD           ? 
_citation.pdbx_database_id_DOI      10.1101/291427 
_citation.pdbx_database_id_PubMed   ? 
_citation.unpublished_flag          ? 
# 
loop_
_citation_author.citation_id 
_citation_author.name 
_citation_author.ordinal 
_citation_author.identifier_ORCID 
primary 'Jones, R.'   1 ? 
primary 'Garnett, J.' 2 ? 
primary 'Spanu, P.D.' 3 ? 
# 
loop_
_entity.id 
_entity.type 
_entity.src_method 
_entity.pdbx_description 
_entity.formula_weight 
_entity.pdbx_number_of_molecules 
_entity.pdbx_ec 
_entity.pdbx_mutation 
_entity.pdbx_fragment 
_entity.details 
1 polymer man 'CSEP0064 putative effector protein' 10781.907 1  ? ? ? ? 
2 water   nat water                                18.015    86 ? ? ? ? 
# 
_entity_poly.entity_id                      1 
_entity_poly.type                           'polypeptide(L)' 
_entity_poly.nstd_linkage                   no 
_entity_poly.nstd_monomer                   no 
_entity_poly.pdbx_seq_one_letter_code       
;AAAYWDCDGTEIPERNVRAAVVLAFNYRKESFHGYPATFIIGSTFSGVGEVRQFPVEDSDANWQGGAVKYYILTNKRGSY
LEVFSSVGSGNKCTFVEG
;
_entity_poly.pdbx_seq_one_letter_code_can   
;AAAYWDCDGTEIPERNVRAAVVLAFNYRKESFHGYPATFIIGSTFSGVGEVRQFPVEDSDANWQGGAVKYYILTNKRGSY
LEVFSSVGSGNKCTFVEG
;
_entity_poly.pdbx_strand_id                 A 
_entity_poly.pdbx_target_identifier         ? 
# 
_pdbx_entity_nonpoly.entity_id   2 
_pdbx_entity_nonpoly.name        water 
_pdbx_entity_nonpoly.comp_id     HOH 
# 
loop_
_entity_poly_seq.entity_id 
_entity_poly_seq.num 
_entity_poly_seq.mon_id 
_entity_poly_seq.hetero 
1 1  ALA n 
1 2  ALA n 
1 3  ALA n 
1 4  TYR n 
1 5  TRP n 
1 6  ASP n 
1 7  CYS n 
1 8  ASP n 
1 9  GLY n 
1 10 THR n 
1 11 GLU n 
1 12 ILE n 
1 13 PRO n 
1 14 GLU n 
1 15 ARG n 
1 16 ASN n 
1 17 VAL n 
1 18 ARG n 
1 19 ALA n 
1 20 ALA n 
1 21 VAL n 
1 22 VAL n 
1 23 LEU n 
1 24 ALA n 
1 25 PHE n 
1 26 ASN n 
1 27 TYR n 
1 28 ARG n 
1 29 LYS n 
1 30 GLU n 
1 31 SER n 
1 32 PHE n 
1 33 HIS n 
1 34 GLY n 
1 35 TYR n 
1 36 PRO n 
1 37 ALA n 
1 38 THR n 
1 39 PHE n 
1 40 ILE n 
1 41 ILE n 
1 42 GLY n 
1 43 SER n 
1 44 THR n 
1 45 PHE n 
1 46 SER n 
1 47 GLY n 
1 48 VAL n 
1 49 GLY n 
1 50 GLU n 
1 51 VAL n 
1 52 ARG n 
1 53 GLN n 
1 54 PHE n 
1 55 PRO n 
1 56 VAL n 
1 57 GLU n 
1 58 ASP n 
1 59 SER n 
1 60 ASP n 
1 61 ALA n 
1 62 ASN n 
1 63 TRP n 
1 64 GLN n 
1 65 GLY n 
1 66 GLY n 
1 67 ALA n 
1 68 VAL n 
1 69 LYS n 
1 70 TYR n 
1 71 TYR n 
1 72 ILE n 
1 73 LEU n 
1 74 THR n 
1 75 ASN n 
1 76 LYS n 
1 77 ARG n 
1 78 GLY n 
1 79 SER n 
1 80 TYR n 
1 81 LEU n 
1 82 GLU n 
1 83 VAL n 
1 84 PHE n 
1 85 SER n 
1 86 SER n 
1 87 VAL n 
1 88 GLY n 
1 89 SER n 
1 90 GLY n 
1 91 ASN n 
1 92 LYS n 
1 93 CYS n 
1 94 THR n 
1 95 PHE n 
1 96 VAL n 
1 97 GLU n 
1 98 GLY n 
# 
_entity_src_gen.entity_id                          1 
_entity_src_gen.pdbx_src_id                        1 
_entity_src_gen.pdbx_alt_source_flag               sample 
_entity_src_gen.pdbx_seq_type                      'Biological sequence' 
_entity_src_gen.pdbx_beg_seq_num                   1 
_entity_src_gen.pdbx_end_seq_num                   98 
_entity_src_gen.gene_src_common_name               'Barley powdery mildew' 
_entity_src_gen.gene_src_genus                     ? 
_entity_src_gen.pdbx_gene_src_gene                 BGHDH14_bgh02874 
_entity_src_gen.gene_src_species                   ? 
_entity_src_gen.gene_src_strain                    ? 
_entity_src_gen.gene_src_tissue                    ? 
_entity_src_gen.gene_src_tissue_fraction           ? 
_entity_src_gen.gene_src_details                   ? 
_entity_src_gen.pdbx_gene_src_fragment             ? 
_entity_src_gen.pdbx_gene_src_scientific_name      'Blumeria graminis f. sp. hordei' 
_entity_src_gen.pdbx_gene_src_ncbi_taxonomy_id     62688 
_entity_src_gen.pdbx_gene_src_variant              ? 
_entity_src_gen.pdbx_gene_src_cell_line            ? 
_entity_src_gen.pdbx_gene_src_atcc                 ? 
_entity_src_gen.pdbx_gene_src_organ                ? 
_entity_src_gen.pdbx_gene_src_organelle            ? 
_entity_src_gen.pdbx_gene_src_cell                 ? 
_entity_src_gen.pdbx_gene_src_cellular_location    ? 
_entity_src_gen.host_org_common_name               ? 
_entity_src_gen.pdbx_host_org_scientific_name      'Escherichia coli' 
_entity_src_gen.pdbx_host_org_ncbi_taxonomy_id     562 
_entity_src_gen.host_org_genus                     ? 
_entity_src_gen.pdbx_host_org_gene                 ? 
_entity_src_gen.pdbx_host_org_organ                ? 
_entity_src_gen.host_org_species                   ? 
_entity_src_gen.pdbx_host_org_tissue               ? 
_entity_src_gen.pdbx_host_org_tissue_fraction      ? 
_entity_src_gen.pdbx_host_org_strain               ? 
_entity_src_gen.pdbx_host_org_variant              ? 
_entity_src_gen.pdbx_host_org_cell_line            ? 
_entity_src_gen.pdbx_host_org_atcc                 ? 
_entity_src_gen.pdbx_host_org_culture_collection   ? 
_entity_src_gen.pdbx_host_org_cell                 ? 
_entity_src_gen.pdbx_host_org_organelle            ? 
_entity_src_gen.pdbx_host_org_cellular_location    ? 
_entity_src_gen.pdbx_host_org_vector_type          ? 
_entity_src_gen.pdbx_host_org_vector               ? 
_entity_src_gen.host_org_details                   ? 
_entity_src_gen.expression_system_id               ? 
_entity_src_gen.plasmid_name                       ? 
_entity_src_gen.plasmid_details                    ? 
_entity_src_gen.pdbx_description                   ? 
# 
loop_
_chem_comp.id 
_chem_comp.type 
_chem_comp.mon_nstd_flag 
_chem_comp.name 
_chem_comp.pdbx_synonyms 
_chem_comp.formula 
_chem_comp.formula_weight 
ALA 'L-peptide linking' y ALANINE         ? 'C3 H7 N O2'     89.093  
ARG 'L-peptide linking' y ARGININE        ? 'C6 H15 N4 O2 1' 175.209 
ASN 'L-peptide linking' y ASPARAGINE      ? 'C4 H8 N2 O3'    132.118 
ASP 'L-peptide linking' y 'ASPARTIC ACID' ? 'C4 H7 N O4'     133.103 
CYS 'L-peptide linking' y CYSTEINE        ? 'C3 H7 N O2 S'   121.158 
GLN 'L-peptide linking' y GLUTAMINE       ? 'C5 H10 N2 O3'   146.144 
GLU 'L-peptide linking' y 'GLUTAMIC ACID' ? 'C5 H9 N O4'     147.129 
GLY 'peptide linking'   y GLYCINE         ? 'C2 H5 N O2'     75.067  
HIS 'L-peptide linking' y HISTIDINE       ? 'C6 H10 N3 O2 1' 156.162 
HOH non-polymer         . WATER           ? 'H2 O'           18.015  
ILE 'L-peptide linking' y ISOLEUCINE      ? 'C6 H13 N O2'    131.173 
LEU 'L-peptide linking' y LEUCINE         ? 'C6 H13 N O2'    131.173 
LYS 'L-peptide linking' y LYSINE          ? 'C6 H15 N2 O2 1' 147.195 
PHE 'L-peptide linking' y PHENYLALANINE   ? 'C9 H11 N O2'    165.189 
PRO 'L-peptide linking' y PROLINE         ? 'C5 H9 N O2'     115.130 
SER 'L-peptide linking' y SERINE          ? 'C3 H7 N O3'     105.093 
THR 'L-peptide linking' y THREONINE       ? 'C4 H9 N O3'     119.119 
TRP 'L-peptide linking' y TRYPTOPHAN      ? 'C11 H12 N2 O2'  204.225 
TYR 'L-peptide linking' y TYROSINE        ? 'C9 H11 N O3'    181.189 
VAL 'L-peptide linking' y VALINE          ? 'C5 H11 N O2'    117.146 
# 
loop_
_pdbx_poly_seq_scheme.asym_id 
_pdbx_poly_seq_scheme.entity_id 
_pdbx_poly_seq_scheme.seq_id 
_pdbx_poly_seq_scheme.mon_id 
_pdbx_poly_seq_scheme.ndb_seq_num 
_pdbx_poly_seq_scheme.pdb_seq_num 
_pdbx_poly_seq_scheme.auth_seq_num 
_pdbx_poly_seq_scheme.pdb_mon_id 
_pdbx_poly_seq_scheme.auth_mon_id 
_pdbx_poly_seq_scheme.pdb_strand_id 
_pdbx_poly_seq_scheme.pdb_ins_code 
_pdbx_poly_seq_scheme.hetero 
A 1 1  ALA 1  0  0  ALA ALA A . n 
A 1 2  ALA 2  1  1  ALA ALA A . n 
A 1 3  ALA 3  2  2  ALA ALA A . n 
A 1 4  TYR 4  3  3  TYR TYR A . n 
A 1 5  TRP 5  4  4  TRP TRP A . n 
A 1 6  ASP 6  5  5  ASP ASP A . n 
A 1 7  CYS 7  6  6  CYS CYS A . n 
A 1 8  ASP 8  7  7  ASP ASP A . n 
A 1 9  GLY 9  8  8  GLY GLY A . n 
A 1 10 THR 10 9  9  THR THR A . n 
A 1 11 GLU 11 10 10 GLU GLU A . n 
A 1 12 ILE 12 11 11 ILE ILE A . n 
A 1 13 PRO 13 12 12 PRO PRO A . n 
A 1 14 GLU 14 13 13 GLU GLU A . n 
A 1 15 ARG 15 14 14 ARG ARG A . n 
A 1 16 ASN 16 15 15 ASN ASN A . n 
A 1 17 VAL 17 16 16 VAL VAL A . n 
A 1 18 ARG 18 17 17 ARG ARG A . n 
A 1 19 ALA 19 18 18 ALA ALA A . n 
A 1 20 ALA 20 19 19 ALA ALA A . n 
A 1 21 VAL 21 20 20 VAL VAL A . n 
A 1 22 VAL 22 21 21 VAL VAL A . n 
A 1 23 LEU 23 22 22 LEU LEU A . n 
A 1 24 ALA 24 23 23 ALA ALA A . n 
A 1 25 PHE 25 24 24 PHE PHE A . n 
A 1 26 ASN 26 25 25 ASN ASN A . n 
A 1 27 TYR 27 26 26 TYR TYR A . n 
A 1 28 ARG 28 27 27 ARG ARG A . n 
A 1 29 LYS 29 28 28 LYS LYS A . n 
A 1 30 GLU 30 29 29 GLU GLU A . n 
A 1 31 SER 31 30 30 SER SER A . n 
A 1 32 PHE 32 31 31 PHE PHE A . n 
A 1 33 HIS 33 32 32 HIS HIS A . n 
A 1 34 GLY 34 33 33 GLY GLY A . n 
A 1 35 TYR 35 34 34 TYR TYR A . n 
A 1 36 PRO 36 35 35 PRO PRO A . n 
A 1 37 ALA 37 36 36 ALA ALA A . n 
A 1 38 THR 38 37 37 THR THR A . n 
A 1 39 PHE 39 38 38 PHE PHE A . n 
A 1 40 ILE 40 39 39 ILE ILE A . n 
A 1 41 ILE 41 40 40 ILE ILE A . n 
A 1 42 GLY 42 41 41 GLY GLY A . n 
A 1 43 SER 43 42 42 SER SER A . n 
A 1 44 THR 44 43 43 THR THR A . n 
A 1 45 PHE 45 44 44 PHE PHE A . n 
A 1 46 SER 46 45 45 SER SER A . n 
A 1 47 GLY 47 46 46 GLY GLY A . n 
A 1 48 VAL 48 47 47 VAL VAL A . n 
A 1 49 GLY 49 48 48 GLY GLY A . n 
A 1 50 GLU 50 49 49 GLU GLU A . n 
A 1 51 VAL 51 50 50 VAL VAL A . n 
A 1 52 ARG 52 51 51 ARG ARG A . n 
A 1 53 GLN 53 52 52 GLN GLN A . n 
A 1 54 PHE 54 53 53 PHE PHE A . n 
A 1 55 PRO 55 54 54 PRO PRO A . n 
A 1 56 VAL 56 55 55 VAL VAL A . n 
A 1 57 GLU 57 56 56 GLU GLU A . n 
A 1 58 ASP 58 57 57 ASP ASP A . n 
A 1 59 SER 59 58 58 SER SER A . n 
A 1 60 ASP 60 59 59 ASP ASP A . n 
A 1 61 ALA 61 60 60 ALA ALA A . n 
A 1 62 ASN 62 61 61 ASN ASN A . n 
A 1 63 TRP 63 62 62 TRP TRP A . n 
A 1 64 GLN 64 63 63 GLN GLN A . n 
A 1 65 GLY 65 64 64 GLY GLY A . n 
A 1 66 GLY 66 65 65 GLY GLY A . n 
A 1 67 ALA 67 66 66 ALA ALA A . n 
A 1 68 VAL 68 67 67 VAL VAL A . n 
A 1 69 LYS 69 68 68 LYS LYS A . n 
A 1 70 TYR 70 69 69 TYR TYR A . n 
A 1 71 TYR 71 70 70 TYR TYR A . n 
A 1 72 ILE 72 71 71 ILE ILE A . n 
A 1 73 LEU 73 72 72 LEU LEU A . n 
A 1 74 THR 74 73 73 THR THR A . n 
A 1 75 ASN 75 74 74 ASN ASN A . n 
A 1 76 LYS 76 75 75 LYS LYS A . n 
A 1 77 ARG 77 76 76 ARG ARG A . n 
A 1 78 GLY 78 77 77 GLY GLY A . n 
A 1 79 SER 79 78 78 SER SER A . n 
A 1 80 TYR 80 79 79 TYR TYR A . n 
A 1 81 LEU 81 80 80 LEU LEU A . n 
A 1 82 GLU 82 81 81 GLU GLU A . n 
A 1 83 VAL 83 82 82 VAL VAL A . n 
A 1 84 PHE 84 83 83 PHE PHE A . n 
A 1 85 SER 85 84 84 SER SER A . n 
A 1 86 SER 86 85 85 SER SER A . n 
A 1 87 VAL 87 86 86 VAL VAL A . n 
A 1 88 GLY 88 87 87 GLY GLY A . n 
A 1 89 SER 89 88 88 SER SER A . n 
A 1 90 GLY 90 89 89 GLY GLY A . n 
A 1 91 ASN 91 90 90 ASN ASN A . n 
A 1 92 LYS 92 91 91 LYS LYS A . n 
A 1 93 CYS 93 92 92 CYS CYS A . n 
A 1 94 THR 94 93 93 THR THR A . n 
A 1 95 PHE 95 94 94 PHE PHE A . n 
A 1 96 VAL 96 95 95 VAL VAL A . n 
A 1 97 GLU 97 98 98 GLU GLU A . n 
A 1 98 GLY 98 99 99 GLY GLY A . n 
# 
loop_
_pdbx_nonpoly_scheme.asym_id 
_pdbx_nonpoly_scheme.entity_id 
_pdbx_nonpoly_scheme.mon_id 
_pdbx_nonpoly_scheme.ndb_seq_num 
_pdbx_nonpoly_scheme.pdb_seq_num 
_pdbx_nonpoly_scheme.auth_seq_num 
_pdbx_nonpoly_scheme.pdb_mon_id 
_pdbx_nonpoly_scheme.auth_mon_id 
_pdbx_nonpoly_scheme.pdb_strand_id 
_pdbx_nonpoly_scheme.pdb_ins_code 
B 2 HOH 1  101 54  HOH HOH A . 
B 2 HOH 2  102 35  HOH HOH A . 
B 2 HOH 3  103 45  HOH HOH A . 
B 2 HOH 4  104 21  HOH HOH A . 
B 2 HOH 5  105 61  HOH HOH A . 
B 2 HOH 6  106 8   HOH HOH A . 
B 2 HOH 7  107 64  HOH HOH A . 
B 2 HOH 8  108 63  HOH HOH A . 
B 2 HOH 9  109 39  HOH HOH A . 
B 2 HOH 10 110 43  HOH HOH A . 
B 2 HOH 11 111 65  HOH HOH A . 
B 2 HOH 12 112 98  HOH HOH A . 
B 2 HOH 13 113 4   HOH HOH A . 
B 2 HOH 14 114 108 HOH HOH A . 
B 2 HOH 15 115 94  HOH HOH A . 
B 2 HOH 16 116 30  HOH HOH A . 
B 2 HOH 17 117 60  HOH HOH A . 
B 2 HOH 18 118 19  HOH HOH A . 
B 2 HOH 19 119 69  HOH HOH A . 
B 2 HOH 20 120 16  HOH HOH A . 
B 2 HOH 21 121 27  HOH HOH A . 
B 2 HOH 22 122 3   HOH HOH A . 
B 2 HOH 23 123 78  HOH HOH A . 
B 2 HOH 24 124 71  HOH HOH A . 
B 2 HOH 25 125 25  HOH HOH A . 
B 2 HOH 26 126 14  HOH HOH A . 
B 2 HOH 27 127 74  HOH HOH A . 
B 2 HOH 28 128 10  HOH HOH A . 
B 2 HOH 29 129 7   HOH HOH A . 
B 2 HOH 30 130 12  HOH HOH A . 
B 2 HOH 31 131 1   HOH HOH A . 
B 2 HOH 32 132 29  HOH HOH A . 
B 2 HOH 33 133 28  HOH HOH A . 
B 2 HOH 34 134 32  HOH HOH A . 
B 2 HOH 35 135 82  HOH HOH A . 
B 2 HOH 36 136 120 HOH HOH A . 
B 2 HOH 37 137 73  HOH HOH A . 
B 2 HOH 38 138 26  HOH HOH A . 
B 2 HOH 39 139 62  HOH HOH A . 
B 2 HOH 40 140 17  HOH HOH A . 
B 2 HOH 41 141 33  HOH HOH A . 
B 2 HOH 42 142 88  HOH HOH A . 
B 2 HOH 43 143 22  HOH HOH A . 
B 2 HOH 44 144 41  HOH HOH A . 
B 2 HOH 45 145 24  HOH HOH A . 
B 2 HOH 46 146 34  HOH HOH A . 
B 2 HOH 47 147 13  HOH HOH A . 
B 2 HOH 48 148 81  HOH HOH A . 
B 2 HOH 49 149 44  HOH HOH A . 
B 2 HOH 50 150 58  HOH HOH A . 
B 2 HOH 51 151 79  HOH HOH A . 
B 2 HOH 52 152 31  HOH HOH A . 
B 2 HOH 53 153 119 HOH HOH A . 
B 2 HOH 54 154 18  HOH HOH A . 
B 2 HOH 55 155 11  HOH HOH A . 
B 2 HOH 56 156 9   HOH HOH A . 
B 2 HOH 57 157 38  HOH HOH A . 
B 2 HOH 58 158 84  HOH HOH A . 
B 2 HOH 59 159 76  HOH HOH A . 
B 2 HOH 60 160 51  HOH HOH A . 
B 2 HOH 61 161 67  HOH HOH A . 
B 2 HOH 62 162 115 HOH HOH A . 
B 2 HOH 63 163 59  HOH HOH A . 
B 2 HOH 64 164 116 HOH HOH A . 
B 2 HOH 65 165 87  HOH HOH A . 
B 2 HOH 66 166 110 HOH HOH A . 
B 2 HOH 67 167 15  HOH HOH A . 
B 2 HOH 68 168 102 HOH HOH A . 
B 2 HOH 69 169 57  HOH HOH A . 
B 2 HOH 70 170 95  HOH HOH A . 
B 2 HOH 71 171 77  HOH HOH A . 
B 2 HOH 72 172 47  HOH HOH A . 
B 2 HOH 73 173 52  HOH HOH A . 
B 2 HOH 74 174 40  HOH HOH A . 
B 2 HOH 75 175 53  HOH HOH A . 
B 2 HOH 76 176 46  HOH HOH A . 
B 2 HOH 77 177 72  HOH HOH A . 
B 2 HOH 78 178 101 HOH HOH A . 
B 2 HOH 79 179 6   HOH HOH A . 
B 2 HOH 80 180 66  HOH HOH A . 
B 2 HOH 81 181 70  HOH HOH A . 
B 2 HOH 82 182 93  HOH HOH A . 
B 2 HOH 83 183 100 HOH HOH A . 
B 2 HOH 84 184 75  HOH HOH A . 
B 2 HOH 85 185 91  HOH HOH A . 
B 2 HOH 86 186 112 HOH HOH A . 
# 
loop_
_pdbx_unobs_or_zero_occ_atoms.id 
_pdbx_unobs_or_zero_occ_atoms.PDB_model_num 
_pdbx_unobs_or_zero_occ_atoms.polymer_flag 
_pdbx_unobs_or_zero_occ_atoms.occupancy_flag 
_pdbx_unobs_or_zero_occ_atoms.auth_asym_id 
_pdbx_unobs_or_zero_occ_atoms.auth_comp_id 
_pdbx_unobs_or_zero_occ_atoms.auth_seq_id 
_pdbx_unobs_or_zero_occ_atoms.PDB_ins_code 
_pdbx_unobs_or_zero_occ_atoms.auth_atom_id 
_pdbx_unobs_or_zero_occ_atoms.label_alt_id 
_pdbx_unobs_or_zero_occ_atoms.label_asym_id 
_pdbx_unobs_or_zero_occ_atoms.label_comp_id 
_pdbx_unobs_or_zero_occ_atoms.label_seq_id 
_pdbx_unobs_or_zero_occ_atoms.label_atom_id 
1  1 Y 1 A ALA 0  ? N   ? A ALA 1  N   
2  1 Y 1 A ALA 0  ? CA  ? A ALA 1  CA  
3  1 Y 1 A ALA 0  ? CB  ? A ALA 1  CB  
4  1 Y 1 A LYS 75 ? CE  ? A LYS 76 CE  
5  1 Y 1 A LYS 75 ? NZ  ? A LYS 76 NZ  
6  1 Y 1 A ARG 76 ? CG  ? A ARG 77 CG  
7  1 Y 1 A ARG 76 ? CD  ? A ARG 77 CD  
8  1 Y 1 A ARG 76 ? NE  ? A ARG 77 NE  
9  1 Y 1 A ARG 76 ? CZ  ? A ARG 77 CZ  
10 1 Y 1 A ARG 76 ? NH1 ? A ARG 77 NH1 
11 1 Y 1 A ARG 76 ? NH2 ? A ARG 77 NH2 
12 1 Y 1 A LYS 91 ? CE  ? A LYS 92 CE  
13 1 Y 1 A LYS 91 ? NZ  ? A LYS 92 NZ  
14 1 Y 1 A GLU 98 ? CG  ? A GLU 97 CG  
15 1 Y 1 A GLU 98 ? CD  ? A GLU 97 CD  
16 1 Y 1 A GLU 98 ? OE1 ? A GLU 97 OE1 
17 1 Y 1 A GLU 98 ? OE2 ? A GLU 97 OE2 
18 1 Y 1 A GLY 99 ? O   ? A GLY 98 O   
# 
loop_
_software.citation_id 
_software.classification 
_software.compiler_name 
_software.compiler_version 
_software.contact_author 
_software.contact_author_email 
_software.date 
_software.description 
_software.dependencies 
_software.hardware 
_software.language 
_software.location 
_software.mods 
_software.name 
_software.os 
_software.os_version 
_software.type 
_software.version 
_software.pdbx_ordinal 
? refinement       ? ? ? ? ? ? ? ? ? ? ? REFMAC ? ? ? 5.8.0103 1 
? 'data reduction' ? ? ? ? ? ? ? ? ? ? ? xia2   ? ? ? .        2 
? 'data scaling'   ? ? ? ? ? ? ? ? ? ? ? xia2   ? ? ? .        3 
? phasing          ? ? ? ? ? ? ? ? ? ? ? SHARP  ? ? ? .        4 
# 
_cell.angle_alpha                  90.00 
_cell.angle_alpha_esd              ? 
_cell.angle_beta                   90.00 
_cell.angle_beta_esd               ? 
_cell.angle_gamma                  120.00 
_cell.angle_gamma_esd              ? 
_cell.entry_id                     6FMB 
_cell.details                      ? 
_cell.formula_units_Z              ? 
_cell.length_a                     60.520 
_cell.length_a_esd                 ? 
_cell.length_b                     60.520 
_cell.length_b_esd                 ? 
_cell.length_c                     78.280 
_cell.length_c_esd                 ? 
_cell.volume                       ? 
_cell.volume_esd                   ? 
_cell.Z_PDB                        12 
_cell.reciprocal_angle_alpha       ? 
_cell.reciprocal_angle_beta        ? 
_cell.reciprocal_angle_gamma       ? 
_cell.reciprocal_angle_alpha_esd   ? 
_cell.reciprocal_angle_beta_esd    ? 
_cell.reciprocal_angle_gamma_esd   ? 
_cell.reciprocal_length_a          ? 
_cell.reciprocal_length_b          ? 
_cell.reciprocal_length_c          ? 
_cell.reciprocal_length_a_esd      ? 
_cell.reciprocal_length_b_esd      ? 
_cell.reciprocal_length_c_esd      ? 
_cell.pdbx_unique_axis             ? 
# 
_symmetry.entry_id                         6FMB 
_symmetry.cell_setting                     ? 
_symmetry.Int_Tables_number                180 
_symmetry.space_group_name_Hall            ? 
_symmetry.space_group_name_H-M             'P 62 2 2' 
_symmetry.pdbx_full_space_group_name_H-M   ? 
# 
_exptl.absorpt_coefficient_mu     ? 
_exptl.absorpt_correction_T_max   ? 
_exptl.absorpt_correction_T_min   ? 
_exptl.absorpt_correction_type    ? 
_exptl.absorpt_process_details    ? 
_exptl.entry_id                   6FMB 
_exptl.crystals_number            1 
_exptl.details                    ? 
_exptl.method                     'X-RAY DIFFRACTION' 
_exptl.method_details             ? 
# 
_exptl_crystal.colour                      ? 
_exptl_crystal.density_diffrn              ? 
_exptl_crystal.density_Matthews            1.92 
_exptl_crystal.density_method              ? 
_exptl_crystal.density_percent_sol         35.97 
_exptl_crystal.description                 ? 
_exptl_crystal.F_000                       ? 
_exptl_crystal.id                          1 
_exptl_crystal.preparation                 ? 
_exptl_crystal.size_max                    ? 
_exptl_crystal.size_mid                    ? 
_exptl_crystal.size_min                    ? 
_exptl_crystal.size_rad                    ? 
_exptl_crystal.colour_lustre               ? 
_exptl_crystal.colour_modifier             ? 
_exptl_crystal.colour_primary              ? 
_exptl_crystal.density_meas                ? 
_exptl_crystal.density_meas_esd            ? 
_exptl_crystal.density_meas_gt             ? 
_exptl_crystal.density_meas_lt             ? 
_exptl_crystal.density_meas_temp           ? 
_exptl_crystal.density_meas_temp_esd       ? 
_exptl_crystal.density_meas_temp_gt        ? 
_exptl_crystal.density_meas_temp_lt        ? 
_exptl_crystal.pdbx_crystal_image_url      ? 
_exptl_crystal.pdbx_crystal_image_format   ? 
_exptl_crystal.pdbx_mosaicity              ? 
_exptl_crystal.pdbx_mosaicity_esd          ? 
# 
_exptl_crystal_grow.apparatus       ? 
_exptl_crystal_grow.atmosphere      ? 
_exptl_crystal_grow.crystal_id      1 
_exptl_crystal_grow.details         ? 
_exptl_crystal_grow.method          'VAPOR DIFFUSION, SITTING DROP' 
_exptl_crystal_grow.method_ref      ? 
_exptl_crystal_grow.pH              5.0 
_exptl_crystal_grow.pressure        ? 
_exptl_crystal_grow.pressure_esd    ? 
_exptl_crystal_grow.seeding         ? 
_exptl_crystal_grow.seeding_ref     ? 
_exptl_crystal_grow.temp            293 
_exptl_crystal_grow.temp_details    ? 
_exptl_crystal_grow.temp_esd        ? 
_exptl_crystal_grow.time            ? 
_exptl_crystal_grow.pdbx_details    
;Purified CSEP0064/BEC1054 was dialysed into crystallisation buffer (10 mM Tris, 150 mM NaCl, pH 7.0) and concentrated to 10 mg/ml for crystallisation. Commercially available solution conditions for crystallisation (Hampton Research,CA, USA) were screened. The protein was combined with the mother liquor on a 1:1 ratio in 200 nl drops. Crystals obtained in 0.1 M sodium acetate buffer pH 5.0, supplemented with 30% PEG 4000, 0.4 M (NH4)2SO4 were cryoprotected with 30% glycerol and flash frozen for data collection.
;
_exptl_crystal_grow.pdbx_pH_range   ? 
# 
_diffrn.ambient_environment    ? 
_diffrn.ambient_temp           80 
_diffrn.ambient_temp_details   ? 
_diffrn.ambient_temp_esd       ? 
_diffrn.crystal_id             1 
_diffrn.crystal_support        ? 
_diffrn.crystal_treatment      ? 
_diffrn.details                ? 
_diffrn.id                     1 
_diffrn.ambient_pressure       ? 
_diffrn.ambient_pressure_esd   ? 
_diffrn.ambient_pressure_gt    ? 
_diffrn.ambient_pressure_lt    ? 
_diffrn.ambient_temp_gt        ? 
_diffrn.ambient_temp_lt        ? 
# 
_diffrn_detector.details                      ? 
_diffrn_detector.detector                     PIXEL 
_diffrn_detector.diffrn_id                    1 
_diffrn_detector.type                         'DECTRIS PILATUS 6M-F' 
_diffrn_detector.area_resol_mean              ? 
_diffrn_detector.dtime                        ? 
_diffrn_detector.pdbx_frames_total            ? 
_diffrn_detector.pdbx_collection_time_total   ? 
_diffrn_detector.pdbx_collection_date         2015-01-01 
# 
_diffrn_radiation.collimation                      ? 
_diffrn_radiation.diffrn_id                        1 
_diffrn_radiation.filter_edge                      ? 
_diffrn_radiation.inhomogeneity                    ? 
_diffrn_radiation.monochromator                    ? 
_diffrn_radiation.polarisn_norm                    ? 
_diffrn_radiation.polarisn_ratio                   ? 
_diffrn_radiation.probe                            ? 
_diffrn_radiation.type                             ? 
_diffrn_radiation.xray_symbol                      ? 
_diffrn_radiation.wavelength_id                    1 
_diffrn_radiation.pdbx_monochromatic_or_laue_m_l   M 
_diffrn_radiation.pdbx_wavelength_list             ? 
_diffrn_radiation.pdbx_wavelength                  ? 
_diffrn_radiation.pdbx_diffrn_protocol             'SINGLE WAVELENGTH' 
_diffrn_radiation.pdbx_analyzer                    ? 
_diffrn_radiation.pdbx_scattering_type             x-ray 
# 
loop_
_diffrn_radiation_wavelength.id 
_diffrn_radiation_wavelength.wavelength 
_diffrn_radiation_wavelength.wt 
1 0.92 1.0 
2 0.95 1.0 
# 
_diffrn_source.current                     ? 
_diffrn_source.details                     ? 
_diffrn_source.diffrn_id                   1 
_diffrn_source.power                       ? 
_diffrn_source.size                        ? 
_diffrn_source.source                      SYNCHROTRON 
_diffrn_source.target                      ? 
_diffrn_source.type                        'DIAMOND BEAMLINE I04' 
_diffrn_source.voltage                     ? 
_diffrn_source.take-off_angle              ? 
_diffrn_source.pdbx_wavelength_list        '0.92, 0.95' 
_diffrn_source.pdbx_wavelength             ? 
_diffrn_source.pdbx_synchrotron_beamline   I04 
_diffrn_source.pdbx_synchrotron_site       Diamond 
# 
_reflns.B_iso_Wilson_estimate            ? 
_reflns.entry_id                         6FMB 
_reflns.data_reduction_details           ? 
_reflns.data_reduction_method            ? 
_reflns.d_resolution_high                1.30 
_reflns.d_resolution_low                 52.51 
_reflns.details                          ? 
_reflns.limit_h_max                      ? 
_reflns.limit_h_min                      ? 
_reflns.limit_k_max                      ? 
_reflns.limit_k_min                      ? 
_reflns.limit_l_max                      ? 
_reflns.limit_l_min                      ? 
_reflns.number_all                       ? 
_reflns.number_obs                       21286 
_reflns.observed_criterion               ? 
_reflns.observed_criterion_F_max         ? 
_reflns.observed_criterion_F_min         ? 
_reflns.observed_criterion_I_max         ? 
_reflns.observed_criterion_I_min         ? 
_reflns.observed_criterion_sigma_F       ? 
_reflns.observed_criterion_sigma_I       ? 
_reflns.percent_possible_obs             99.5 
_reflns.R_free_details                   ? 
_reflns.Rmerge_F_all                     ? 
_reflns.Rmerge_F_obs                     ? 
_reflns.Friedel_coverage                 ? 
_reflns.number_gt                        ? 
_reflns.threshold_expression             ? 
_reflns.pdbx_redundancy                  6 
_reflns.pdbx_Rmerge_I_obs                ? 
_reflns.pdbx_Rmerge_I_all                ? 
_reflns.pdbx_Rsym_value                  ? 
_reflns.pdbx_netI_over_av_sigmaI         ? 
_reflns.pdbx_netI_over_sigmaI            23.4 
_reflns.pdbx_res_netI_over_av_sigmaI_2   ? 
_reflns.pdbx_res_netI_over_sigmaI_2      ? 
_reflns.pdbx_chi_squared                 ? 
_reflns.pdbx_scaling_rejects             ? 
_reflns.pdbx_d_res_high_opt              ? 
_reflns.pdbx_d_res_low_opt               ? 
_reflns.pdbx_d_res_opt_method            ? 
_reflns.phase_calculation_details        ? 
_reflns.pdbx_Rrim_I_all                  ? 
_reflns.pdbx_Rpim_I_all                  ? 
_reflns.pdbx_d_opt                       ? 
_reflns.pdbx_number_measured_all         ? 
_reflns.pdbx_diffrn_id                   1 
_reflns.pdbx_ordinal                     1 
_reflns.pdbx_CC_half                     0.998 
_reflns.pdbx_R_split                     ? 
# 
_reflns_shell.d_res_high                  1.30 
_reflns_shell.d_res_low                   1.34 
_reflns_shell.meanI_over_sigI_all         ? 
_reflns_shell.meanI_over_sigI_obs         5.0 
_reflns_shell.number_measured_all         ? 
_reflns_shell.number_measured_obs         ? 
_reflns_shell.number_possible             ? 
_reflns_shell.number_unique_all           ? 
_reflns_shell.number_unique_obs           1483 
_reflns_shell.percent_possible_all        ? 
_reflns_shell.percent_possible_obs        ? 
_reflns_shell.Rmerge_F_all                ? 
_reflns_shell.Rmerge_F_obs                ? 
_reflns_shell.Rmerge_I_all                ? 
_reflns_shell.Rmerge_I_obs                ? 
_reflns_shell.meanI_over_sigI_gt          ? 
_reflns_shell.meanI_over_uI_all           ? 
_reflns_shell.meanI_over_uI_gt            ? 
_reflns_shell.number_measured_gt          ? 
_reflns_shell.number_unique_gt            ? 
_reflns_shell.percent_possible_gt         ? 
_reflns_shell.Rmerge_F_gt                 ? 
_reflns_shell.Rmerge_I_gt                 ? 
_reflns_shell.pdbx_redundancy             ? 
_reflns_shell.pdbx_Rsym_value             ? 
_reflns_shell.pdbx_chi_squared            ? 
_reflns_shell.pdbx_netI_over_sigmaI_all   ? 
_reflns_shell.pdbx_netI_over_sigmaI_obs   ? 
_reflns_shell.pdbx_Rrim_I_all             ? 
_reflns_shell.pdbx_Rpim_I_all             ? 
_reflns_shell.pdbx_rejects                ? 
_reflns_shell.pdbx_ordinal                1 
_reflns_shell.pdbx_diffrn_id              1 
_reflns_shell.pdbx_CC_half                0.996 
_reflns_shell.pdbx_R_split                ? 
# 
_refine.aniso_B[1][1]                            0.02 
_refine.aniso_B[1][2]                            0.01 
_refine.aniso_B[1][3]                            -0.00 
_refine.aniso_B[2][2]                            0.02 
_refine.aniso_B[2][3]                            -0.00 
_refine.aniso_B[3][3]                            -0.05 
_refine.B_iso_max                                ? 
_refine.B_iso_mean                               15.399 
_refine.B_iso_min                                ? 
_refine.correlation_coeff_Fo_to_Fc               0.975 
_refine.correlation_coeff_Fo_to_Fc_free          0.964 
_refine.details                                  'HYDROGENS HAVE BEEN ADDED IN THE RIDING POSITIONS' 
_refine.diff_density_max                         ? 
_refine.diff_density_max_esd                     ? 
_refine.diff_density_min                         ? 
_refine.diff_density_min_esd                     ? 
_refine.diff_density_rms                         ? 
_refine.diff_density_rms_esd                     ? 
_refine.entry_id                                 6FMB 
_refine.pdbx_refine_id                           'X-RAY DIFFRACTION' 
_refine.ls_abs_structure_details                 ? 
_refine.ls_abs_structure_Flack                   ? 
_refine.ls_abs_structure_Flack_esd               ? 
_refine.ls_abs_structure_Rogers                  ? 
_refine.ls_abs_structure_Rogers_esd              ? 
_refine.ls_d_res_high                            1.30 
_refine.ls_d_res_low                             52.41 
_refine.ls_extinction_coef                       ? 
_refine.ls_extinction_coef_esd                   ? 
_refine.ls_extinction_expression                 ? 
_refine.ls_extinction_method                     ? 
_refine.ls_goodness_of_fit_all                   ? 
_refine.ls_goodness_of_fit_all_esd               ? 
_refine.ls_goodness_of_fit_obs                   ? 
_refine.ls_goodness_of_fit_obs_esd               ? 
_refine.ls_hydrogen_treatment                    ? 
_refine.ls_matrix_type                           ? 
_refine.ls_number_constraints                    ? 
_refine.ls_number_parameters                     ? 
_refine.ls_number_reflns_all                     ? 
_refine.ls_number_reflns_obs                     20158 
_refine.ls_number_reflns_R_free                  1092 
_refine.ls_number_reflns_R_work                  ? 
_refine.ls_number_restraints                     ? 
_refine.ls_percent_reflns_obs                    99.49 
_refine.ls_percent_reflns_R_free                 5.1 
_refine.ls_R_factor_all                          ? 
_refine.ls_R_factor_obs                          0.14536 
_refine.ls_R_factor_R_free                       0.17645 
_refine.ls_R_factor_R_free_error                 ? 
_refine.ls_R_factor_R_free_error_details         ? 
_refine.ls_R_factor_R_work                       0.14374 
_refine.ls_R_Fsqd_factor_obs                     ? 
_refine.ls_R_I_factor_obs                        ? 
_refine.ls_redundancy_reflns_all                 ? 
_refine.ls_redundancy_reflns_obs                 ? 
_refine.ls_restrained_S_all                      ? 
_refine.ls_restrained_S_obs                      ? 
_refine.ls_shift_over_esd_max                    ? 
_refine.ls_shift_over_esd_mean                   ? 
_refine.ls_structure_factor_coef                 ? 
_refine.ls_weighting_details                     ? 
_refine.ls_weighting_scheme                      ? 
_refine.ls_wR_factor_all                         ? 
_refine.ls_wR_factor_obs                         ? 
_refine.ls_wR_factor_R_free                      ? 
_refine.ls_wR_factor_R_work                      ? 
_refine.occupancy_max                            ? 
_refine.occupancy_min                            ? 
_refine.solvent_model_details                    ? 
_refine.solvent_model_param_bsol                 ? 
_refine.solvent_model_param_ksol                 ? 
_refine.ls_R_factor_gt                           ? 
_refine.ls_goodness_of_fit_gt                    ? 
_refine.ls_goodness_of_fit_ref                   ? 
_refine.ls_shift_over_su_max                     ? 
_refine.ls_shift_over_su_max_lt                  ? 
_refine.ls_shift_over_su_mean                    ? 
_refine.ls_shift_over_su_mean_lt                 ? 
_refine.pdbx_ls_sigma_I                          ? 
_refine.pdbx_ls_sigma_F                          ? 
_refine.pdbx_ls_sigma_Fsqd                       ? 
_refine.pdbx_data_cutoff_high_absF               ? 
_refine.pdbx_data_cutoff_high_rms_absF           ? 
_refine.pdbx_data_cutoff_low_absF                ? 
_refine.pdbx_isotropic_thermal_model             ? 
_refine.pdbx_ls_cross_valid_method               THROUGHOUT 
_refine.pdbx_method_to_determine_struct          SAD 
_refine.pdbx_starting_model                      ? 
_refine.pdbx_stereochemistry_target_values       ? 
_refine.pdbx_R_Free_selection_details            RANDOM 
_refine.pdbx_stereochem_target_val_spec_case     ? 
_refine.pdbx_overall_ESU_R                       0.051 
_refine.pdbx_overall_ESU_R_Free                  0.049 
_refine.pdbx_solvent_vdw_probe_radii             1.20 
_refine.pdbx_solvent_ion_probe_radii             0.80 
_refine.pdbx_solvent_shrinkage_radii             0.80 
_refine.pdbx_real_space_R                        ? 
_refine.pdbx_density_correlation                 ? 
_refine.pdbx_pd_number_of_powder_patterns        ? 
_refine.pdbx_pd_number_of_points                 ? 
_refine.pdbx_pd_meas_number_of_points            ? 
_refine.pdbx_pd_proc_ls_prof_R_factor            ? 
_refine.pdbx_pd_proc_ls_prof_wR_factor           ? 
_refine.pdbx_pd_Marquardt_correlation_coeff      ? 
_refine.pdbx_pd_Fsqrd_R_factor                   ? 
_refine.pdbx_pd_ls_matrix_band_width             ? 
_refine.pdbx_overall_phase_error                 ? 
_refine.pdbx_overall_SU_R_free_Cruickshank_DPI   ? 
_refine.pdbx_overall_SU_R_free_Blow_DPI          ? 
_refine.pdbx_overall_SU_R_Blow_DPI               ? 
_refine.pdbx_TLS_residual_ADP_flag               ? 
_refine.pdbx_diffrn_id                           1 
_refine.overall_SU_B                             1.469 
_refine.overall_SU_ML                            0.028 
_refine.overall_SU_R_Cruickshank_DPI             ? 
_refine.overall_SU_R_free                        ? 
_refine.overall_FOM_free_R_set                   ? 
_refine.overall_FOM_work_R_set                   ? 
_refine.pdbx_average_fsc_overall                 ? 
_refine.pdbx_average_fsc_work                    ? 
_refine.pdbx_average_fsc_free                    ? 
# 
_refine_hist.pdbx_refine_id                   'X-RAY DIFFRACTION' 
_refine_hist.cycle_id                         1 
_refine_hist.pdbx_number_atoms_protein        744 
_refine_hist.pdbx_number_atoms_nucleic_acid   0 
_refine_hist.pdbx_number_atoms_ligand         0 
_refine_hist.number_atoms_solvent             86 
_refine_hist.number_atoms_total               830 
_refine_hist.d_res_high                       1.30 
_refine_hist.d_res_low                        52.41 
# 
loop_
_refine_ls_restr.pdbx_refine_id 
_refine_ls_restr.criterion 
_refine_ls_restr.dev_ideal 
_refine_ls_restr.dev_ideal_target 
_refine_ls_restr.number 
_refine_ls_restr.rejects 
_refine_ls_restr.type 
_refine_ls_restr.weight 
_refine_ls_restr.pdbx_restraint_function 
'X-RAY DIFFRACTION' ? 0.011  0.019  801  ? r_bond_refined_d             ? ? 
'X-RAY DIFFRACTION' ? 0.002  0.020  703  ? r_bond_other_d               ? ? 
'X-RAY DIFFRACTION' ? 1.568  1.913  1094 ? r_angle_refined_deg          ? ? 
'X-RAY DIFFRACTION' ? 1.114  3.000  1614 ? r_angle_other_deg            ? ? 
'X-RAY DIFFRACTION' ? 6.649  5.000  105  ? r_dihedral_angle_1_deg       ? ? 
'X-RAY DIFFRACTION' ? 22.996 23.171 41   ? r_dihedral_angle_2_deg       ? ? 
'X-RAY DIFFRACTION' ? 12.299 15.000 115  ? r_dihedral_angle_3_deg       ? ? 
'X-RAY DIFFRACTION' ? 18.093 15.000 6    ? r_dihedral_angle_4_deg       ? ? 
'X-RAY DIFFRACTION' ? 0.088  0.200  113  ? r_chiral_restr               ? ? 
'X-RAY DIFFRACTION' ? 0.007  0.020  952  ? r_gen_planes_refined         ? ? 
'X-RAY DIFFRACTION' ? 0.005  0.020  212  ? r_gen_planes_other           ? ? 
'X-RAY DIFFRACTION' ? ?      ?      ?    ? r_nbd_refined                ? ? 
'X-RAY DIFFRACTION' ? ?      ?      ?    ? r_nbd_other                  ? ? 
'X-RAY DIFFRACTION' ? ?      ?      ?    ? r_nbtor_refined              ? ? 
'X-RAY DIFFRACTION' ? ?      ?      ?    ? r_nbtor_other                ? ? 
'X-RAY DIFFRACTION' ? ?      ?      ?    ? r_xyhbond_nbd_refined        ? ? 
'X-RAY DIFFRACTION' ? ?      ?      ?    ? r_xyhbond_nbd_other          ? ? 
'X-RAY DIFFRACTION' ? ?      ?      ?    ? r_metal_ion_refined          ? ? 
'X-RAY DIFFRACTION' ? ?      ?      ?    ? r_metal_ion_other            ? ? 
'X-RAY DIFFRACTION' ? ?      ?      ?    ? r_symmetry_vdw_refined       ? ? 
'X-RAY DIFFRACTION' ? ?      ?      ?    ? r_symmetry_vdw_other         ? ? 
'X-RAY DIFFRACTION' ? ?      ?      ?    ? r_symmetry_hbond_refined     ? ? 
'X-RAY DIFFRACTION' ? ?      ?      ?    ? r_symmetry_hbond_other       ? ? 
'X-RAY DIFFRACTION' ? ?      ?      ?    ? r_symmetry_metal_ion_refined ? ? 
'X-RAY DIFFRACTION' ? ?      ?      ?    ? r_symmetry_metal_ion_other   ? ? 
'X-RAY DIFFRACTION' ? 1.770  1.402  398  ? r_mcbond_it                  ? ? 
'X-RAY DIFFRACTION' ? 1.770  1.401  398  ? r_mcbond_other               ? ? 
'X-RAY DIFFRACTION' ? 2.283  2.097  498  ? r_mcangle_it                 ? ? 
'X-RAY DIFFRACTION' ? 2.290  2.106  499  ? r_mcangle_other              ? ? 
'X-RAY DIFFRACTION' ? 2.178  1.506  403  ? r_scbond_it                  ? ? 
'X-RAY DIFFRACTION' ? 2.176  1.513  404  ? r_scbond_other               ? ? 
'X-RAY DIFFRACTION' ? ?      ?      ?    ? r_scangle_it                 ? ? 
'X-RAY DIFFRACTION' ? 2.637  2.190  592  ? r_scangle_other              ? ? 
'X-RAY DIFFRACTION' ? 3.517  12.588 959  ? r_long_range_B_refined       ? ? 
'X-RAY DIFFRACTION' ? 3.185  11.915 917  ? r_long_range_B_other         ? ? 
'X-RAY DIFFRACTION' ? 6.813  3.000  1503 ? r_rigid_bond_restr           ? ? 
'X-RAY DIFFRACTION' ? 23.595 5.000  17   ? r_sphericity_free            ? ? 
'X-RAY DIFFRACTION' ? 8.019  5.000  1558 ? r_sphericity_bonded          ? ? 
# 
_refine_ls_shell.pdbx_refine_id                   'X-RAY DIFFRACTION' 
_refine_ls_shell.d_res_high                       1.302 
_refine_ls_shell.d_res_low                        1.336 
_refine_ls_shell.number_reflns_all                ? 
_refine_ls_shell.number_reflns_obs                ? 
_refine_ls_shell.number_reflns_R_free             92 
_refine_ls_shell.number_reflns_R_work             1390 
_refine_ls_shell.percent_reflns_obs               96.48 
_refine_ls_shell.percent_reflns_R_free            ? 
_refine_ls_shell.R_factor_all                     ? 
_refine_ls_shell.R_factor_obs                     ? 
_refine_ls_shell.R_factor_R_free                  0.229 
_refine_ls_shell.R_factor_R_free_error            ? 
_refine_ls_shell.R_factor_R_work                  0.194 
_refine_ls_shell.redundancy_reflns_all            ? 
_refine_ls_shell.redundancy_reflns_obs            ? 
_refine_ls_shell.wR_factor_all                    ? 
_refine_ls_shell.wR_factor_obs                    ? 
_refine_ls_shell.wR_factor_R_free                 ? 
_refine_ls_shell.wR_factor_R_work                 ? 
_refine_ls_shell.pdbx_total_number_of_bins_used   20 
_refine_ls_shell.pdbx_phase_error                 ? 
_refine_ls_shell.pdbx_fsc_work                    ? 
_refine_ls_shell.pdbx_fsc_free                    ? 
# 
_struct.entry_id                     6FMB 
_struct.title                        
'Crystal structure of the BEC1054 RNase-like effector from the fungal pathogen Blumeria graminis' 
_struct.pdbx_model_details           ? 
_struct.pdbx_formula_weight          ? 
_struct.pdbx_formula_weight_method   ? 
_struct.pdbx_model_type_details      ? 
_struct.pdbx_CASP_flag               N 
# 
_struct_keywords.entry_id        6FMB 
_struct_keywords.text            
;Blumeria graminis; effector; CSEP0064/BEC1054; RIP; Bimolecular Fluorescence Complementation; split YFP; RALPH; RNA-binding protein; RNase structure; fungal pathogen, RNA BINDING PROTEIN
;
_struct_keywords.pdbx_keywords   'RNA BINDING PROTEIN' 
# 
loop_
_struct_asym.id 
_struct_asym.pdbx_blank_PDB_chainid_flag 
_struct_asym.pdbx_modified 
_struct_asym.entity_id 
_struct_asym.details 
A N N 1 ? 
B N N 2 ? 
# 
_struct_ref.id                         1 
_struct_ref.db_name                    UNP 
_struct_ref.db_code                    N1JJ94_BLUG1 
_struct_ref.pdbx_db_accession          N1JJ94 
_struct_ref.pdbx_db_isoform            ? 
_struct_ref.entity_id                  1 
_struct_ref.pdbx_seq_one_letter_code   
;AAAYWDCDGTEIPERNVRAAVVLAFNYRKESFHGYPATFIIGSTFSGVGEVRQFPVEDSDANWQGGAVKYYILTNKRGSY
LEVFSSVGSGNKCTFVEG
;
_struct_ref.pdbx_align_begin           21 
# 
_struct_ref_seq.align_id                      1 
_struct_ref_seq.ref_id                        1 
_struct_ref_seq.pdbx_PDB_id_code              6FMB 
_struct_ref_seq.pdbx_strand_id                A 
_struct_ref_seq.seq_align_beg                 1 
_struct_ref_seq.pdbx_seq_align_beg_ins_code   ? 
_struct_ref_seq.seq_align_end                 98 
_struct_ref_seq.pdbx_seq_align_end_ins_code   ? 
_struct_ref_seq.pdbx_db_accession             N1JJ94 
_struct_ref_seq.db_align_beg                  21 
_struct_ref_seq.pdbx_db_align_beg_ins_code    ? 
_struct_ref_seq.db_align_end                  118 
_struct_ref_seq.pdbx_db_align_end_ins_code    ? 
_struct_ref_seq.pdbx_auth_seq_align_beg       0 
_struct_ref_seq.pdbx_auth_seq_align_end       99 
# 
_pdbx_struct_assembly.id                   1 
_pdbx_struct_assembly.details              author_and_software_defined_assembly 
_pdbx_struct_assembly.method_details       PISA 
_pdbx_struct_assembly.oligomeric_details   monomeric 
_pdbx_struct_assembly.oligomeric_count     1 
# 
loop_
_pdbx_struct_assembly_prop.biol_id 
_pdbx_struct_assembly_prop.type 
_pdbx_struct_assembly_prop.value 
_pdbx_struct_assembly_prop.details 
1 'ABSA (A^2)' 0    ? 
1 MORE         0    ? 
1 'SSA (A^2)'  5540 ? 
# 
_pdbx_struct_assembly_gen.assembly_id       1 
_pdbx_struct_assembly_gen.oper_expression   1 
_pdbx_struct_assembly_gen.asym_id_list      A,B 
# 
_pdbx_struct_assembly_auth_evidence.id                     1 
_pdbx_struct_assembly_auth_evidence.assembly_id            1 
_pdbx_struct_assembly_auth_evidence.experimental_support   none 
_pdbx_struct_assembly_auth_evidence.details                ? 
# 
_pdbx_struct_oper_list.id                   1 
_pdbx_struct_oper_list.type                 'identity operation' 
_pdbx_struct_oper_list.name                 1_555 
_pdbx_struct_oper_list.symmetry_operation   x,y,z 
_pdbx_struct_oper_list.matrix[1][1]         1.0000000000 
_pdbx_struct_oper_list.matrix[1][2]         0.0000000000 
_pdbx_struct_oper_list.matrix[1][3]         0.0000000000 
_pdbx_struct_oper_list.vector[1]            0.0000000000 
_pdbx_struct_oper_list.matrix[2][1]         0.0000000000 
_pdbx_struct_oper_list.matrix[2][2]         1.0000000000 
_pdbx_struct_oper_list.matrix[2][3]         0.0000000000 
_pdbx_struct_oper_list.vector[2]            0.0000000000 
_pdbx_struct_oper_list.matrix[3][1]         0.0000000000 
_pdbx_struct_oper_list.matrix[3][2]         0.0000000000 
_pdbx_struct_oper_list.matrix[3][3]         1.0000000000 
_pdbx_struct_oper_list.vector[3]            0.0000000000 
# 
loop_
_struct_conf.conf_type_id 
_struct_conf.id 
_struct_conf.pdbx_PDB_helix_id 
_struct_conf.beg_label_comp_id 
_struct_conf.beg_label_asym_id 
_struct_conf.beg_label_seq_id 
_struct_conf.pdbx_beg_PDB_ins_code 
_struct_conf.end_label_comp_id 
_struct_conf.end_label_asym_id 
_struct_conf.end_label_seq_id 
_struct_conf.pdbx_end_PDB_ins_code 
_struct_conf.beg_auth_comp_id 
_struct_conf.beg_auth_asym_id 
_struct_conf.beg_auth_seq_id 
_struct_conf.end_auth_comp_id 
_struct_conf.end_auth_asym_id 
_struct_conf.end_auth_seq_id 
_struct_conf.pdbx_PDB_helix_class 
_struct_conf.details 
_struct_conf.pdbx_PDB_helix_length 
HELX_P HELX_P1 AA1 GLU A 14 ? PHE A 25 ? GLU A 13 PHE A 24 1 ? 12 
HELX_P HELX_P2 AA2 PHE A 45 ? GLY A 49 ? PHE A 44 GLY A 48 5 ? 5  
# 
_struct_conf_type.id          HELX_P 
_struct_conf_type.criteria    ? 
_struct_conf_type.reference   ? 
# 
_struct_conn.id                            disulf1 
_struct_conn.conn_type_id                  disulf 
_struct_conn.pdbx_leaving_atom_flag        ? 
_struct_conn.pdbx_PDB_id                   ? 
_struct_conn.ptnr1_label_asym_id           A 
_struct_conn.ptnr1_label_comp_id           CYS 
_struct_conn.ptnr1_label_seq_id            7 
_struct_conn.ptnr1_label_atom_id           SG 
_struct_conn.pdbx_ptnr1_label_alt_id       ? 
_struct_conn.pdbx_ptnr1_PDB_ins_code       ? 
_struct_conn.pdbx_ptnr1_standard_comp_id   ? 
_struct_conn.ptnr1_symmetry                1_555 
_struct_conn.ptnr2_label_asym_id           A 
_struct_conn.ptnr2_label_comp_id           CYS 
_struct_conn.ptnr2_label_seq_id            93 
_struct_conn.ptnr2_label_atom_id           SG 
_struct_conn.pdbx_ptnr2_label_alt_id       ? 
_struct_conn.pdbx_ptnr2_PDB_ins_code       ? 
_struct_conn.ptnr1_auth_asym_id            A 
_struct_conn.ptnr1_auth_comp_id            CYS 
_struct_conn.ptnr1_auth_seq_id             6 
_struct_conn.ptnr2_auth_asym_id            A 
_struct_conn.ptnr2_auth_comp_id            CYS 
_struct_conn.ptnr2_auth_seq_id             92 
_struct_conn.ptnr2_symmetry                1_555 
_struct_conn.pdbx_ptnr3_label_atom_id      ? 
_struct_conn.pdbx_ptnr3_label_seq_id       ? 
_struct_conn.pdbx_ptnr3_label_comp_id      ? 
_struct_conn.pdbx_ptnr3_label_asym_id      ? 
_struct_conn.pdbx_ptnr3_label_alt_id       ? 
_struct_conn.pdbx_ptnr3_PDB_ins_code       ? 
_struct_conn.details                       ? 
_struct_conn.pdbx_dist_value               2.038 
_struct_conn.pdbx_value_order              ? 
_struct_conn.pdbx_role                     ? 
# 
_struct_conn_type.id          disulf 
_struct_conn_type.criteria    ? 
_struct_conn_type.reference   ? 
# 
_pdbx_modification_feature.ordinal                            1 
_pdbx_modification_feature.label_comp_id                      CYS 
_pdbx_modification_feature.label_asym_id                      A 
_pdbx_modification_feature.label_seq_id                       7 
_pdbx_modification_feature.label_alt_id                       ? 
_pdbx_modification_feature.modified_residue_label_comp_id     CYS 
_pdbx_modification_feature.modified_residue_label_asym_id     A 
_pdbx_modification_feature.modified_residue_label_seq_id      93 
_pdbx_modification_feature.modified_residue_label_alt_id      ? 
_pdbx_modification_feature.auth_comp_id                       CYS 
_pdbx_modification_feature.auth_asym_id                       A 
_pdbx_modification_feature.auth_seq_id                        6 
_pdbx_modification_feature.PDB_ins_code                       ? 
_pdbx_modification_feature.symmetry                           1_555 
_pdbx_modification_feature.modified_residue_auth_comp_id      CYS 
_pdbx_modification_feature.modified_residue_auth_asym_id      A 
_pdbx_modification_feature.modified_residue_auth_seq_id       92 
_pdbx_modification_feature.modified_residue_PDB_ins_code      ? 
_pdbx_modification_feature.modified_residue_symmetry          1_555 
_pdbx_modification_feature.comp_id_linking_atom               SG 
_pdbx_modification_feature.modified_residue_id_linking_atom   SG 
_pdbx_modification_feature.modified_residue_id                . 
_pdbx_modification_feature.ref_pcm_id                         . 
_pdbx_modification_feature.ref_comp_id                        . 
_pdbx_modification_feature.type                               None 
_pdbx_modification_feature.category                           'Disulfide bridge' 
# 
_struct_mon_prot_cis.pdbx_id                1 
_struct_mon_prot_cis.label_comp_id          TYR 
_struct_mon_prot_cis.label_seq_id           35 
_struct_mon_prot_cis.label_asym_id          A 
_struct_mon_prot_cis.label_alt_id           . 
_struct_mon_prot_cis.pdbx_PDB_ins_code      ? 
_struct_mon_prot_cis.auth_comp_id           TYR 
_struct_mon_prot_cis.auth_seq_id            34 
_struct_mon_prot_cis.auth_asym_id           A 
_struct_mon_prot_cis.pdbx_label_comp_id_2   PRO 
_struct_mon_prot_cis.pdbx_label_seq_id_2    36 
_struct_mon_prot_cis.pdbx_label_asym_id_2   A 
_struct_mon_prot_cis.pdbx_PDB_ins_code_2    ? 
_struct_mon_prot_cis.pdbx_auth_comp_id_2    PRO 
_struct_mon_prot_cis.pdbx_auth_seq_id_2     35 
_struct_mon_prot_cis.pdbx_auth_asym_id_2    A 
_struct_mon_prot_cis.pdbx_PDB_model_num     1 
_struct_mon_prot_cis.pdbx_omega_angle       0.71 
# 
loop_
_struct_sheet.id 
_struct_sheet.type 
_struct_sheet.number_strands 
_struct_sheet.details 
AA1 ? 3 ? 
AA2 ? 4 ? 
# 
loop_
_struct_sheet_order.sheet_id 
_struct_sheet_order.range_id_1 
_struct_sheet_order.range_id_2 
_struct_sheet_order.offset 
_struct_sheet_order.sense 
AA1 1 2 ? anti-parallel 
AA1 2 3 ? anti-parallel 
AA2 1 2 ? anti-parallel 
AA2 2 3 ? anti-parallel 
AA2 3 4 ? anti-parallel 
# 
loop_
_struct_sheet_range.sheet_id 
_struct_sheet_range.id 
_struct_sheet_range.beg_label_comp_id 
_struct_sheet_range.beg_label_asym_id 
_struct_sheet_range.beg_label_seq_id 
_struct_sheet_range.pdbx_beg_PDB_ins_code 
_struct_sheet_range.end_label_comp_id 
_struct_sheet_range.end_label_asym_id 
_struct_sheet_range.end_label_seq_id 
_struct_sheet_range.pdbx_end_PDB_ins_code 
_struct_sheet_range.beg_auth_comp_id 
_struct_sheet_range.beg_auth_asym_id 
_struct_sheet_range.beg_auth_seq_id 
_struct_sheet_range.end_auth_comp_id 
_struct_sheet_range.end_auth_asym_id 
_struct_sheet_range.end_auth_seq_id 
AA1 1 THR A 10 ? PRO A 13 ? THR A 9  PRO A 12 
AA1 2 TYR A 4  ? CYS A 7  ? TYR A 3  CYS A 6  
AA1 3 THR A 94 ? VAL A 96 ? THR A 93 VAL A 95 
AA2 1 ALA A 37 ? PHE A 39 ? ALA A 36 PHE A 38 
AA2 2 VAL A 51 ? VAL A 56 ? VAL A 50 VAL A 55 
AA2 3 TYR A 70 ? ASN A 75 ? TYR A 69 ASN A 74 
AA2 4 LEU A 81 ? SER A 85 ? LEU A 80 SER A 84 
# 
loop_
_pdbx_struct_sheet_hbond.sheet_id 
_pdbx_struct_sheet_hbond.range_id_1 
_pdbx_struct_sheet_hbond.range_id_2 
_pdbx_struct_sheet_hbond.range_1_label_atom_id 
_pdbx_struct_sheet_hbond.range_1_label_comp_id 
_pdbx_struct_sheet_hbond.range_1_label_asym_id 
_pdbx_struct_sheet_hbond.range_1_label_seq_id 
_pdbx_struct_sheet_hbond.range_1_PDB_ins_code 
_pdbx_struct_sheet_hbond.range_1_auth_atom_id 
_pdbx_struct_sheet_hbond.range_1_auth_comp_id 
_pdbx_struct_sheet_hbond.range_1_auth_asym_id 
_pdbx_struct_sheet_hbond.range_1_auth_seq_id 
_pdbx_struct_sheet_hbond.range_2_label_atom_id 
_pdbx_struct_sheet_hbond.range_2_label_comp_id 
_pdbx_struct_sheet_hbond.range_2_label_asym_id 
_pdbx_struct_sheet_hbond.range_2_label_seq_id 
_pdbx_struct_sheet_hbond.range_2_PDB_ins_code 
_pdbx_struct_sheet_hbond.range_2_auth_atom_id 
_pdbx_struct_sheet_hbond.range_2_auth_comp_id 
_pdbx_struct_sheet_hbond.range_2_auth_asym_id 
_pdbx_struct_sheet_hbond.range_2_auth_seq_id 
AA1 1 2 O THR A 10 ? O THR A 9  N CYS A 7  ? N CYS A 6  
AA1 2 3 N TYR A 4  ? N TYR A 3  O VAL A 96 ? O VAL A 95 
AA2 1 2 N PHE A 39 ? N PHE A 38 O VAL A 51 ? O VAL A 50 
AA2 2 3 N PHE A 54 ? N PHE A 53 O ILE A 72 ? O ILE A 71 
AA2 3 4 N TYR A 71 ? N TYR A 70 O PHE A 84 ? O PHE A 83 
# 
_pdbx_entry_details.entry_id                   6FMB 
_pdbx_entry_details.compound_details           ? 
_pdbx_entry_details.source_details             ? 
_pdbx_entry_details.nonpolymer_details         ? 
_pdbx_entry_details.sequence_details           ? 
_pdbx_entry_details.has_ligand_of_interest     ? 
_pdbx_entry_details.has_protein_modification   Y 
# 
_pdbx_validate_symm_contact.id                1 
_pdbx_validate_symm_contact.PDB_model_num     1 
_pdbx_validate_symm_contact.auth_atom_id_1    OE2 
_pdbx_validate_symm_contact.auth_asym_id_1    A 
_pdbx_validate_symm_contact.auth_comp_id_1    GLU 
_pdbx_validate_symm_contact.auth_seq_id_1     29 
_pdbx_validate_symm_contact.PDB_ins_code_1    ? 
_pdbx_validate_symm_contact.label_alt_id_1    ? 
_pdbx_validate_symm_contact.site_symmetry_1   1_555 
_pdbx_validate_symm_contact.auth_atom_id_2    O 
_pdbx_validate_symm_contact.auth_asym_id_2    A 
_pdbx_validate_symm_contact.auth_comp_id_2    HOH 
_pdbx_validate_symm_contact.auth_seq_id_2     178 
_pdbx_validate_symm_contact.PDB_ins_code_2    ? 
_pdbx_validate_symm_contact.label_alt_id_2    ? 
_pdbx_validate_symm_contact.site_symmetry_2   10_554 
_pdbx_validate_symm_contact.dist              1.90 
# 
_pdbx_validate_rmsd_bond.id                        1 
_pdbx_validate_rmsd_bond.PDB_model_num             1 
_pdbx_validate_rmsd_bond.auth_atom_id_1            CZ 
_pdbx_validate_rmsd_bond.auth_asym_id_1            A 
_pdbx_validate_rmsd_bond.auth_comp_id_1            ARG 
_pdbx_validate_rmsd_bond.auth_seq_id_1             27 
_pdbx_validate_rmsd_bond.PDB_ins_code_1            ? 
_pdbx_validate_rmsd_bond.label_alt_id_1            B 
_pdbx_validate_rmsd_bond.auth_atom_id_2            NH1 
_pdbx_validate_rmsd_bond.auth_asym_id_2            A 
_pdbx_validate_rmsd_bond.auth_comp_id_2            ARG 
_pdbx_validate_rmsd_bond.auth_seq_id_2             27 
_pdbx_validate_rmsd_bond.PDB_ins_code_2            ? 
_pdbx_validate_rmsd_bond.label_alt_id_2            B 
_pdbx_validate_rmsd_bond.bond_value                1.243 
_pdbx_validate_rmsd_bond.bond_target_value         1.326 
_pdbx_validate_rmsd_bond.bond_deviation            -0.083 
_pdbx_validate_rmsd_bond.bond_standard_deviation   0.013 
_pdbx_validate_rmsd_bond.linker_flag               N 
# 
loop_
_pdbx_validate_rmsd_angle.id 
_pdbx_validate_rmsd_angle.PDB_model_num 
_pdbx_validate_rmsd_angle.auth_atom_id_1 
_pdbx_validate_rmsd_angle.auth_asym_id_1 
_pdbx_validate_rmsd_angle.auth_comp_id_1 
_pdbx_validate_rmsd_angle.auth_seq_id_1 
_pdbx_validate_rmsd_angle.PDB_ins_code_1 
_pdbx_validate_rmsd_angle.label_alt_id_1 
_pdbx_validate_rmsd_angle.auth_atom_id_2 
_pdbx_validate_rmsd_angle.auth_asym_id_2 
_pdbx_validate_rmsd_angle.auth_comp_id_2 
_pdbx_validate_rmsd_angle.auth_seq_id_2 
_pdbx_validate_rmsd_angle.PDB_ins_code_2 
_pdbx_validate_rmsd_angle.label_alt_id_2 
_pdbx_validate_rmsd_angle.auth_atom_id_3 
_pdbx_validate_rmsd_angle.auth_asym_id_3 
_pdbx_validate_rmsd_angle.auth_comp_id_3 
_pdbx_validate_rmsd_angle.auth_seq_id_3 
_pdbx_validate_rmsd_angle.PDB_ins_code_3 
_pdbx_validate_rmsd_angle.label_alt_id_3 
_pdbx_validate_rmsd_angle.angle_value 
_pdbx_validate_rmsd_angle.angle_target_value 
_pdbx_validate_rmsd_angle.angle_deviation 
_pdbx_validate_rmsd_angle.angle_standard_deviation 
_pdbx_validate_rmsd_angle.linker_flag 
1 1 CD A ARG 27 ? A NE A ARG 27 ? A CZ  A ARG 27 ? A 133.17 123.60 9.57  1.40 N 
2 1 NE A ARG 27 ? A CZ A ARG 27 ? A NH1 A ARG 27 ? A 110.53 120.30 -9.77 0.50 N 
3 1 NE A ARG 27 ? A CZ A ARG 27 ? A NH2 A ARG 27 ? A 129.23 120.30 8.93  0.50 N 
# 
loop_
_pdbx_validate_torsion.id 
_pdbx_validate_torsion.PDB_model_num 
_pdbx_validate_torsion.auth_comp_id 
_pdbx_validate_torsion.auth_asym_id 
_pdbx_validate_torsion.auth_seq_id 
_pdbx_validate_torsion.PDB_ins_code 
_pdbx_validate_torsion.label_alt_id 
_pdbx_validate_torsion.phi 
_pdbx_validate_torsion.psi 
1 1 GLN A 63 ? ? -160.18 53.06   
2 1 VAL A 86 ? ? -122.08 -154.01 
# 
loop_
_pdbx_struct_special_symmetry.id 
_pdbx_struct_special_symmetry.PDB_model_num 
_pdbx_struct_special_symmetry.auth_asym_id 
_pdbx_struct_special_symmetry.auth_comp_id 
_pdbx_struct_special_symmetry.auth_seq_id 
_pdbx_struct_special_symmetry.PDB_ins_code 
_pdbx_struct_special_symmetry.label_asym_id 
_pdbx_struct_special_symmetry.label_comp_id 
_pdbx_struct_special_symmetry.label_seq_id 
1 1 A HOH 136 ? B HOH . 
2 1 A HOH 164 ? B HOH . 
# 
loop_
_pdbx_distant_solvent_atoms.id 
_pdbx_distant_solvent_atoms.PDB_model_num 
_pdbx_distant_solvent_atoms.auth_atom_id 
_pdbx_distant_solvent_atoms.label_alt_id 
_pdbx_distant_solvent_atoms.auth_asym_id 
_pdbx_distant_solvent_atoms.auth_comp_id 
_pdbx_distant_solvent_atoms.auth_seq_id 
_pdbx_distant_solvent_atoms.PDB_ins_code 
_pdbx_distant_solvent_atoms.neighbor_macromolecule_distance 
_pdbx_distant_solvent_atoms.neighbor_ligand_distance 
1 1 O ? A HOH 182 ? 6.53 . 
2 1 O ? A HOH 183 ? 6.54 . 
3 1 O ? A HOH 184 ? 6.80 . 
4 1 O ? A HOH 185 ? 6.89 . 
5 1 O ? A HOH 186 ? 7.30 . 
# 
loop_
_chem_comp_atom.comp_id 
_chem_comp_atom.atom_id 
_chem_comp_atom.type_symbol 
_chem_comp_atom.pdbx_aromatic_flag 
_chem_comp_atom.pdbx_stereo_config 
_chem_comp_atom.pdbx_ordinal 
ALA N    N N N 1   
ALA CA   C N S 2   
ALA C    C N N 3   
ALA O    O N N 4   
ALA CB   C N N 5   
ALA OXT  O N N 6   
ALA H    H N N 7   
ALA H2   H N N 8   
ALA HA   H N N 9   
ALA HB1  H N N 10  
ALA HB2  H N N 11  
ALA HB3  H N N 12  
ALA HXT  H N N 13  
ARG N    N N N 14  
ARG CA   C N S 15  
ARG C    C N N 16  
ARG O    O N N 17  
ARG CB   C N N 18  
ARG CG   C N N 19  
ARG CD   C N N 20  
ARG NE   N N N 21  
ARG CZ   C N N 22  
ARG NH1  N N N 23  
ARG NH2  N N N 24  
ARG OXT  O N N 25  
ARG H    H N N 26  
ARG H2   H N N 27  
ARG HA   H N N 28  
ARG HB2  H N N 29  
ARG HB3  H N N 30  
ARG HG2  H N N 31  
ARG HG3  H N N 32  
ARG HD2  H N N 33  
ARG HD3  H N N 34  
ARG HE   H N N 35  
ARG HH11 H N N 36  
ARG HH12 H N N 37  
ARG HH21 H N N 38  
ARG HH22 H N N 39  
ARG HXT  H N N 40  
ASN N    N N N 41  
ASN CA   C N S 42  
ASN C    C N N 43  
ASN O    O N N 44  
ASN CB   C N N 45  
ASN CG   C N N 46  
ASN OD1  O N N 47  
ASN ND2  N N N 48  
ASN OXT  O N N 49  
ASN H    H N N 50  
ASN H2   H N N 51  
ASN HA   H N N 52  
ASN HB2  H N N 53  
ASN HB3  H N N 54  
ASN HD21 H N N 55  
ASN HD22 H N N 56  
ASN HXT  H N N 57  
ASP N    N N N 58  
ASP CA   C N S 59  
ASP C    C N N 60  
ASP O    O N N 61  
ASP CB   C N N 62  
ASP CG   C N N 63  
ASP OD1  O N N 64  
ASP OD2  O N N 65  
ASP OXT  O N N 66  
ASP H    H N N 67  
ASP H2   H N N 68  
ASP HA   H N N 69  
ASP HB2  H N N 70  
ASP HB3  H N N 71  
ASP HD2  H N N 72  
ASP HXT  H N N 73  
CYS N    N N N 74  
CYS CA   C N R 75  
CYS C    C N N 76  
CYS O    O N N 77  
CYS CB   C N N 78  
CYS SG   S N N 79  
CYS OXT  O N N 80  
CYS H    H N N 81  
CYS H2   H N N 82  
CYS HA   H N N 83  
CYS HB2  H N N 84  
CYS HB3  H N N 85  
CYS HG   H N N 86  
CYS HXT  H N N 87  
GLN N    N N N 88  
GLN CA   C N S 89  
GLN C    C N N 90  
GLN O    O N N 91  
GLN CB   C N N 92  
GLN CG   C N N 93  
GLN CD   C N N 94  
GLN OE1  O N N 95  
GLN NE2  N N N 96  
GLN OXT  O N N 97  
GLN H    H N N 98  
GLN H2   H N N 99  
GLN HA   H N N 100 
GLN HB2  H N N 101 
GLN HB3  H N N 102 
GLN HG2  H N N 103 
GLN HG3  H N N 104 
GLN HE21 H N N 105 
GLN HE22 H N N 106 
GLN HXT  H N N 107 
GLU N    N N N 108 
GLU CA   C N S 109 
GLU C    C N N 110 
GLU O    O N N 111 
GLU CB   C N N 112 
GLU CG   C N N 113 
GLU CD   C N N 114 
GLU OE1  O N N 115 
GLU OE2  O N N 116 
GLU OXT  O N N 117 
GLU H    H N N 118 
GLU H2   H N N 119 
GLU HA   H N N 120 
GLU HB2  H N N 121 
GLU HB3  H N N 122 
GLU HG2  H N N 123 
GLU HG3  H N N 124 
GLU HE2  H N N 125 
GLU HXT  H N N 126 
GLY N    N N N 127 
GLY CA   C N N 128 
GLY C    C N N 129 
GLY O    O N N 130 
GLY OXT  O N N 131 
GLY H    H N N 132 
GLY H2   H N N 133 
GLY HA2  H N N 134 
GLY HA3  H N N 135 
GLY HXT  H N N 136 
HIS N    N N N 137 
HIS CA   C N S 138 
HIS C    C N N 139 
HIS O    O N N 140 
HIS CB   C N N 141 
HIS CG   C Y N 142 
HIS ND1  N Y N 143 
HIS CD2  C Y N 144 
HIS CE1  C Y N 145 
HIS NE2  N Y N 146 
HIS OXT  O N N 147 
HIS H    H N N 148 
HIS H2   H N N 149 
HIS HA   H N N 150 
HIS HB2  H N N 151 
HIS HB3  H N N 152 
HIS HD1  H N N 153 
HIS HD2  H N N 154 
HIS HE1  H N N 155 
HIS HE2  H N N 156 
HIS HXT  H N N 157 
HOH O    O N N 158 
HOH H1   H N N 159 
HOH H2   H N N 160 
ILE N    N N N 161 
ILE CA   C N S 162 
ILE C    C N N 163 
ILE O    O N N 164 
ILE CB   C N S 165 
ILE CG1  C N N 166 
ILE CG2  C N N 167 
ILE CD1  C N N 168 
ILE OXT  O N N 169 
ILE H    H N N 170 
ILE H2   H N N 171 
ILE HA   H N N 172 
ILE HB   H N N 173 
ILE HG12 H N N 174 
ILE HG13 H N N 175 
ILE HG21 H N N 176 
ILE HG22 H N N 177 
ILE HG23 H N N 178 
ILE HD11 H N N 179 
ILE HD12 H N N 180 
ILE HD13 H N N 181 
ILE HXT  H N N 182 
LEU N    N N N 183 
LEU CA   C N S 184 
LEU C    C N N 185 
LEU O    O N N 186 
LEU CB   C N N 187 
LEU CG   C N N 188 
LEU CD1  C N N 189 
LEU CD2  C N N 190 
LEU OXT  O N N 191 
LEU H    H N N 192 
LEU H2   H N N 193 
LEU HA   H N N 194 
LEU HB2  H N N 195 
LEU HB3  H N N 196 
LEU HG   H N N 197 
LEU HD11 H N N 198 
LEU HD12 H N N 199 
LEU HD13 H N N 200 
LEU HD21 H N N 201 
LEU HD22 H N N 202 
LEU HD23 H N N 203 
LEU HXT  H N N 204 
LYS N    N N N 205 
LYS CA   C N S 206 
LYS C    C N N 207 
LYS O    O N N 208 
LYS CB   C N N 209 
LYS CG   C N N 210 
LYS CD   C N N 211 
LYS CE   C N N 212 
LYS NZ   N N N 213 
LYS OXT  O N N 214 
LYS H    H N N 215 
LYS H2   H N N 216 
LYS HA   H N N 217 
LYS HB2  H N N 218 
LYS HB3  H N N 219 
LYS HG2  H N N 220 
LYS HG3  H N N 221 
LYS HD2  H N N 222 
LYS HD3  H N N 223 
LYS HE2  H N N 224 
LYS HE3  H N N 225 
LYS HZ1  H N N 226 
LYS HZ2  H N N 227 
LYS HZ3  H N N 228 
LYS HXT  H N N 229 
PHE N    N N N 230 
PHE CA   C N S 231 
PHE C    C N N 232 
PHE O    O N N 233 
PHE CB   C N N 234 
PHE CG   C Y N 235 
PHE CD1  C Y N 236 
PHE CD2  C Y N 237 
PHE CE1  C Y N 238 
PHE CE2  C Y N 239 
PHE CZ   C Y N 240 
PHE OXT  O N N 241 
PHE H    H N N 242 
PHE H2   H N N 243 
PHE HA   H N N 244 
PHE HB2  H N N 245 
PHE HB3  H N N 246 
PHE HD1  H N N 247 
PHE HD2  H N N 248 
PHE HE1  H N N 249 
PHE HE2  H N N 250 
PHE HZ   H N N 251 
PHE HXT  H N N 252 
PRO N    N N N 253 
PRO CA   C N S 254 
PRO C    C N N 255 
PRO O    O N N 256 
PRO CB   C N N 257 
PRO CG   C N N 258 
PRO CD   C N N 259 
PRO OXT  O N N 260 
PRO H    H N N 261 
PRO HA   H N N 262 
PRO HB2  H N N 263 
PRO HB3  H N N 264 
PRO HG2  H N N 265 
PRO HG3  H N N 266 
PRO HD2  H N N 267 
PRO HD3  H N N 268 
PRO HXT  H N N 269 
SER N    N N N 270 
SER CA   C N S 271 
SER C    C N N 272 
SER O    O N N 273 
SER CB   C N N 274 
SER OG   O N N 275 
SER OXT  O N N 276 
SER H    H N N 277 
SER H2   H N N 278 
SER HA   H N N 279 
SER HB2  H N N 280 
SER HB3  H N N 281 
SER HG   H N N 282 
SER HXT  H N N 283 
THR N    N N N 284 
THR CA   C N S 285 
THR C    C N N 286 
THR O    O N N 287 
THR CB   C N R 288 
THR OG1  O N N 289 
THR CG2  C N N 290 
THR OXT  O N N 291 
THR H    H N N 292 
THR H2   H N N 293 
THR HA   H N N 294 
THR HB   H N N 295 
THR HG1  H N N 296 
THR HG21 H N N 297 
THR HG22 H N N 298 
THR HG23 H N N 299 
THR HXT  H N N 300 
TRP N    N N N 301 
TRP CA   C N S 302 
TRP C    C N N 303 
TRP O    O N N 304 
TRP CB   C N N 305 
TRP CG   C Y N 306 
TRP CD1  C Y N 307 
TRP CD2  C Y N 308 
TRP NE1  N Y N 309 
TRP CE2  C Y N 310 
TRP CE3  C Y N 311 
TRP CZ2  C Y N 312 
TRP CZ3  C Y N 313 
TRP CH2  C Y N 314 
TRP OXT  O N N 315 
TRP H    H N N 316 
TRP H2   H N N 317 
TRP HA   H N N 318 
TRP HB2  H N N 319 
TRP HB3  H N N 320 
TRP HD1  H N N 321 
TRP HE1  H N N 322 
TRP HE3  H N N 323 
TRP HZ2  H N N 324 
TRP HZ3  H N N 325 
TRP HH2  H N N 326 
TRP HXT  H N N 327 
TYR N    N N N 328 
TYR CA   C N S 329 
TYR C    C N N 330 
TYR O    O N N 331 
TYR CB   C N N 332 
TYR CG   C Y N 333 
TYR CD1  C Y N 334 
TYR CD2  C Y N 335 
TYR CE1  C Y N 336 
TYR CE2  C Y N 337 
TYR CZ   C Y N 338 
TYR OH   O N N 339 
TYR OXT  O N N 340 
TYR H    H N N 341 
TYR H2   H N N 342 
TYR HA   H N N 343 
TYR HB2  H N N 344 
TYR HB3  H N N 345 
TYR HD1  H N N 346 
TYR HD2  H N N 347 
TYR HE1  H N N 348 
TYR HE2  H N N 349 
TYR HH   H N N 350 
TYR HXT  H N N 351 
VAL N    N N N 352 
VAL CA   C N S 353 
VAL C    C N N 354 
VAL O    O N N 355 
VAL CB   C N N 356 
VAL CG1  C N N 357 
VAL CG2  C N N 358 
VAL OXT  O N N 359 
VAL H    H N N 360 
VAL H2   H N N 361 
VAL HA   H N N 362 
VAL HB   H N N 363 
VAL HG11 H N N 364 
VAL HG12 H N N 365 
VAL HG13 H N N 366 
VAL HG21 H N N 367 
VAL HG22 H N N 368 
VAL HG23 H N N 369 
VAL HXT  H N N 370 
# 
loop_
_chem_comp_bond.comp_id 
_chem_comp_bond.atom_id_1 
_chem_comp_bond.atom_id_2 
_chem_comp_bond.value_order 
_chem_comp_bond.pdbx_aromatic_flag 
_chem_comp_bond.pdbx_stereo_config 
_chem_comp_bond.pdbx_ordinal 
ALA N   CA   sing N N 1   
ALA N   H    sing N N 2   
ALA N   H2   sing N N 3   
ALA CA  C    sing N N 4   
ALA CA  CB   sing N N 5   
ALA CA  HA   sing N N 6   
ALA C   O    doub N N 7   
ALA C   OXT  sing N N 8   
ALA CB  HB1  sing N N 9   
ALA CB  HB2  sing N N 10  
ALA CB  HB3  sing N N 11  
ALA OXT HXT  sing N N 12  
ARG N   CA   sing N N 13  
ARG N   H    sing N N 14  
ARG N   H2   sing N N 15  
ARG CA  C    sing N N 16  
ARG CA  CB   sing N N 17  
ARG CA  HA   sing N N 18  
ARG C   O    doub N N 19  
ARG C   OXT  sing N N 20  
ARG CB  CG   sing N N 21  
ARG CB  HB2  sing N N 22  
ARG CB  HB3  sing N N 23  
ARG CG  CD   sing N N 24  
ARG CG  HG2  sing N N 25  
ARG CG  HG3  sing N N 26  
ARG CD  NE   sing N N 27  
ARG CD  HD2  sing N N 28  
ARG CD  HD3  sing N N 29  
ARG NE  CZ   sing N N 30  
ARG NE  HE   sing N N 31  
ARG CZ  NH1  sing N N 32  
ARG CZ  NH2  doub N N 33  
ARG NH1 HH11 sing N N 34  
ARG NH1 HH12 sing N N 35  
ARG NH2 HH21 sing N N 36  
ARG NH2 HH22 sing N N 37  
ARG OXT HXT  sing N N 38  
ASN N   CA   sing N N 39  
ASN N   H    sing N N 40  
ASN N   H2   sing N N 41  
ASN CA  C    sing N N 42  
ASN CA  CB   sing N N 43  
ASN CA  HA   sing N N 44  
ASN C   O    doub N N 45  
ASN C   OXT  sing N N 46  
ASN CB  CG   sing N N 47  
ASN CB  HB2  sing N N 48  
ASN CB  HB3  sing N N 49  
ASN CG  OD1  doub N N 50  
ASN CG  ND2  sing N N 51  
ASN ND2 HD21 sing N N 52  
ASN ND2 HD22 sing N N 53  
ASN OXT HXT  sing N N 54  
ASP N   CA   sing N N 55  
ASP N   H    sing N N 56  
ASP N   H2   sing N N 57  
ASP CA  C    sing N N 58  
ASP CA  CB   sing N N 59  
ASP CA  HA   sing N N 60  
ASP C   O    doub N N 61  
ASP C   OXT  sing N N 62  
ASP CB  CG   sing N N 63  
ASP CB  HB2  sing N N 64  
ASP CB  HB3  sing N N 65  
ASP CG  OD1  doub N N 66  
ASP CG  OD2  sing N N 67  
ASP OD2 HD2  sing N N 68  
ASP OXT HXT  sing N N 69  
CYS N   CA   sing N N 70  
CYS N   H    sing N N 71  
CYS N   H2   sing N N 72  
CYS CA  C    sing N N 73  
CYS CA  CB   sing N N 74  
CYS CA  HA   sing N N 75  
CYS C   O    doub N N 76  
CYS C   OXT  sing N N 77  
CYS CB  SG   sing N N 78  
CYS CB  HB2  sing N N 79  
CYS CB  HB3  sing N N 80  
CYS SG  HG   sing N N 81  
CYS OXT HXT  sing N N 82  
GLN N   CA   sing N N 83  
GLN N   H    sing N N 84  
GLN N   H2   sing N N 85  
GLN CA  C    sing N N 86  
GLN CA  CB   sing N N 87  
GLN CA  HA   sing N N 88  
GLN C   O    doub N N 89  
GLN C   OXT  sing N N 90  
GLN CB  CG   sing N N 91  
GLN CB  HB2  sing N N 92  
GLN CB  HB3  sing N N 93  
GLN CG  CD   sing N N 94  
GLN CG  HG2  sing N N 95  
GLN CG  HG3  sing N N 96  
GLN CD  OE1  doub N N 97  
GLN CD  NE2  sing N N 98  
GLN NE2 HE21 sing N N 99  
GLN NE2 HE22 sing N N 100 
GLN OXT HXT  sing N N 101 
GLU N   CA   sing N N 102 
GLU N   H    sing N N 103 
GLU N   H2   sing N N 104 
GLU CA  C    sing N N 105 
GLU CA  CB   sing N N 106 
GLU CA  HA   sing N N 107 
GLU C   O    doub N N 108 
GLU C   OXT  sing N N 109 
GLU CB  CG   sing N N 110 
GLU CB  HB2  sing N N 111 
GLU CB  HB3  sing N N 112 
GLU CG  CD   sing N N 113 
GLU CG  HG2  sing N N 114 
GLU CG  HG3  sing N N 115 
GLU CD  OE1  doub N N 116 
GLU CD  OE2  sing N N 117 
GLU OE2 HE2  sing N N 118 
GLU OXT HXT  sing N N 119 
GLY N   CA   sing N N 120 
GLY N   H    sing N N 121 
GLY N   H2   sing N N 122 
GLY CA  C    sing N N 123 
GLY CA  HA2  sing N N 124 
GLY CA  HA3  sing N N 125 
GLY C   O    doub N N 126 
GLY C   OXT  sing N N 127 
GLY OXT HXT  sing N N 128 
HIS N   CA   sing N N 129 
HIS N   H    sing N N 130 
HIS N   H2   sing N N 131 
HIS CA  C    sing N N 132 
HIS CA  CB   sing N N 133 
HIS CA  HA   sing N N 134 
HIS C   O    doub N N 135 
HIS C   OXT  sing N N 136 
HIS CB  CG   sing N N 137 
HIS CB  HB2  sing N N 138 
HIS CB  HB3  sing N N 139 
HIS CG  ND1  sing Y N 140 
HIS CG  CD2  doub Y N 141 
HIS ND1 CE1  doub Y N 142 
HIS ND1 HD1  sing N N 143 
HIS CD2 NE2  sing Y N 144 
HIS CD2 HD2  sing N N 145 
HIS CE1 NE2  sing Y N 146 
HIS CE1 HE1  sing N N 147 
HIS NE2 HE2  sing N N 148 
HIS OXT HXT  sing N N 149 
HOH O   H1   sing N N 150 
HOH O   H2   sing N N 151 
ILE N   CA   sing N N 152 
ILE N   H    sing N N 153 
ILE N   H2   sing N N 154 
ILE CA  C    sing N N 155 
ILE CA  CB   sing N N 156 
ILE CA  HA   sing N N 157 
ILE C   O    doub N N 158 
ILE C   OXT  sing N N 159 
ILE CB  CG1  sing N N 160 
ILE CB  CG2  sing N N 161 
ILE CB  HB   sing N N 162 
ILE CG1 CD1  sing N N 163 
ILE CG1 HG12 sing N N 164 
ILE CG1 HG13 sing N N 165 
ILE CG2 HG21 sing N N 166 
ILE CG2 HG22 sing N N 167 
ILE CG2 HG23 sing N N 168 
ILE CD1 HD11 sing N N 169 
ILE CD1 HD12 sing N N 170 
ILE CD1 HD13 sing N N 171 
ILE OXT HXT  sing N N 172 
LEU N   CA   sing N N 173 
LEU N   H    sing N N 174 
LEU N   H2   sing N N 175 
LEU CA  C    sing N N 176 
LEU CA  CB   sing N N 177 
LEU CA  HA   sing N N 178 
LEU C   O    doub N N 179 
LEU C   OXT  sing N N 180 
LEU CB  CG   sing N N 181 
LEU CB  HB2  sing N N 182 
LEU CB  HB3  sing N N 183 
LEU CG  CD1  sing N N 184 
LEU CG  CD2  sing N N 185 
LEU CG  HG   sing N N 186 
LEU CD1 HD11 sing N N 187 
LEU CD1 HD12 sing N N 188 
LEU CD1 HD13 sing N N 189 
LEU CD2 HD21 sing N N 190 
LEU CD2 HD22 sing N N 191 
LEU CD2 HD23 sing N N 192 
LEU OXT HXT  sing N N 193 
LYS N   CA   sing N N 194 
LYS N   H    sing N N 195 
LYS N   H2   sing N N 196 
LYS CA  C    sing N N 197 
LYS CA  CB   sing N N 198 
LYS CA  HA   sing N N 199 
LYS C   O    doub N N 200 
LYS C   OXT  sing N N 201 
LYS CB  CG   sing N N 202 
LYS CB  HB2  sing N N 203 
LYS CB  HB3  sing N N 204 
LYS CG  CD   sing N N 205 
LYS CG  HG2  sing N N 206 
LYS CG  HG3  sing N N 207 
LYS CD  CE   sing N N 208 
LYS CD  HD2  sing N N 209 
LYS CD  HD3  sing N N 210 
LYS CE  NZ   sing N N 211 
LYS CE  HE2  sing N N 212 
LYS CE  HE3  sing N N 213 
LYS NZ  HZ1  sing N N 214 
LYS NZ  HZ2  sing N N 215 
LYS NZ  HZ3  sing N N 216 
LYS OXT HXT  sing N N 217 
PHE N   CA   sing N N 218 
PHE N   H    sing N N 219 
PHE N   H2   sing N N 220 
PHE CA  C    sing N N 221 
PHE CA  CB   sing N N 222 
PHE CA  HA   sing N N 223 
PHE C   O    doub N N 224 
PHE C   OXT  sing N N 225 
PHE CB  CG   sing N N 226 
PHE CB  HB2  sing N N 227 
PHE CB  HB3  sing N N 228 
PHE CG  CD1  doub Y N 229 
PHE CG  CD2  sing Y N 230 
PHE CD1 CE1  sing Y N 231 
PHE CD1 HD1  sing N N 232 
PHE CD2 CE2  doub Y N 233 
PHE CD2 HD2  sing N N 234 
PHE CE1 CZ   doub Y N 235 
PHE CE1 HE1  sing N N 236 
PHE CE2 CZ   sing Y N 237 
PHE CE2 HE2  sing N N 238 
PHE CZ  HZ   sing N N 239 
PHE OXT HXT  sing N N 240 
PRO N   CA   sing N N 241 
PRO N   CD   sing N N 242 
PRO N   H    sing N N 243 
PRO CA  C    sing N N 244 
PRO CA  CB   sing N N 245 
PRO CA  HA   sing N N 246 
PRO C   O    doub N N 247 
PRO C   OXT  sing N N 248 
PRO CB  CG   sing N N 249 
PRO CB  HB2  sing N N 250 
PRO CB  HB3  sing N N 251 
PRO CG  CD   sing N N 252 
PRO CG  HG2  sing N N 253 
PRO CG  HG3  sing N N 254 
PRO CD  HD2  sing N N 255 
PRO CD  HD3  sing N N 256 
PRO OXT HXT  sing N N 257 
SER N   CA   sing N N 258 
SER N   H    sing N N 259 
SER N   H2   sing N N 260 
SER CA  C    sing N N 261 
SER CA  CB   sing N N 262 
SER CA  HA   sing N N 263 
SER C   O    doub N N 264 
SER C   OXT  sing N N 265 
SER CB  OG   sing N N 266 
SER CB  HB2  sing N N 267 
SER CB  HB3  sing N N 268 
SER OG  HG   sing N N 269 
SER OXT HXT  sing N N 270 
THR N   CA   sing N N 271 
THR N   H    sing N N 272 
THR N   H2   sing N N 273 
THR CA  C    sing N N 274 
THR CA  CB   sing N N 275 
THR CA  HA   sing N N 276 
THR C   O    doub N N 277 
THR C   OXT  sing N N 278 
THR CB  OG1  sing N N 279 
THR CB  CG2  sing N N 280 
THR CB  HB   sing N N 281 
THR OG1 HG1  sing N N 282 
THR CG2 HG21 sing N N 283 
THR CG2 HG22 sing N N 284 
THR CG2 HG23 sing N N 285 
THR OXT HXT  sing N N 286 
TRP N   CA   sing N N 287 
TRP N   H    sing N N 288 
TRP N   H2   sing N N 289 
TRP CA  C    sing N N 290 
TRP CA  CB   sing N N 291 
TRP CA  HA   sing N N 292 
TRP C   O    doub N N 293 
TRP C   OXT  sing N N 294 
TRP CB  CG   sing N N 295 
TRP CB  HB2  sing N N 296 
TRP CB  HB3  sing N N 297 
TRP CG  CD1  doub Y N 298 
TRP CG  CD2  sing Y N 299 
TRP CD1 NE1  sing Y N 300 
TRP CD1 HD1  sing N N 301 
TRP CD2 CE2  doub Y N 302 
TRP CD2 CE3  sing Y N 303 
TRP NE1 CE2  sing Y N 304 
TRP NE1 HE1  sing N N 305 
TRP CE2 CZ2  sing Y N 306 
TRP CE3 CZ3  doub Y N 307 
TRP CE3 HE3  sing N N 308 
TRP CZ2 CH2  doub Y N 309 
TRP CZ2 HZ2  sing N N 310 
TRP CZ3 CH2  sing Y N 311 
TRP CZ3 HZ3  sing N N 312 
TRP CH2 HH2  sing N N 313 
TRP OXT HXT  sing N N 314 
TYR N   CA   sing N N 315 
TYR N   H    sing N N 316 
TYR N   H2   sing N N 317 
TYR CA  C    sing N N 318 
TYR CA  CB   sing N N 319 
TYR CA  HA   sing N N 320 
TYR C   O    doub N N 321 
TYR C   OXT  sing N N 322 
TYR CB  CG   sing N N 323 
TYR CB  HB2  sing N N 324 
TYR CB  HB3  sing N N 325 
TYR CG  CD1  doub Y N 326 
TYR CG  CD2  sing Y N 327 
TYR CD1 CE1  sing Y N 328 
TYR CD1 HD1  sing N N 329 
TYR CD2 CE2  doub Y N 330 
TYR CD2 HD2  sing N N 331 
TYR CE1 CZ   doub Y N 332 
TYR CE1 HE1  sing N N 333 
TYR CE2 CZ   sing Y N 334 
TYR CE2 HE2  sing N N 335 
TYR CZ  OH   sing N N 336 
TYR OH  HH   sing N N 337 
TYR OXT HXT  sing N N 338 
VAL N   CA   sing N N 339 
VAL N   H    sing N N 340 
VAL N   H2   sing N N 341 
VAL CA  C    sing N N 342 
VAL CA  CB   sing N N 343 
VAL CA  HA   sing N N 344 
VAL C   O    doub N N 345 
VAL C   OXT  sing N N 346 
VAL CB  CG1  sing N N 347 
VAL CB  CG2  sing N N 348 
VAL CB  HB   sing N N 349 
VAL CG1 HG11 sing N N 350 
VAL CG1 HG12 sing N N 351 
VAL CG1 HG13 sing N N 352 
VAL CG2 HG21 sing N N 353 
VAL CG2 HG22 sing N N 354 
VAL CG2 HG23 sing N N 355 
VAL OXT HXT  sing N N 356 
# 
_atom_sites.entry_id                    6FMB 
_atom_sites.fract_transf_matrix[1][1]   -0.00166469 
_atom_sites.fract_transf_matrix[1][2]   0.00232958 
_atom_sites.fract_transf_matrix[1][3]   -0.01886327 
_atom_sites.fract_transf_matrix[2][1]   0.01135253 
_atom_sites.fract_transf_matrix[2][2]   -0.00972988 
_atom_sites.fract_transf_matrix[2][3]   -0.01185310 
_atom_sites.fract_transf_matrix[3][1]   -0.00855628 
_atom_sites.fract_transf_matrix[3][2]   -0.00947725 
_atom_sites.fract_transf_matrix[3][3]   -0.00041533 
_atom_sites.fract_transf_vector[1]      0.032940 
_atom_sites.fract_transf_vector[2]      -0.282995 
_atom_sites.fract_transf_vector[3]      -0.076000 
# 
loop_
_atom_type.symbol 
C 
N 
O 
S 
# 
loop_
_atom_site.group_PDB 
_atom_site.id 
_atom_site.type_symbol 
_atom_site.label_atom_id 
_atom_site.label_alt_id 
_atom_site.label_comp_id 
_atom_site.label_asym_id 
_atom_site.label_entity_id 
_atom_site.label_seq_id 
_atom_site.pdbx_PDB_ins_code 
_atom_site.Cartn_x 
_atom_site.Cartn_y 
_atom_site.Cartn_z 
_atom_site.occupancy 
_atom_site.B_iso_or_equiv 
_atom_site.pdbx_formal_charge 
_atom_site.auth_seq_id 
_atom_site.auth_comp_id 
_atom_site.auth_asym_id 
_atom_site.auth_atom_id 
_atom_site.pdbx_PDB_model_num 
ATOM   1   C C   . ALA A 1 1  ? -17.343 -10.143 -4.480  1.00 37.55 ? 0   ALA A C   1 
ATOM   2   O O   . ALA A 1 1  ? -17.906 -9.255  -3.830  1.00 38.45 ? 0   ALA A O   1 
ATOM   3   N N   . ALA A 1 2  ? -16.096 -10.542 -4.236  1.00 34.89 ? 1   ALA A N   1 
ATOM   4   C CA  . ALA A 1 2  ? -15.214 -9.777  -3.371  1.00 28.35 ? 1   ALA A CA  1 
ATOM   5   C C   . ALA A 1 2  ? -14.739 -8.518  -4.082  1.00 23.01 ? 1   ALA A C   1 
ATOM   6   O O   . ALA A 1 2  ? -14.611 -8.482  -5.317  1.00 26.50 ? 1   ALA A O   1 
ATOM   7   C CB  . ALA A 1 2  ? -14.030 -10.613 -2.919  1.00 30.75 ? 1   ALA A CB  1 
ATOM   8   N N   . ALA A 1 3  ? -14.489 -7.488  -3.284  1.00 20.83 ? 2   ALA A N   1 
ATOM   9   C CA  . ALA A 1 3  ? -13.947 -6.226  -3.771  1.00 20.45 ? 2   ALA A CA  1 
ATOM   10  C C   . ALA A 1 3  ? -12.485 -6.419  -4.118  1.00 17.64 ? 2   ALA A C   1 
ATOM   11  O O   . ALA A 1 3  ? -11.866 -7.394  -3.688  1.00 18.48 ? 2   ALA A O   1 
ATOM   12  C CB  . ALA A 1 3  ? -14.088 -5.157  -2.704  1.00 23.90 ? 2   ALA A CB  1 
ATOM   13  N N   . TYR A 1 4  ? -11.942 -5.494  -4.906  1.00 15.72 ? 3   TYR A N   1 
ATOM   14  C CA  . TYR A 1 4  ? -10.524 -5.535  -5.294  1.00 14.64 ? 3   TYR A CA  1 
ATOM   15  C C   . TYR A 1 4  ? -10.103 -4.172  -5.798  1.00 15.15 ? 3   TYR A C   1 
ATOM   16  O O   . TYR A 1 4  ? -10.930 -3.263  -5.919  1.00 14.84 ? 3   TYR A O   1 
ATOM   17  C CB  . TYR A 1 4  ? -10.256 -6.629  -6.341  1.00 14.31 ? 3   TYR A CB  1 
ATOM   18  C CG  . TYR A 1 4  ? -10.970 -6.416  -7.678  1.00 15.62 ? 3   TYR A CG  1 
ATOM   19  C CD1 . TYR A 1 4  ? -10.364 -5.694  -8.705  1.00 15.64 ? 3   TYR A CD1 1 
ATOM   20  C CD2 . TYR A 1 4  ? -12.245 -6.935  -7.919  1.00 17.32 ? 3   TYR A CD2 1 
ATOM   21  C CE1 . TYR A 1 4  ? -10.999 -5.489  -9.921  1.00 18.63 ? 3   TYR A CE1 1 
ATOM   22  C CE2 . TYR A 1 4  ? -12.883 -6.739  -9.133  1.00 21.09 ? 3   TYR A CE2 1 
ATOM   23  C CZ  . TYR A 1 4  ? -12.255 -6.015  -10.127 1.00 21.34 ? 3   TYR A CZ  1 
ATOM   24  O OH  . TYR A 1 4  ? -12.878 -5.814  -11.343 1.00 28.51 ? 3   TYR A OH  1 
ATOM   25  N N   . TRP A 1 5  ? -8.808  -4.002  -6.033  1.00 14.53 ? 4   TRP A N   1 
ATOM   26  C CA  . TRP A 1 5  ? -8.311  -2.808  -6.690  1.00 14.75 ? 4   TRP A CA  1 
ATOM   27  C C   . TRP A 1 5  ? -7.836  -3.176  -8.108  1.00 14.12 ? 4   TRP A C   1 
ATOM   28  O O   . TRP A 1 5  ? -7.182  -4.199  -8.322  1.00 15.26 ? 4   TRP A O   1 
ATOM   29  C CB  . TRP A 1 5  ? -7.177  -2.164  -5.873  1.00 14.90 ? 4   TRP A CB  1 
ATOM   30  C CG  . TRP A 1 5  ? -7.612  -1.216  -4.734  1.00 15.37 ? 4   TRP A CG  1 
ATOM   31  C CD1 . TRP A 1 5  ? -7.643  0.149   -4.785  1.00 16.46 ? 4   TRP A CD1 1 
ATOM   32  C CD2 . TRP A 1 5  ? -8.074  -1.568  -3.430  1.00 16.31 ? 4   TRP A CD2 1 
ATOM   33  N NE1 . TRP A 1 5  ? -8.068  0.666   -3.611  1.00 18.61 ? 4   TRP A NE1 1 
ATOM   34  C CE2 . TRP A 1 5  ? -8.320  -0.358  -2.742  1.00 16.55 ? 4   TRP A CE2 1 
ATOM   35  C CE3 . TRP A 1 5  ? -8.255  -2.765  -2.760  1.00 15.72 ? 4   TRP A CE3 1 
ATOM   36  C CZ2 . TRP A 1 5  ? -8.767  -0.322  -1.454  1.00 17.85 ? 4   TRP A CZ2 1 
ATOM   37  C CZ3 . TRP A 1 5  ? -8.685  -2.729  -1.501  1.00 18.38 ? 4   TRP A CZ3 1 
ATOM   38  C CH2 . TRP A 1 5  ? -8.958  -1.516  -0.834  1.00 20.40 ? 4   TRP A CH2 1 
ATOM   39  N N   . ASP A 1 6  ? -8.200  -2.346  -9.086  1.00 13.35 ? 5   ASP A N   1 
ATOM   40  C CA  . ASP A 1 6  ? -7.740  -2.479  -10.471 1.00 12.75 ? 5   ASP A CA  1 
ATOM   41  C C   . ASP A 1 6  ? -6.521  -1.571  -10.622 1.00 12.31 ? 5   ASP A C   1 
ATOM   42  O O   . ASP A 1 6  ? -6.657  -0.347  -10.618 1.00 13.43 ? 5   ASP A O   1 
ATOM   43  C CB  . ASP A 1 6  ? -8.853  -2.054  -11.434 1.00 14.69 ? 5   ASP A CB  1 
ATOM   44  C CG  . ASP A 1 6  ? -8.404  -1.985  -12.890 1.00 16.63 ? 5   ASP A CG  1 
ATOM   45  O OD1 . ASP A 1 6  ? -7.249  -2.309  -13.212 1.00 16.57 ? 5   ASP A OD1 1 
ATOM   46  O OD2 . ASP A 1 6  ? -9.239  -1.611  -13.733 1.00 22.59 ? 5   ASP A OD2 1 
ATOM   47  N N   . CYS A 1 7  ? -5.341  -2.167  -10.752 1.00 13.21 ? 6   CYS A N   1 
ATOM   48  C CA  . CYS A 1 7  ? -4.102  -1.417  -10.973 1.00 14.60 ? 6   CYS A CA  1 
ATOM   49  C C   . CYS A 1 7  ? -3.698  -1.569  -12.431 1.00 17.18 ? 6   CYS A C   1 
ATOM   50  O O   . CYS A 1 7  ? -3.051  -2.539  -12.793 1.00 18.40 ? 6   CYS A O   1 
ATOM   51  C CB  . CYS A 1 7  ? -2.975  -1.909  -10.052 1.00 15.99 ? 6   CYS A CB  1 
ATOM   52  S SG  . CYS A 1 7  ? -3.169  -1.512  -8.303  1.00 14.71 ? 6   CYS A SG  1 
ATOM   53  N N   . ASP A 1 8  ? -4.109  -0.621  -13.272 1.00 20.43 ? 7   ASP A N   1 
ATOM   54  C CA  . ASP A 1 8  ? -3.677  -0.597  -14.671 1.00 22.63 ? 7   ASP A CA  1 
ATOM   55  C C   . ASP A 1 8  ? -3.934  -1.946  -15.384 1.00 23.79 ? 7   ASP A C   1 
ATOM   56  O O   . ASP A 1 8  ? -3.088  -2.434  -16.124 1.00 27.80 ? 7   ASP A O   1 
ATOM   57  C CB  . ASP A 1 8  ? -2.172  -0.229  -14.677 1.00 26.22 ? 7   ASP A CB  1 
ATOM   58  C CG  . ASP A 1 8  ? -1.717  0.558   -15.905 1.00 27.54 ? 7   ASP A CG  1 
ATOM   59  O OD1 . ASP A 1 8  ? -2.498  0.842   -16.838 1.00 28.49 ? 7   ASP A OD1 1 
ATOM   60  O OD2 . ASP A 1 8  ? -0.514  0.884   -15.916 1.00 29.23 ? 7   ASP A OD2 1 
ATOM   61  N N   . GLY A 1 9  ? -5.091  -2.550  -15.131 1.00 19.95 ? 8   GLY A N   1 
ATOM   62  C CA  . GLY A 1 9  ? -5.460  -3.828  -15.775 1.00 18.14 ? 8   GLY A CA  1 
ATOM   63  C C   . GLY A 1 9  ? -5.079  -5.130  -15.059 1.00 15.33 ? 8   GLY A C   1 
ATOM   64  O O   . GLY A 1 9  ? -5.262  -6.216  -15.622 1.00 16.80 ? 8   GLY A O   1 
ATOM   65  N N   . THR A 1 10 ? -4.560  -5.027  -13.845 1.00 15.88 ? 9   THR A N   1 
ATOM   66  C CA  . THR A 1 10 ? -4.194  -6.169  -12.993 1.00 14.52 ? 9   THR A CA  1 
ATOM   67  C C   . THR A 1 10 ? -4.977  -6.047  -11.689 1.00 13.02 ? 9   THR A C   1 
ATOM   68  O O   . THR A 1 10 ? -4.995  -4.983  -11.075 1.00 14.15 ? 9   THR A O   1 
ATOM   69  C CB  . THR A 1 10 ? -2.664  -6.200  -12.722 1.00 15.85 ? 9   THR A CB  1 
ATOM   70  O OG1 . THR A 1 10 ? -1.944  -6.398  -13.957 1.00 18.64 ? 9   THR A OG1 1 
ATOM   71  C CG2 . THR A 1 10 ? -2.288  -7.316  -11.762 1.00 17.34 ? 9   THR A CG2 1 
ATOM   72  N N   . GLU A 1 11 ? -5.635  -7.139  -11.279 1.00 11.53 ? 10  GLU A N   1 
ATOM   73  C CA  . GLU A 1 11 ? -6.355  -7.160  -10.009 1.00 11.47 ? 10  GLU A CA  1 
ATOM   74  C C   . GLU A 1 11 ? -5.400  -7.363  -8.831  1.00 11.22 ? 10  GLU A C   1 
ATOM   75  O O   . GLU A 1 11 ? -4.615  -8.325  -8.825  1.00 12.18 ? 10  GLU A O   1 
ATOM   76  C CB  . GLU A 1 11 ? -7.391  -8.290  -10.016 1.00 11.62 ? 10  GLU A CB  1 
ATOM   77  C CG  . GLU A 1 11 ? -8.038  -8.466  -8.659  1.00 12.65 ? 10  GLU A CG  1 
ATOM   78  C CD  . GLU A 1 11 ? -9.228  -9.381  -8.644  1.00 15.94 ? 10  GLU A CD  1 
ATOM   79  O OE1 . GLU A 1 11 ? -9.838  -9.591  -9.709  1.00 21.98 ? 10  GLU A OE1 1 
ATOM   80  O OE2 . GLU A 1 11 ? -9.580  -9.841  -7.548  1.00 18.41 ? 10  GLU A OE2 1 
ATOM   81  N N   . ILE A 1 12 ? -5.502  -6.477  -7.844  1.00 10.47 ? 11  ILE A N   1 
ATOM   82  C CA  . ILE A 1 12 ? -4.848  -6.669  -6.549  1.00 10.61 ? 11  ILE A CA  1 
ATOM   83  C C   . ILE A 1 12 ? -5.940  -7.122  -5.577  1.00 10.93 ? 11  ILE A C   1 
ATOM   84  O O   . ILE A 1 12 ? -6.891  -6.361  -5.309  1.00 12.06 ? 11  ILE A O   1 
ATOM   85  C CB  . ILE A 1 12 ? -4.195  -5.371  -6.035  1.00 11.17 ? 11  ILE A CB  1 
ATOM   86  C CG1 . ILE A 1 12 ? -3.215  -4.764  -7.055  1.00 13.45 ? 11  ILE A CG1 1 
ATOM   87  C CG2 . ILE A 1 12 ? -3.513  -5.630  -4.685  1.00 11.38 ? 11  ILE A CG2 1 
ATOM   88  C CD1 . ILE A 1 12 ? -2.149  -5.673  -7.583  1.00 14.44 ? 11  ILE A CD1 1 
ATOM   89  N N   . PRO A 1 13 ? -5.812  -8.363  -5.052  1.00 12.81 ? 12  PRO A N   1 
ATOM   90  C CA  . PRO A 1 13 ? -6.824  -8.845  -4.132  1.00 14.31 ? 12  PRO A CA  1 
ATOM   91  C C   . PRO A 1 13 ? -7.028  -7.944  -2.906  1.00 11.91 ? 12  PRO A C   1 
ATOM   92  O O   . PRO A 1 13 ? -6.057  -7.492  -2.318  1.00 11.24 ? 12  PRO A O   1 
ATOM   93  C CB  . PRO A 1 13 ? -6.253  -10.208 -3.686  1.00 16.76 ? 12  PRO A CB  1 
ATOM   94  C CG  . PRO A 1 13 ? -5.331  -10.649 -4.756  1.00 15.32 ? 12  PRO A CG  1 
ATOM   95  C CD  . PRO A 1 13 ? -4.771  -9.377  -5.313  1.00 13.39 ? 12  PRO A CD  1 
ATOM   96  N N   . GLU A 1 14 ? -8.277  -7.747  -2.497  1.00 12.01 ? 13  GLU A N   1 
ATOM   97  C CA  A GLU A 1 14 ? -8.560  -6.905  -1.315  0.60 13.72 ? 13  GLU A CA  1 
ATOM   98  C CA  B GLU A 1 14 ? -8.558  -6.904  -1.330  0.40 13.77 ? 13  GLU A CA  1 
ATOM   99  C C   . GLU A 1 14 ? -7.818  -7.387  -0.049  1.00 11.77 ? 13  GLU A C   1 
ATOM   100 O O   . GLU A 1 14 ? -7.349  -6.567  0.739   1.00 11.91 ? 13  GLU A O   1 
ATOM   101 C CB  A GLU A 1 14 ? -10.079 -6.823  -1.037  0.60 18.40 ? 13  GLU A CB  1 
ATOM   102 C CB  B GLU A 1 14 ? -10.084 -6.755  -1.100  0.40 18.43 ? 13  GLU A CB  1 
ATOM   103 C CG  A GLU A 1 14 ? -10.472 -5.849  0.074   0.60 20.14 ? 13  GLU A CG  1 
ATOM   104 C CG  B GLU A 1 14 ? -10.554 -6.239  0.265   0.40 20.01 ? 13  GLU A CG  1 
ATOM   105 C CD  A GLU A 1 14 ? -11.845 -6.122  0.686   0.60 22.19 ? 13  GLU A CD  1 
ATOM   106 C CD  B GLU A 1 14 ? -10.036 -4.873  0.669   0.40 20.51 ? 13  GLU A CD  1 
ATOM   107 O OE1 A GLU A 1 14 ? -12.020 -5.768  1.861   0.60 26.07 ? 13  GLU A OE1 1 
ATOM   108 O OE1 B GLU A 1 14 ? -9.091  -4.377  0.047   0.40 23.29 ? 13  GLU A OE1 1 
ATOM   109 O OE2 A GLU A 1 14 ? -12.732 -6.706  0.029   0.60 23.71 ? 13  GLU A OE2 1 
ATOM   110 O OE2 B GLU A 1 14 ? -10.556 -4.291  1.649   0.40 23.70 ? 13  GLU A OE2 1 
ATOM   111 N N   . ARG A 1 15 ? -7.738  -8.718  0.125   1.00 10.28 ? 14  ARG A N   1 
ATOM   112 C CA  A ARG A 1 15 ? -7.109  -9.243  1.339   0.50 10.23 ? 14  ARG A CA  1 
ATOM   113 C CA  B ARG A 1 15 ? -7.097  -9.269  1.336   0.50 10.23 ? 14  ARG A CA  1 
ATOM   114 C C   . ARG A 1 15 ? -5.622  -8.900  1.409   1.00 10.18 ? 14  ARG A C   1 
ATOM   115 O O   . ARG A 1 15 ? -5.056  -8.766  2.509   1.00 9.55  ? 14  ARG A O   1 
ATOM   116 C CB  A ARG A 1 15 ? -7.356  -10.747 1.499   0.50 11.67 ? 14  ARG A CB  1 
ATOM   117 C CB  B ARG A 1 15 ? -7.254  -10.793 1.419   0.50 11.63 ? 14  ARG A CB  1 
ATOM   118 C CG  A ARG A 1 15 ? -6.535  -11.695 0.639   0.50 11.32 ? 14  ARG A CG  1 
ATOM   119 C CG  B ARG A 1 15 ? -6.426  -11.574 0.406   0.50 11.13 ? 14  ARG A CG  1 
ATOM   120 C CD  A ARG A 1 15 ? -7.104  -13.110 0.802   0.50 12.48 ? 14  ARG A CD  1 
ATOM   121 C CD  B ARG A 1 15 ? -6.825  -13.048 0.313   0.50 10.90 ? 14  ARG A CD  1 
ATOM   122 N NE  A ARG A 1 15 ? -6.217  -14.202 0.419   0.50 12.35 ? 14  ARG A NE  1 
ATOM   123 N NE  B ARG A 1 15 ? -6.032  -13.804 -0.655  0.50 9.67  ? 14  ARG A NE  1 
ATOM   124 C CZ  A ARG A 1 15 ? -6.446  -15.496 0.686   0.50 10.22 ? 14  ARG A CZ  1 
ATOM   125 C CZ  B ARG A 1 15 ? -6.284  -13.958 -1.962  0.50 9.24  ? 14  ARG A CZ  1 
ATOM   126 N NH1 A ARG A 1 15 ? -5.586  -16.447 0.257   0.50 9.73  ? 14  ARG A NH1 1 
ATOM   127 N NH1 B ARG A 1 15 ? -5.458  -14.691 -2.694  0.50 10.98 ? 14  ARG A NH1 1 
ATOM   128 N NH2 A ARG A 1 15 ? -7.548  -15.860 1.386   0.50 9.66  ? 14  ARG A NH2 1 
ATOM   129 N NH2 B ARG A 1 15 ? -7.272  -13.351 -2.570  0.50 6.17  ? 14  ARG A NH2 1 
ATOM   130 N N   . ASN A 1 16 ? -4.991  -8.756  0.234   1.00 9.11  ? 15  ASN A N   1 
ATOM   131 C CA  . ASN A 1 16 ? -3.585  -8.339  0.190   1.00 9.27  ? 15  ASN A CA  1 
ATOM   132 C C   . ASN A 1 16 ? -3.414  -6.892  0.650   1.00 8.88  ? 15  ASN A C   1 
ATOM   133 O O   . ASN A 1 16 ? -2.462  -6.545  1.357   1.00 9.23  ? 15  ASN A O   1 
ATOM   134 C CB  . ASN A 1 16 ? -2.969  -8.486  -1.222  1.00 10.16 ? 15  ASN A CB  1 
ATOM   135 C CG  . ASN A 1 16 ? -2.721  -9.926  -1.639  1.00 11.17 ? 15  ASN A CG  1 
ATOM   136 O OD1 . ASN A 1 16 ? -3.039  -10.857 -0.923  1.00 13.27 ? 15  ASN A OD1 1 
ATOM   137 N ND2 . ASN A 1 16 ? -2.114  -10.089 -2.803  1.00 11.25 ? 15  ASN A ND2 1 
ATOM   138 N N   . VAL A 1 17 ? -4.349  -6.031  0.244   1.00 9.25  ? 16  VAL A N   1 
ATOM   139 C CA  . VAL A 1 17 ? -4.312  -4.641  0.631   1.00 9.37  ? 16  VAL A CA  1 
ATOM   140 C C   . VAL A 1 17 ? -4.543  -4.530  2.141   1.00 9.19  ? 16  VAL A C   1 
ATOM   141 O O   . VAL A 1 17 ? -3.805  -3.819  2.815   1.00 10.05 ? 16  VAL A O   1 
ATOM   142 C CB  . VAL A 1 17 ? -5.334  -3.802  -0.175  1.00 9.36  ? 16  VAL A CB  1 
ATOM   143 C CG1 . VAL A 1 17 ? -5.428  -2.372  0.338   1.00 9.86  ? 16  VAL A CG1 1 
ATOM   144 C CG2 . VAL A 1 17 ? -4.962  -3.821  -1.663  1.00 10.00 ? 16  VAL A CG2 1 
ATOM   145 N N   . ARG A 1 18 ? -5.522  -5.268  2.668   1.00 9.26  ? 17  ARG A N   1 
ATOM   146 C CA  . ARG A 1 18 ? -5.778  -5.259  4.105   1.00 10.05 ? 17  ARG A CA  1 
ATOM   147 C C   . ARG A 1 18 ? -4.553  -5.759  4.891   1.00 9.55  ? 17  ARG A C   1 
ATOM   148 O O   . ARG A 1 18 ? -4.200  -5.195  5.930   1.00 10.46 ? 17  ARG A O   1 
ATOM   149 C CB  . ARG A 1 18 ? -7.002  -6.121  4.441   1.00 12.23 ? 17  ARG A CB  1 
ATOM   150 C CG  . ARG A 1 18 ? -8.387  -5.667  4.008   1.00 17.61 ? 17  ARG A CG  1 
ATOM   151 C CD  . ARG A 1 18 ? -9.452  -6.457  4.814   1.00 23.67 ? 17  ARG A CD  1 
ATOM   152 N NE  . ARG A 1 18 ? -9.184  -7.923  4.851   1.00 26.23 ? 17  ARG A NE  1 
ATOM   153 C CZ  . ARG A 1 18 ? -9.724  -8.831  4.031   1.00 22.96 ? 17  ARG A CZ  1 
ATOM   154 N NH1 . ARG A 1 18 ? -9.384  -10.114 4.125   1.00 24.56 ? 17  ARG A NH1 1 
ATOM   155 N NH2 . ARG A 1 18 ? -10.589 -8.470  3.098   1.00 26.99 ? 17  ARG A NH2 1 
ATOM   156 N N   . ALA A 1 19 ? -3.888  -6.809  4.400   1.00 8.77  ? 18  ALA A N   1 
ATOM   157 C CA  . ALA A 1 19 ? -2.659  -7.313  5.043   1.00 9.28  ? 18  ALA A CA  1 
ATOM   158 C C   . ALA A 1 19 ? -1.571  -6.232  5.027   1.00 9.93  ? 18  ALA A C   1 
ATOM   159 O O   . ALA A 1 19 ? -0.845  -6.061  6.011   1.00 9.80  ? 18  ALA A O   1 
ATOM   160 C CB  . ALA A 1 19 ? -2.176  -8.577  4.364   1.00 9.34  ? 18  ALA A CB  1 
ATOM   161 N N   . ALA A 1 20 ? -1.429  -5.531  3.910   1.00 9.20  ? 19  ALA A N   1 
ATOM   162 C CA  . ALA A 1 20 ? -0.413  -4.463  3.825   1.00 9.69  ? 19  ALA A CA  1 
ATOM   163 C C   . ALA A 1 20 ? -0.686  -3.323  4.819   1.00 9.64  ? 19  ALA A C   1 
ATOM   164 O O   . ALA A 1 20 ? 0.268   -2.720  5.318   1.00 10.35 ? 19  ALA A O   1 
ATOM   165 C CB  . ALA A 1 20 ? -0.274  -3.949  2.402   1.00 10.08 ? 19  ALA A CB  1 
ATOM   166 N N   . VAL A 1 21 ? -1.969  -3.014  5.106   1.00 9.79  ? 20  VAL A N   1 
ATOM   167 C CA  . VAL A 1 21 ? -2.286  -1.962  6.083   1.00 9.86  ? 20  VAL A CA  1 
ATOM   168 C C   . VAL A 1 21 ? -1.717  -2.333  7.463   1.00 9.86  ? 20  VAL A C   1 
ATOM   169 O O   . VAL A 1 21 ? -1.118  -1.503  8.136   1.00 11.36 ? 20  VAL A O   1 
ATOM   170 C CB  . VAL A 1 21 ? -3.818  -1.706  6.153   1.00 10.79 ? 20  VAL A CB  1 
ATOM   171 C CG1 . VAL A 1 21 ? -4.176  -0.853  7.352   1.00 10.99 ? 20  VAL A CG1 1 
ATOM   172 C CG2 . VAL A 1 21 ? -4.329  -1.064  4.863   1.00 10.66 ? 20  VAL A CG2 1 
ATOM   173 N N   . VAL A 1 22 ? -1.957  -3.568  7.894   1.00 9.66  ? 21  VAL A N   1 
ATOM   174 C CA  . VAL A 1 22 ? -1.489  -3.977  9.222   1.00 9.96  ? 21  VAL A CA  1 
ATOM   175 C C   . VAL A 1 22 ? 0.030   -4.240  9.235   1.00 9.53  ? 21  VAL A C   1 
ATOM   176 O O   . VAL A 1 22 ? 0.695   -3.936  10.223  1.00 11.20 ? 21  VAL A O   1 
ATOM   177 C CB  . VAL A 1 22 ? -2.317  -5.145  9.817   1.00 10.96 ? 21  VAL A CB  1 
ATOM   178 C CG1 . VAL A 1 22 ? -3.751  -4.685  10.117  1.00 13.51 ? 21  VAL A CG1 1 
ATOM   179 C CG2 . VAL A 1 22 ? -2.312  -6.394  8.931   1.00 12.04 ? 21  VAL A CG2 1 
ATOM   180 N N   . LEU A 1 23 ? 0.597   -4.748  8.137   1.00 9.44  ? 22  LEU A N   1 
ATOM   181 C CA  . LEU A 1 23 ? 2.055   -4.912  8.078   1.00 9.69  ? 22  LEU A CA  1 
ATOM   182 C C   . LEU A 1 23 ? 2.767   -3.555  8.090   1.00 8.82  ? 22  LEU A C   1 
ATOM   183 O O   . LEU A 1 23 ? 3.790   -3.407  8.739   1.00 10.01 ? 22  LEU A O   1 
ATOM   184 C CB  . LEU A 1 23 ? 2.479   -5.744  6.878   1.00 9.59  ? 22  LEU A CB  1 
ATOM   185 C CG  . LEU A 1 23 ? 2.072   -7.227  6.943   1.00 10.01 ? 22  LEU A CG  1 
ATOM   186 C CD1 . LEU A 1 23 ? 2.445   -7.917  5.631   1.00 11.24 ? 22  LEU A CD1 1 
ATOM   187 C CD2 . LEU A 1 23 ? 2.687   -7.954  8.134   1.00 10.21 ? 22  LEU A CD2 1 
ATOM   188 N N   . ALA A 1 24 ? 2.216   -2.549  7.418   1.00 8.98  ? 23  ALA A N   1 
ATOM   189 C CA  . ALA A 1 24 ? 2.871   -1.227  7.327   1.00 9.27  ? 23  ALA A CA  1 
ATOM   190 C C   . ALA A 1 24 ? 3.178   -0.665  8.704   1.00 9.83  ? 23  ALA A C   1 
ATOM   191 O O   . ALA A 1 24 ? 4.226   -0.065  8.906   1.00 10.45 ? 23  ALA A O   1 
ATOM   192 C CB  . ALA A 1 24 ? 1.998   -0.244  6.549   1.00 10.40 ? 23  ALA A CB  1 
ATOM   193 N N   . PHE A 1 25 ? 2.230   -0.821  9.627   1.00 9.83  ? 24  PHE A N   1 
ATOM   194 C CA  . PHE A 1 25 ? 2.369   -0.291  11.002  1.00 10.70 ? 24  PHE A CA  1 
ATOM   195 C C   . PHE A 1 25 ? 3.002   -1.269  11.999  1.00 11.51 ? 24  PHE A C   1 
ATOM   196 O O   . PHE A 1 25 ? 3.114   -0.960  13.176  1.00 13.46 ? 24  PHE A O   1 
ATOM   197 C CB  . PHE A 1 25 ? 1.038   0.337   11.492  1.00 11.37 ? 24  PHE A CB  1 
ATOM   198 C CG  . PHE A 1 25 ? 0.811   1.716   10.916  1.00 11.76 ? 24  PHE A CG  1 
ATOM   199 C CD1 . PHE A 1 25 ? 0.243   1.896   9.653   1.00 11.66 ? 24  PHE A CD1 1 
ATOM   200 C CD2 . PHE A 1 25 ? 1.227   2.834   11.601  1.00 12.54 ? 24  PHE A CD2 1 
ATOM   201 C CE1 . PHE A 1 25 ? 0.124   3.159   9.086   1.00 12.34 ? 24  PHE A CE1 1 
ATOM   202 C CE2 . PHE A 1 25 ? 1.074   4.105   11.051  1.00 13.13 ? 24  PHE A CE2 1 
ATOM   203 C CZ  . PHE A 1 25 ? 0.533   4.264   9.790   1.00 12.28 ? 24  PHE A CZ  1 
ATOM   204 N N   . ASN A 1 26 ? 3.492   -2.406  11.501  1.00 10.18 ? 25  ASN A N   1 
ATOM   205 C CA  . ASN A 1 26 ? 4.141   -3.413  12.355  1.00 11.04 ? 25  ASN A CA  1 
ATOM   206 C C   . ASN A 1 26 ? 5.637   -3.202  12.515  1.00 11.58 ? 25  ASN A C   1 
ATOM   207 O O   . ASN A 1 26 ? 6.210   -3.735  13.454  1.00 12.90 ? 25  ASN A O   1 
ATOM   208 C CB  . ASN A 1 26 ? 3.900   -4.816  11.756  1.00 10.27 ? 25  ASN A CB  1 
ATOM   209 C CG  . ASN A 1 26 ? 4.365   -5.934  12.662  1.00 11.00 ? 25  ASN A CG  1 
ATOM   210 O OD1 . ASN A 1 26 ? 5.345   -6.659  12.370  1.00 12.85 ? 25  ASN A OD1 1 
ATOM   211 N ND2 . ASN A 1 26 ? 3.693   -6.089  13.751  1.00 11.52 ? 25  ASN A ND2 1 
ATOM   212 N N   . TYR A 1 27 ? 6.280   -2.496  11.582  1.00 11.07 ? 26  TYR A N   1 
ATOM   213 C CA  . TYR A 1 27 ? 7.753   -2.453  11.500  1.00 11.34 ? 26  TYR A CA  1 
ATOM   214 C C   . TYR A 1 27 ? 8.271   -1.030  11.700  1.00 12.13 ? 26  TYR A C   1 
ATOM   215 O O   . TYR A 1 27 ? 7.624   -0.068  11.308  1.00 14.04 ? 26  TYR A O   1 
ATOM   216 C CB  . TYR A 1 27 ? 8.233   -2.933  10.122  1.00 11.16 ? 26  TYR A CB  1 
ATOM   217 C CG  . TYR A 1 27 ? 7.797   -4.345  9.793   1.00 10.49 ? 26  TYR A CG  1 
ATOM   218 C CD1 . TYR A 1 27 ? 8.384   -5.454  10.422  1.00 10.37 ? 26  TYR A CD1 1 
ATOM   219 C CD2 . TYR A 1 27 ? 6.804   -4.591  8.841   1.00 10.48 ? 26  TYR A CD2 1 
ATOM   220 C CE1 . TYR A 1 27 ? 7.983   -6.742  10.122  1.00 10.31 ? 26  TYR A CE1 1 
ATOM   221 C CE2 . TYR A 1 27 ? 6.391   -5.892  8.543   1.00 10.36 ? 26  TYR A CE2 1 
ATOM   222 C CZ  . TYR A 1 27 ? 6.977   -6.958  9.196   1.00 9.44  ? 26  TYR A CZ  1 
ATOM   223 O OH  . TYR A 1 27 ? 6.573   -8.233  8.878   1.00 10.31 ? 26  TYR A OH  1 
ATOM   224 N N   . ARG A 1 28 ? 9.405   -0.950  12.370  1.00 12.41 ? 27  ARG A N   1 
ATOM   225 C CA  A ARG A 1 28 ? 10.151  0.366   12.412  0.60 14.20 ? 27  ARG A CA  1 
ATOM   226 C CA  B ARG A 1 28 ? 10.134  0.376   12.401  0.40 14.11 ? 27  ARG A CA  1 
ATOM   227 C C   . ARG A 1 28 ? 10.452  0.886   10.869  1.00 14.09 ? 27  ARG A C   1 
ATOM   228 O O   . ARG A 1 28 ? 10.658  0.101   9.918   1.00 12.90 ? 27  ARG A O   1 
ATOM   229 C CB  A ARG A 1 28 ? 11.530  0.199   13.107  0.60 16.69 ? 27  ARG A CB  1 
ATOM   230 C CB  B ARG A 1 28 ? 11.500  0.219   13.100  0.40 17.20 ? 27  ARG A CB  1 
ATOM   231 C CG  A ARG A 1 28 ? 11.599  -0.381  14.535  0.60 21.64 ? 27  ARG A CG  1 
ATOM   232 C CG  B ARG A 1 28 ? 11.498  -0.244  14.552  0.40 22.39 ? 27  ARG A CG  1 
ATOM   233 C CD  A ARG A 1 28 ? 12.985  -1.048  14.921  0.60 28.49 ? 27  ARG A CD  1 
ATOM   234 C CD  B ARG A 1 28 ? 12.804  -0.982  14.950  0.40 30.59 ? 27  ARG A CD  1 
ATOM   235 N NE  A ARG A 1 28 ? 13.549  -0.249  16.006  0.60 36.98 ? 27  ARG A NE  1 
ATOM   236 N NE  B ARG A 1 28 ? 12.665  -1.246  16.371  0.40 35.69 ? 27  ARG A NE  1 
ATOM   237 C CZ  A ARG A 1 28 ? 14.526  -0.461  16.873  0.60 29.89 ? 27  ARG A CZ  1 
ATOM   238 C CZ  B ARG A 1 28 ? 13.544  -0.971  17.265  0.40 30.88 ? 27  ARG A CZ  1 
ATOM   239 N NH1 A ARG A 1 28 ? 14.678  0.572   17.651  0.60 25.36 ? 27  ARG A NH1 1 
ATOM   240 N NH1 B ARG A 1 28 ? 14.645  -0.520  16.902  0.40 26.93 ? 27  ARG A NH1 1 
ATOM   241 N NH2 A ARG A 1 28 ? 15.424  -1.427  16.899  0.60 32.45 ? 27  ARG A NH2 1 
ATOM   242 N NH2 B ARG A 1 28 ? 13.310  -1.163  18.507  0.40 35.39 ? 27  ARG A NH2 1 
ATOM   243 N N   . LYS A 1 29 ? 10.532  2.196   10.775  1.00 12.76 ? 28  LYS A N   1 
ATOM   244 C CA  . LYS A 1 29 ? 10.796  2.829   9.476   1.00 11.74 ? 28  LYS A CA  1 
ATOM   245 C C   . LYS A 1 29 ? 11.924  2.155   8.684   1.00 13.03 ? 28  LYS A C   1 
ATOM   246 O O   . LYS A 1 29 ? 13.047  1.990   9.185   1.00 15.31 ? 28  LYS A O   1 
ATOM   247 C CB  . LYS A 1 29 ? 11.159  4.309   9.687   1.00 12.68 ? 28  LYS A CB  1 
ATOM   248 C CG  . LYS A 1 29 ? 11.530  5.019   8.399   1.00 13.16 ? 28  LYS A CG  1 
ATOM   249 C CD  . LYS A 1 29 ? 11.906  6.476   8.605   1.00 14.60 ? 28  LYS A CD  1 
ATOM   250 C CE  . LYS A 1 29 ? 12.400  7.049   7.296   1.00 15.40 ? 28  LYS A CE  1 
ATOM   251 N NZ  . LYS A 1 29 ? 12.739  8.495   7.256   1.00 15.95 ? 28  LYS A NZ  1 
ATOM   252 N N   . GLU A 1 30 ? 11.608  1.779   7.444   1.00 11.03 ? 29  GLU A N   1 
ATOM   253 C CA  . GLU A 1 30 ? 12.554  1.229   6.464   1.00 13.37 ? 29  GLU A CA  1 
ATOM   254 C C   . GLU A 1 30 ? 13.304  -0.013  6.925   1.00 13.59 ? 29  GLU A C   1 
ATOM   255 O O   . GLU A 1 30 ? 14.336  -0.320  6.396   1.00 19.64 ? 29  GLU A O   1 
ATOM   256 C CB  . GLU A 1 30 ? 13.512  2.334   5.968   1.00 14.89 ? 29  GLU A CB  1 
ATOM   257 C CG  . GLU A 1 30 ? 12.677  3.310   5.159   1.00 19.87 ? 29  GLU A CG  1 
ATOM   258 C CD  . GLU A 1 30 ? 13.346  4.475   4.513   1.00 26.27 ? 29  GLU A CD  1 
ATOM   259 O OE1 . GLU A 1 30 ? 12.593  5.419   4.187   1.00 35.36 ? 29  GLU A OE1 1 
ATOM   260 O OE2 . GLU A 1 30 ? 14.532  4.442   4.245   1.00 27.94 ? 29  GLU A OE2 1 
ATOM   261 N N   . SER A 1 31 ? 12.748  -0.743  7.881   1.00 13.08 ? 30  SER A N   1 
ATOM   262 C CA  . SER A 1 31 ? 13.495  -1.859  8.500   1.00 13.66 ? 30  SER A CA  1 
ATOM   263 C C   . SER A 1 31 ? 13.120  -3.239  7.953   1.00 14.81 ? 30  SER A C   1 
ATOM   264 O O   . SER A 1 31 ? 13.814  -4.215  8.264   1.00 20.77 ? 30  SER A O   1 
ATOM   265 C CB  . SER A 1 31 ? 13.297  -1.830  10.006  1.00 15.22 ? 30  SER A CB  1 
ATOM   266 O OG  . SER A 1 31 ? 11.989  -2.243  10.361  1.00 15.42 ? 30  SER A OG  1 
ATOM   267 N N   . PHE A 1 32 ? 12.037  -3.340  7.178   1.00 11.89 ? 31  PHE A N   1 
ATOM   268 C CA  . PHE A 1 32 ? 11.605  -4.629  6.612   1.00 11.69 ? 31  PHE A CA  1 
ATOM   269 C C   . PHE A 1 32 ? 11.860  -4.580  5.112   1.00 12.15 ? 31  PHE A C   1 
ATOM   270 O O   . PHE A 1 32 ? 11.037  -4.091  4.335   1.00 12.00 ? 31  PHE A O   1 
ATOM   271 C CB  . PHE A 1 32 ? 10.127  -4.910  6.944   1.00 10.77 ? 31  PHE A CB  1 
ATOM   272 C CG  . PHE A 1 32 ? 9.660   -6.285  6.539   1.00 11.14 ? 31  PHE A CG  1 
ATOM   273 C CD1 . PHE A 1 32 ? 9.996   -7.414  7.292   1.00 11.34 ? 31  PHE A CD1 1 
ATOM   274 C CD2 . PHE A 1 32 ? 8.877   -6.458  5.402   1.00 11.16 ? 31  PHE A CD2 1 
ATOM   275 C CE1 . PHE A 1 32 ? 9.570   -8.673  6.907   1.00 12.41 ? 31  PHE A CE1 1 
ATOM   276 C CE2 . PHE A 1 32 ? 8.441   -7.723  5.025   1.00 11.35 ? 31  PHE A CE2 1 
ATOM   277 C CZ  . PHE A 1 32 ? 8.768   -8.825  5.791   1.00 12.02 ? 31  PHE A CZ  1 
ATOM   278 N N   . HIS A 1 33 ? 13.055  -5.028  4.723   1.00 13.29 ? 32  HIS A N   1 
ATOM   279 C CA  . HIS A 1 33 ? 13.497  -5.015  3.330   1.00 15.94 ? 32  HIS A CA  1 
ATOM   280 C C   . HIS A 1 33 ? 13.350  -3.606  2.713   1.00 15.62 ? 32  HIS A C   1 
ATOM   281 O O   . HIS A 1 33 ? 13.004  -3.472  1.555   1.00 16.06 ? 32  HIS A O   1 
ATOM   282 C CB  . HIS A 1 33 ? 12.729  -6.093  2.533   1.00 13.80 ? 32  HIS A CB  1 
ATOM   283 C CG  . HIS A 1 33 ? 12.824  -7.456  3.143   1.00 13.52 ? 32  HIS A CG  1 
ATOM   284 N ND1 . HIS A 1 33 ? 13.832  -8.335  2.827   1.00 14.22 ? 32  HIS A ND1 1 
ATOM   285 C CD2 . HIS A 1 33 ? 12.056  -8.089  4.066   1.00 13.72 ? 32  HIS A CD2 1 
ATOM   286 C CE1 . HIS A 1 33 ? 13.682  -9.448  3.518   1.00 13.47 ? 32  HIS A CE1 1 
ATOM   287 N NE2 . HIS A 1 33 ? 12.614  -9.326  4.282   1.00 13.26 ? 32  HIS A NE2 1 
ATOM   288 N N   . GLY A 1 34 ? 13.654  -2.585  3.513   1.00 14.81 ? 33  GLY A N   1 
ATOM   289 C CA  . GLY A 1 34 ? 13.632  -1.204  3.046   1.00 15.30 ? 33  GLY A CA  1 
ATOM   290 C C   . GLY A 1 34 ? 12.348  -0.420  3.287   1.00 14.03 ? 33  GLY A C   1 
ATOM   291 O O   . GLY A 1 34 ? 12.306  0.780   2.984   1.00 14.94 ? 33  GLY A O   1 
ATOM   292 N N   . TYR A 1 35 ? 11.326  -1.077  3.848   1.00 11.36 ? 34  TYR A N   1 
ATOM   293 C CA  . TYR A 1 35 ? 9.995   -0.487  4.030   1.00 9.81  ? 34  TYR A CA  1 
ATOM   294 C C   . TYR A 1 35 ? 9.545   -0.656  5.481   1.00 9.99  ? 34  TYR A C   1 
ATOM   295 O O   . TYR A 1 35 ? 10.073  -1.527  6.187   1.00 11.05 ? 34  TYR A O   1 
ATOM   296 C CB  . TYR A 1 35 ? 9.012   -1.148  3.025   1.00 9.86  ? 34  TYR A CB  1 
ATOM   297 C CG  . TYR A 1 35 ? 9.370   -0.729  1.616   1.00 10.47 ? 34  TYR A CG  1 
ATOM   298 C CD1 . TYR A 1 35 ? 10.346  -1.397  0.894   1.00 11.77 ? 34  TYR A CD1 1 
ATOM   299 C CD2 . TYR A 1 35 ? 8.808   0.415   1.040   1.00 11.29 ? 34  TYR A CD2 1 
ATOM   300 C CE1 . TYR A 1 35 ? 10.749  -0.962  -0.365  1.00 11.88 ? 34  TYR A CE1 1 
ATOM   301 C CE2 . TYR A 1 35 ? 9.182   0.843   -0.227  1.00 11.77 ? 34  TYR A CE2 1 
ATOM   302 C CZ  . TYR A 1 35 ? 10.155  0.162   -0.917  1.00 11.31 ? 34  TYR A CZ  1 
ATOM   303 O OH  . TYR A 1 35 ? 10.549  0.590   -2.157  1.00 13.04 ? 34  TYR A OH  1 
ATOM   304 N N   . PRO A 1 36 ? 8.581   0.117   5.968   1.00 9.60  ? 35  PRO A N   1 
ATOM   305 C CA  . PRO A 1 36 ? 7.826   1.163   5.280   1.00 9.91  ? 35  PRO A CA  1 
ATOM   306 C C   . PRO A 1 36 ? 8.534   2.511   5.198   1.00 9.55  ? 35  PRO A C   1 
ATOM   307 O O   . PRO A 1 36 ? 9.397   2.823   6.037   1.00 11.53 ? 35  PRO A O   1 
ATOM   308 C CB  . PRO A 1 36 ? 6.593   1.317   6.193   1.00 10.66 ? 35  PRO A CB  1 
ATOM   309 C CG  . PRO A 1 36 ? 7.143   1.048   7.568   1.00 11.71 ? 35  PRO A CG  1 
ATOM   310 C CD  . PRO A 1 36 ? 8.103   -0.085  7.344   1.00 10.78 ? 35  PRO A CD  1 
ATOM   311 N N   . ALA A 1 37 ? 8.137   3.316   4.216   1.00 10.15 ? 36  ALA A N   1 
ATOM   312 C CA  . ALA A 1 37 ? 8.433   4.743   4.258   1.00 9.70  ? 36  ALA A CA  1 
ATOM   313 C C   . ALA A 1 37 ? 7.433   5.385   5.220   1.00 10.23 ? 36  ALA A C   1 
ATOM   314 O O   . ALA A 1 37 ? 6.285   4.917   5.345   1.00 10.01 ? 36  ALA A O   1 
ATOM   315 C CB  . ALA A 1 37 ? 8.326   5.385   2.876   1.00 11.17 ? 36  ALA A CB  1 
ATOM   316 N N   . THR A 1 38 ? 7.847   6.470   5.881   1.00 10.66 ? 37  THR A N   1 
ATOM   317 C CA  . THR A 1 38 ? 6.973   7.177   6.809   1.00 11.32 ? 37  THR A CA  1 
ATOM   318 C C   . THR A 1 38 ? 6.829   8.635   6.400   1.00 11.84 ? 37  THR A C   1 
ATOM   319 O O   . THR A 1 38 ? 7.760   9.267   5.872   1.00 13.84 ? 37  THR A O   1 
ATOM   320 C CB  . THR A 1 38 ? 7.475   7.114   8.264   1.00 14.87 ? 37  THR A CB  1 
ATOM   321 O OG1 . THR A 1 38 ? 8.725   7.803   8.383   1.00 18.06 ? 37  THR A OG1 1 
ATOM   322 C CG2 . THR A 1 38 ? 7.637   5.681   8.720   1.00 14.20 ? 37  THR A CG2 1 
ATOM   323 N N   . PHE A 1 39 ? 5.643   9.171   6.661   1.00 11.09 ? 38  PHE A N   1 
ATOM   324 C CA  . PHE A 1 39 ? 5.300   10.568  6.393   1.00 11.33 ? 38  PHE A CA  1 
ATOM   325 C C   . PHE A 1 39 ? 4.684   11.098  7.669   1.00 12.45 ? 38  PHE A C   1 
ATOM   326 O O   . PHE A 1 39 ? 3.533   10.795  7.980   1.00 12.40 ? 38  PHE A O   1 
ATOM   327 C CB  . PHE A 1 39 ? 4.321   10.695  5.218   1.00 12.02 ? 38  PHE A CB  1 
ATOM   328 C CG  . PHE A 1 39 ? 4.856   10.128  3.939   1.00 13.08 ? 38  PHE A CG  1 
ATOM   329 C CD1 . PHE A 1 39 ? 4.733   8.771   3.648   1.00 13.38 ? 38  PHE A CD1 1 
ATOM   330 C CD2 . PHE A 1 39 ? 5.489   10.946  3.013   1.00 15.94 ? 38  PHE A CD2 1 
ATOM   331 C CE1 . PHE A 1 39 ? 5.244   8.249   2.463   1.00 15.11 ? 38  PHE A CE1 1 
ATOM   332 C CE2 . PHE A 1 39 ? 5.976   10.434  1.822   1.00 16.99 ? 38  PHE A CE2 1 
ATOM   333 C CZ  . PHE A 1 39 ? 5.863   9.082   1.552   1.00 17.58 ? 38  PHE A CZ  1 
ATOM   334 N N   . ILE A 1 40 ? 5.483   11.855  8.423   1.00 12.63 ? 39  ILE A N   1 
ATOM   335 C CA  . ILE A 1 40 ? 5.104   12.283  9.764   1.00 13.77 ? 39  ILE A CA  1 
ATOM   336 C C   . ILE A 1 40 ? 4.584   13.731  9.754   1.00 15.40 ? 39  ILE A C   1 
ATOM   337 O O   . ILE A 1 40 ? 4.454   14.369  8.716   1.00 15.23 ? 39  ILE A O   1 
ATOM   338 C CB  . ILE A 1 40 ? 6.280   12.062  10.778  1.00 14.32 ? 39  ILE A CB  1 
ATOM   339 C CG1 . ILE A 1 40 ? 7.510   12.944  10.465  1.00 14.77 ? 39  ILE A CG1 1 
ATOM   340 C CG2 . ILE A 1 40 ? 6.676   10.582  10.813  1.00 15.83 ? 39  ILE A CG2 1 
ATOM   341 C CD1 . ILE A 1 40 ? 8.455   13.088  11.649  1.00 16.07 ? 39  ILE A CD1 1 
ATOM   342 N N   . ILE A 1 41 ? 4.256   14.229  10.935  1.00 17.00 ? 40  ILE A N   1 
ATOM   343 C CA  . ILE A 1 41 ? 3.770   15.588  11.095  1.00 19.13 ? 40  ILE A CA  1 
ATOM   344 C C   . ILE A 1 41 ? 4.734   16.588  10.436  1.00 20.64 ? 40  ILE A C   1 
ATOM   345 O O   . ILE A 1 41 ? 5.958   16.473  10.557  1.00 20.89 ? 40  ILE A O   1 
ATOM   346 C CB  . ILE A 1 41 ? 3.494   15.912  12.591  1.00 20.76 ? 40  ILE A CB  1 
ATOM   347 C CG1 . ILE A 1 41 ? 2.755   17.247  12.741  1.00 24.92 ? 40  ILE A CG1 1 
ATOM   348 C CG2 . ILE A 1 41 ? 4.783   15.895  13.417  1.00 23.42 ? 40  ILE A CG2 1 
ATOM   349 C CD1 . ILE A 1 41 ? 2.182   17.453  14.130  1.00 31.02 ? 40  ILE A CD1 1 
ATOM   350 N N   . GLY A 1 42 ? 4.155   17.542  9.712   1.00 19.45 ? 41  GLY A N   1 
ATOM   351 C CA  . GLY A 1 42 ? 4.896   18.460  8.852   1.00 21.40 ? 41  GLY A CA  1 
ATOM   352 C C   . GLY A 1 42 ? 5.089   18.017  7.402   1.00 21.06 ? 41  GLY A C   1 
ATOM   353 O O   . GLY A 1 42 ? 5.442   18.846  6.550   1.00 23.13 ? 41  GLY A O   1 
ATOM   354 N N   . SER A 1 43 ? 4.841   16.738  7.097   1.00 16.95 ? 42  SER A N   1 
ATOM   355 C CA  . SER A 1 43 ? 4.978   16.218  5.733   1.00 15.84 ? 42  SER A CA  1 
ATOM   356 C C   . SER A 1 43 ? 3.759   16.615  4.890   1.00 14.61 ? 42  SER A C   1 
ATOM   357 O O   . SER A 1 43 ? 2.837   17.272  5.370   1.00 15.46 ? 42  SER A O   1 
ATOM   358 C CB  . SER A 1 43 ? 5.083   14.693  5.751   1.00 15.27 ? 42  SER A CB  1 
ATOM   359 O OG  . SER A 1 43 ? 3.817   14.090  6.041   1.00 15.49 ? 42  SER A OG  1 
ATOM   360 N N   . THR A 1 44 ? 3.743   16.197  3.632   1.00 15.05 ? 43  THR A N   1 
ATOM   361 C CA  . THR A 1 44 ? 2.598   16.431  2.741   1.00 15.22 ? 43  THR A CA  1 
ATOM   362 C C   . THR A 1 44 ? 1.341   15.662  3.159   1.00 13.43 ? 43  THR A C   1 
ATOM   363 O O   . THR A 1 44 ? 0.258   15.911  2.612   1.00 14.39 ? 43  THR A O   1 
ATOM   364 C CB  . THR A 1 44 ? 2.917   16.104  1.265   1.00 18.44 ? 43  THR A CB  1 
ATOM   365 O OG1 . THR A 1 44 ? 3.258   14.718  1.136   1.00 19.32 ? 43  THR A OG1 1 
ATOM   366 C CG2 . THR A 1 44 ? 4.050   17.000  0.715   1.00 19.42 ? 43  THR A CG2 1 
ATOM   367 N N   . PHE A 1 45 ? 1.470   14.734  4.111   1.00 12.52 ? 44  PHE A N   1 
ATOM   368 C CA  . PHE A 1 45 ? 0.326   13.965  4.628   1.00 12.06 ? 44  PHE A CA  1 
ATOM   369 C C   . PHE A 1 45 ? -0.079  14.394  6.055   1.00 11.78 ? 44  PHE A C   1 
ATOM   370 O O   . PHE A 1 45 ? -0.911  13.756  6.677   1.00 12.77 ? 44  PHE A O   1 
ATOM   371 C CB  . PHE A 1 45 ? 0.653   12.462  4.600   1.00 12.42 ? 44  PHE A CB  1 
ATOM   372 C CG  . PHE A 1 45 ? 0.742   11.876  3.214   1.00 13.06 ? 44  PHE A CG  1 
ATOM   373 C CD1 . PHE A 1 45 ? -0.392  11.427  2.546   1.00 13.29 ? 44  PHE A CD1 1 
ATOM   374 C CD2 . PHE A 1 45 ? 1.959   11.775  2.577   1.00 14.63 ? 44  PHE A CD2 1 
ATOM   375 C CE1 . PHE A 1 45 ? -0.306  10.878  1.268   1.00 13.79 ? 44  PHE A CE1 1 
ATOM   376 C CE2 . PHE A 1 45 ? 2.056   11.248  1.297   1.00 15.31 ? 44  PHE A CE2 1 
ATOM   377 C CZ  . PHE A 1 45 ? 0.925   10.795  0.638   1.00 14.71 ? 44  PHE A CZ  1 
ATOM   378 N N   . SER A 1 46 ? 0.484   15.496  6.548   1.00 12.92 ? 45  SER A N   1 
ATOM   379 C CA  . SER A 1 46 ? 0.338   15.908  7.937   1.00 14.39 ? 45  SER A CA  1 
ATOM   380 C C   . SER A 1 46 ? -1.100  15.876  8.446   1.00 14.73 ? 45  SER A C   1 
ATOM   381 O O   . SER A 1 46 ? -1.375  15.371  9.535   1.00 15.51 ? 45  SER A O   1 
ATOM   382 C CB  . SER A 1 46 ? 0.897   17.318  8.116   1.00 16.51 ? 45  SER A CB  1 
ATOM   383 O OG  . SER A 1 46 ? 1.095   17.599  9.484   1.00 20.93 ? 45  SER A OG  1 
ATOM   384 N N   . GLY A 1 47 ? -2.015  16.391  7.637   1.00 13.37 ? 46  GLY A N   1 
ATOM   385 C CA  . GLY A 1 47 ? -3.398  16.520  8.074   1.00 13.68 ? 46  GLY A CA  1 
ATOM   386 C C   . GLY A 1 47 ? -4.165  15.235  8.319   1.00 13.05 ? 46  GLY A C   1 
ATOM   387 O O   . GLY A 1 47 ? -5.171  15.274  9.019   1.00 13.32 ? 46  GLY A O   1 
ATOM   388 N N   . VAL A 1 48 ? -3.719  14.111  7.756   1.00 11.81 ? 47  VAL A N   1 
ATOM   389 C CA  . VAL A 1 48 ? -4.420  12.823  7.962   1.00 12.66 ? 47  VAL A CA  1 
ATOM   390 C C   . VAL A 1 48 ? -3.809  11.946  9.056   1.00 13.02 ? 47  VAL A C   1 
ATOM   391 O O   . VAL A 1 48 ? -4.243  10.800  9.264   1.00 14.61 ? 47  VAL A O   1 
ATOM   392 C CB  . VAL A 1 48 ? -4.627  11.999  6.655   1.00 12.60 ? 47  VAL A CB  1 
ATOM   393 C CG1 . VAL A 1 48 ? -5.314  12.851  5.597   1.00 13.34 ? 47  VAL A CG1 1 
ATOM   394 C CG2 . VAL A 1 48 ? -3.336  11.394  6.111   1.00 13.43 ? 47  VAL A CG2 1 
ATOM   395 N N   . GLY A 1 49 ? -2.811  12.465  9.763   1.00 13.38 ? 48  GLY A N   1 
ATOM   396 C CA  . GLY A 1 49 ? -2.017  11.653  10.703  1.00 13.12 ? 48  GLY A CA  1 
ATOM   397 C C   . GLY A 1 49 ? -0.875  10.945  9.979   1.00 11.83 ? 48  GLY A C   1 
ATOM   398 O O   . GLY A 1 49 ? -0.706  11.090  8.774   1.00 11.85 ? 48  GLY A O   1 
ATOM   399 N N   . GLU A 1 50 ? -0.078  10.182  10.720  1.00 11.75 ? 49  GLU A N   1 
ATOM   400 C CA  . GLU A 1 50 ? 1.070   9.515   10.105  1.00 11.59 ? 49  GLU A CA  1 
ATOM   401 C C   . GLU A 1 50 ? 0.609   8.597   8.976   1.00 10.25 ? 49  GLU A C   1 
ATOM   402 O O   . GLU A 1 50 ? -0.328  7.817   9.152   1.00 10.34 ? 49  GLU A O   1 
ATOM   403 C CB  . GLU A 1 50 ? 1.873   8.707   11.136  1.00 13.11 ? 49  GLU A CB  1 
ATOM   404 C CG  . GLU A 1 50 ? 3.085   7.990   10.551  1.00 12.52 ? 49  GLU A CG  1 
ATOM   405 C CD  . GLU A 1 50 ? 3.959   7.270   11.590  1.00 15.22 ? 49  GLU A CD  1 
ATOM   406 O OE1 . GLU A 1 50 ? 4.334   7.855   12.567  1.00 23.21 ? 49  GLU A OE1 1 
ATOM   407 O OE2 . GLU A 1 50 ? 4.266   6.099   11.369  1.00 26.60 ? 49  GLU A OE2 1 
ATOM   408 N N   . VAL A 1 51 ? 1.273   8.705   7.827   1.00 9.75  ? 50  VAL A N   1 
ATOM   409 C CA  . VAL A 1 51 ? 1.013   7.839   6.673   1.00 9.30  ? 50  VAL A CA  1 
ATOM   410 C C   . VAL A 1 51 ? 2.263   6.993   6.409   1.00 9.37  ? 50  VAL A C   1 
ATOM   411 O O   . VAL A 1 51 ? 3.401   7.456   6.605   1.00 10.16 ? 50  VAL A O   1 
ATOM   412 C CB  . VAL A 1 51 ? 0.604   8.684   5.439   1.00 9.57  ? 50  VAL A CB  1 
ATOM   413 C CG1 . VAL A 1 51 ? 0.649   7.878   4.147   1.00 10.14 ? 50  VAL A CG1 1 
ATOM   414 C CG2 . VAL A 1 51 ? -0.792  9.240   5.640   1.00 9.96  ? 50  VAL A CG2 1 
ATOM   415 N N   . ARG A 1 52 ? 2.037   5.757   5.979   1.00 9.11  ? 51  ARG A N   1 
ATOM   416 C CA  . ARG A 1 52 ? 3.102   4.835   5.638   1.00 9.58  ? 51  ARG A CA  1 
ATOM   417 C C   . ARG A 1 52 ? 2.876   4.233   4.254   1.00 9.27  ? 51  ARG A C   1 
ATOM   418 O O   . ARG A 1 52 ? 1.736   4.008   3.814   1.00 9.72  ? 51  ARG A O   1 
ATOM   419 C CB  . ARG A 1 52 ? 3.232   3.735   6.695   1.00 9.67  ? 51  ARG A CB  1 
ATOM   420 C CG  . ARG A 1 52 ? 3.767   4.260   8.014   1.00 10.27 ? 51  ARG A CG  1 
ATOM   421 C CD  . ARG A 1 52 ? 3.943   3.172   9.047   1.00 10.94 ? 51  ARG A CD  1 
ATOM   422 N NE  . ARG A 1 52 ? 4.668   3.695   10.196  1.00 12.47 ? 51  ARG A NE  1 
ATOM   423 C CZ  . ARG A 1 52 ? 5.464   2.991   10.993  1.00 13.44 ? 51  ARG A CZ  1 
ATOM   424 N NH1 . ARG A 1 52 ? 5.581   1.687   10.852  1.00 12.01 ? 51  ARG A NH1 1 
ATOM   425 N NH2 . ARG A 1 52 ? 6.109   3.614   11.968  1.00 15.21 ? 51  ARG A NH2 1 
ATOM   426 N N   . GLN A 1 53 ? 4.003   3.975   3.580   1.00 9.24  ? 52  GLN A N   1 
ATOM   427 C CA  . GLN A 1 53 ? 4.051   3.313   2.279   1.00 9.31  ? 52  GLN A CA  1 
ATOM   428 C C   . GLN A 1 53 ? 4.562   1.885   2.468   1.00 9.43  ? 52  GLN A C   1 
ATOM   429 O O   . GLN A 1 53 ? 5.618   1.700   3.076   1.00 10.64 ? 52  GLN A O   1 
ATOM   430 C CB  . GLN A 1 53 ? 4.964   4.059   1.312   1.00 11.21 ? 52  GLN A CB  1 
ATOM   431 C CG  . GLN A 1 53 ? 4.976   3.487   -0.112  1.00 11.80 ? 52  GLN A CG  1 
ATOM   432 C CD  . GLN A 1 53 ? 6.328   3.430   -0.781  1.00 10.09 ? 52  GLN A CD  1 
ATOM   433 O OE1 . GLN A 1 53 ? 7.340   3.699   -0.166  1.00 12.40 ? 52  GLN A OE1 1 
ATOM   434 N NE2 . GLN A 1 53 ? 6.343   3.031   -2.049  1.00 11.15 ? 52  GLN A NE2 1 
ATOM   435 N N   . PHE A 1 54 ? 3.818   0.887   1.953   1.00 9.52  ? 53  PHE A N   1 
ATOM   436 C CA  . PHE A 1 54 ? 4.262   -0.504  2.086   1.00 9.09  ? 53  PHE A CA  1 
ATOM   437 C C   . PHE A 1 54 ? 3.899   -1.234  0.805   1.00 8.72  ? 53  PHE A C   1 
ATOM   438 O O   . PHE A 1 54 ? 2.794   -1.049  0.271   1.00 9.51  ? 53  PHE A O   1 
ATOM   439 C CB  . PHE A 1 54 ? 3.638   -1.176  3.322   1.00 10.46 ? 53  PHE A CB  1 
ATOM   440 C CG  . PHE A 1 54 ? 4.328   -2.461  3.718   1.00 9.95  ? 53  PHE A CG  1 
ATOM   441 C CD1 . PHE A 1 54 ? 5.459   -2.446  4.535   1.00 9.95  ? 53  PHE A CD1 1 
ATOM   442 C CD2 . PHE A 1 54 ? 3.858   -3.700  3.283   1.00 9.55  ? 53  PHE A CD2 1 
ATOM   443 C CE1 . PHE A 1 54 ? 6.121   -3.615  4.866   1.00 11.46 ? 53  PHE A CE1 1 
ATOM   444 C CE2 . PHE A 1 54 ? 4.517   -4.876  3.633   1.00 10.47 ? 53  PHE A CE2 1 
ATOM   445 C CZ  . PHE A 1 54 ? 5.650   -4.828  4.431   1.00 11.26 ? 53  PHE A CZ  1 
ATOM   446 N N   . PRO A 1 55 ? 4.813   -2.070  0.279   1.00 8.81  ? 54  PRO A N   1 
ATOM   447 C CA  . PRO A 1 55 ? 4.499   -2.731  -0.984  1.00 8.80  ? 54  PRO A CA  1 
ATOM   448 C C   . PRO A 1 55 ? 3.416   -3.812  -0.865  1.00 8.48  ? 54  PRO A C   1 
ATOM   449 O O   . PRO A 1 55 ? 3.162   -4.345  0.228   1.00 8.94  ? 54  PRO A O   1 
ATOM   450 C CB  . PRO A 1 55 ? 5.858   -3.348  -1.413  1.00 8.88  ? 54  PRO A CB  1 
ATOM   451 C CG  . PRO A 1 55 ? 6.896   -2.588  -0.644  1.00 8.87  ? 54  PRO A CG  1 
ATOM   452 C CD  . PRO A 1 55 ? 6.214   -2.365  0.678   1.00 9.02  ? 54  PRO A CD  1 
ATOM   453 N N   . VAL A 1 56 ? 2.787   -4.134  -1.995  1.00 9.24  ? 55  VAL A N   1 
ATOM   454 C CA  . VAL A 1 56 ? 1.732   -5.160  -2.054  1.00 9.31  ? 55  VAL A CA  1 
ATOM   455 C C   . VAL A 1 56 ? 1.940   -5.969  -3.343  1.00 10.15 ? 55  VAL A C   1 
ATOM   456 O O   . VAL A 1 56 ? 2.489   -5.461  -4.329  1.00 11.13 ? 55  VAL A O   1 
ATOM   457 C CB  . VAL A 1 56 ? 0.313   -4.502  -1.935  1.00 10.20 ? 55  VAL A CB  1 
ATOM   458 C CG1 . VAL A 1 56 ? -0.043  -3.680  -3.157  1.00 9.85  ? 55  VAL A CG1 1 
ATOM   459 C CG2 . VAL A 1 56 ? -0.796  -5.527  -1.655  1.00 11.03 ? 55  VAL A CG2 1 
ATOM   460 N N   . GLU A 1 57 ? 1.507   -7.236  -3.298  1.00 10.81 ? 56  GLU A N   1 
ATOM   461 C CA  A GLU A 1 57 ? 1.618   -8.199  -4.402  0.50 11.17 ? 56  GLU A CA  1 
ATOM   462 C CA  B GLU A 1 57 ? 1.638   -8.129  -4.456  0.50 11.64 ? 56  GLU A CA  1 
ATOM   463 C C   . GLU A 1 57 ? 0.301   -8.357  -5.136  1.00 11.99 ? 56  GLU A C   1 
ATOM   464 O O   . GLU A 1 57 ? -0.767  -8.162  -4.556  1.00 11.18 ? 56  GLU A O   1 
ATOM   465 C CB  A GLU A 1 57 ? 1.960   -9.584  -3.854  0.50 12.16 ? 56  GLU A CB  1 
ATOM   466 C CB  B GLU A 1 57 ? 2.249   -9.477  -4.066  0.50 13.39 ? 56  GLU A CB  1 
ATOM   467 C CG  A GLU A 1 57 ? 3.228   -9.670  -3.038  0.50 13.37 ? 56  GLU A CG  1 
ATOM   468 C CG  B GLU A 1 57 ? 3.623   -9.379  -3.434  0.50 14.22 ? 56  GLU A CG  1 
ATOM   469 C CD  A GLU A 1 57 ? 4.469   -9.623  -3.900  0.50 16.30 ? 56  GLU A CD  1 
ATOM   470 C CD  B GLU A 1 57 ? 4.332   -10.715 -3.337  0.50 15.65 ? 56  GLU A CD  1 
ATOM   471 O OE1 A GLU A 1 57 ? 4.333   -9.515  -5.133  0.50 18.31 ? 56  GLU A OE1 1 
ATOM   472 O OE1 B GLU A 1 57 ? 4.185   -11.549 -4.243  0.50 19.31 ? 56  GLU A OE1 1 
ATOM   473 O OE2 A GLU A 1 57 ? 5.583   -9.717  -3.359  0.50 16.97 ? 56  GLU A OE2 1 
ATOM   474 O OE2 B GLU A 1 57 ? 5.058   -10.921 -2.354  0.50 18.58 ? 56  GLU A OE2 1 
ATOM   475 N N   . ASP A 1 58 ? 0.380   -8.752  -6.400  1.00 12.44 ? 57  ASP A N   1 
ATOM   476 C CA  . ASP A 1 58 ? -0.797  -9.188  -7.149  1.00 13.66 ? 57  ASP A CA  1 
ATOM   477 C C   . ASP A 1 58 ? -1.105  -10.679 -6.979  1.00 14.81 ? 57  ASP A C   1 
ATOM   478 O O   . ASP A 1 58 ? -2.143  -11.134 -7.423  1.00 19.31 ? 57  ASP A O   1 
ATOM   479 C CB  . ASP A 1 58 ? -0.701  -8.771  -8.635  1.00 15.92 ? 57  ASP A CB  1 
ATOM   480 C CG  . ASP A 1 58 ? 0.383   -9.507  -9.430  1.00 20.52 ? 57  ASP A CG  1 
ATOM   481 O OD1 . ASP A 1 58 ? 0.833   -10.591 -9.033  1.00 25.19 ? 57  ASP A OD1 1 
ATOM   482 O OD2 . ASP A 1 58 ? 0.745   -9.015  -10.519 1.00 26.79 ? 57  ASP A OD2 1 
ATOM   483 N N   . SER A 1 59 ? -0.212  -11.417 -6.331  1.00 14.34 ? 58  SER A N   1 
ATOM   484 C CA  . SER A 1 59 ? -0.317  -12.861 -6.140  1.00 13.94 ? 58  SER A CA  1 
ATOM   485 C C   . SER A 1 59 ? -0.687  -13.213 -4.694  1.00 13.18 ? 58  SER A C   1 
ATOM   486 O O   . SER A 1 59 ? -0.837  -12.319 -3.860  1.00 14.76 ? 58  SER A O   1 
ATOM   487 C CB  . SER A 1 59 ? 1.029   -13.463 -6.467  1.00 14.53 ? 58  SER A CB  1 
ATOM   488 O OG  . SER A 1 59 ? 2.019   -12.923 -5.641  1.00 19.01 ? 58  SER A OG  1 
ATOM   489 N N   . ASP A 1 60 ? -0.814  -14.510 -4.396  1.00 12.49 ? 59  ASP A N   1 
ATOM   490 C CA  . ASP A 1 60 ? -1.262  -14.981 -3.075  1.00 12.57 ? 59  ASP A CA  1 
ATOM   491 C C   . ASP A 1 60 ? -0.108  -15.022 -2.057  1.00 11.68 ? 59  ASP A C   1 
ATOM   492 O O   . ASP A 1 60 ? 0.319   -16.080 -1.576  1.00 13.49 ? 59  ASP A O   1 
ATOM   493 C CB  . ASP A 1 60 ? -1.906  -16.367 -3.218  1.00 13.83 ? 59  ASP A CB  1 
ATOM   494 C CG  . ASP A 1 60 ? -2.641  -16.798 -1.978  1.00 15.35 ? 59  ASP A CG  1 
ATOM   495 O OD1 . ASP A 1 60 ? -3.282  -15.961 -1.310  1.00 16.17 ? 59  ASP A OD1 1 
ATOM   496 O OD2 . ASP A 1 60 ? -2.598  -18.006 -1.695  1.00 17.05 ? 59  ASP A OD2 1 
ATOM   497 N N   . ALA A 1 61 ? 0.390   -13.839 -1.725  1.00 12.56 ? 60  ALA A N   1 
ATOM   498 C CA  . ALA A 1 61 ? 1.571   -13.691 -0.903  1.00 12.21 ? 60  ALA A CA  1 
ATOM   499 C C   . ALA A 1 61 ? 1.635   -12.259 -0.414  1.00 11.18 ? 60  ALA A C   1 
ATOM   500 O O   . ALA A 1 61 ? 1.012   -11.375 -0.992  1.00 13.44 ? 60  ALA A O   1 
ATOM   501 C CB  . ALA A 1 61 ? 2.811   -13.994 -1.742  1.00 13.10 ? 60  ALA A CB  1 
ATOM   502 N N   . ASN A 1 62 ? 2.412   -12.063 0.635   1.00 10.46 ? 61  ASN A N   1 
ATOM   503 C CA  . ASN A 1 62 ? 2.801   -10.755 1.149   1.00 9.61  ? 61  ASN A CA  1 
ATOM   504 C C   . ASN A 1 62 ? 4.216   -10.394 0.699   1.00 10.33 ? 61  ASN A C   1 
ATOM   505 O O   . ASN A 1 62 ? 5.069   -11.261 0.551   1.00 12.43 ? 61  ASN A O   1 
ATOM   506 C CB  . ASN A 1 62 ? 2.653   -10.730 2.682   1.00 9.78  ? 61  ASN A CB  1 
ATOM   507 C CG  . ASN A 1 62 ? 1.228   -11.019 3.125   1.00 9.23  ? 61  ASN A CG  1 
ATOM   508 O OD1 . ASN A 1 62 ? 0.943   -11.995 3.886   1.00 11.97 ? 61  ASN A OD1 1 
ATOM   509 N ND2 . ASN A 1 62 ? 0.307   -10.221 2.628   1.00 7.89  ? 61  ASN A ND2 1 
ATOM   510 N N   . TRP A 1 63 ? 4.457   -9.121  0.446   1.00 9.85  ? 62  TRP A N   1 
ATOM   511 C CA  . TRP A 1 63 ? 5.753   -8.678  -0.076  1.00 10.53 ? 62  TRP A CA  1 
ATOM   512 C C   . TRP A 1 63 ? 6.853   -8.766  0.992   1.00 10.78 ? 62  TRP A C   1 
ATOM   513 O O   . TRP A 1 63 ? 6.622   -8.420  2.155   1.00 11.37 ? 62  TRP A O   1 
ATOM   514 C CB  . TRP A 1 63 ? 5.627   -7.250  -0.621  1.00 10.55 ? 62  TRP A CB  1 
ATOM   515 C CG  . TRP A 1 63 ? 6.880   -6.703  -1.279  1.00 10.56 ? 62  TRP A CG  1 
ATOM   516 C CD1 . TRP A 1 63 ? 7.164   -6.687  -2.613  1.00 10.96 ? 62  TRP A CD1 1 
ATOM   517 C CD2 . TRP A 1 63 ? 7.980   -6.048  -0.634  1.00 10.20 ? 62  TRP A CD2 1 
ATOM   518 N NE1 . TRP A 1 63 ? 8.365   -6.081  -2.833  1.00 11.53 ? 62  TRP A NE1 1 
ATOM   519 C CE2 . TRP A 1 63 ? 8.903   -5.691  -1.640  1.00 10.50 ? 62  TRP A CE2 1 
ATOM   520 C CE3 . TRP A 1 63 ? 8.279   -5.735  0.695   1.00 9.89  ? 62  TRP A CE3 1 
ATOM   521 C CZ2 . TRP A 1 63 ? 10.097  -5.043  -1.350  1.00 11.82 ? 62  TRP A CZ2 1 
ATOM   522 C CZ3 . TRP A 1 63 ? 9.452   -5.088  0.986   1.00 10.86 ? 62  TRP A CZ3 1 
ATOM   523 C CH2 . TRP A 1 63 ? 10.357  -4.748  -0.041  1.00 11.99 ? 62  TRP A CH2 1 
ATOM   524 N N   . GLN A 1 64 ? 8.049   -9.180  0.580   1.00 11.86 ? 63  GLN A N   1 
ATOM   525 C CA  . GLN A 1 64 ? 9.193   -9.269  1.506   1.00 12.97 ? 63  GLN A CA  1 
ATOM   526 C C   . GLN A 1 64 ? 10.528  -9.287  0.763   1.00 13.25 ? 63  GLN A C   1 
ATOM   527 O O   . GLN A 1 64 ? 11.392  -10.139 0.998   1.00 15.77 ? 63  GLN A O   1 
ATOM   528 C CB  . GLN A 1 64 ? 9.052   -10.445 2.480   1.00 13.54 ? 63  GLN A CB  1 
ATOM   529 C CG  . GLN A 1 64 ? 8.604   -11.747 1.860   1.00 14.87 ? 63  GLN A CG  1 
ATOM   530 C CD  . GLN A 1 64 ? 8.081   -12.756 2.881   1.00 16.01 ? 63  GLN A CD  1 
ATOM   531 O OE1 . GLN A 1 64 ? 8.182   -13.973 2.673   1.00 21.77 ? 63  GLN A OE1 1 
ATOM   532 N NE2 . GLN A 1 64 ? 7.465   -12.275 3.923   1.00 14.09 ? 63  GLN A NE2 1 
ATOM   533 N N   . GLY A 1 65 ? 10.685  -8.283  -0.088  1.00 14.01 ? 64  GLY A N   1 
ATOM   534 C CA  . GLY A 1 65 ? 11.955  -7.937  -0.718  1.00 15.88 ? 64  GLY A CA  1 
ATOM   535 C C   . GLY A 1 65 ? 11.869  -7.894  -2.215  1.00 15.91 ? 64  GLY A C   1 
ATOM   536 O O   . GLY A 1 65 ? 10.953  -8.422  -2.823  1.00 16.55 ? 64  GLY A O   1 
ATOM   537 N N   . GLY A 1 66 ? 12.870  -7.255  -2.808  1.00 18.27 ? 65  GLY A N   1 
ATOM   538 C CA  . GLY A 1 66 ? 12.992  -7.171  -4.257  1.00 18.42 ? 65  GLY A CA  1 
ATOM   539 C C   . GLY A 1 66 ? 12.257  -5.984  -4.858  1.00 16.47 ? 65  GLY A C   1 
ATOM   540 O O   . GLY A 1 66 ? 11.985  -4.987  -4.192  1.00 16.63 ? 65  GLY A O   1 
ATOM   541 N N   . ALA A 1 67 ? 11.964  -6.094  -6.151  1.00 16.09 ? 66  ALA A N   1 
ATOM   542 C CA  . ALA A 1 67 ? 11.259  -5.071  -6.912  1.00 14.57 ? 66  ALA A CA  1 
ATOM   543 C C   . ALA A 1 67 ? 9.924   -4.691  -6.257  1.00 13.87 ? 66  ALA A C   1 
ATOM   544 O O   . ALA A 1 67 ? 9.232   -5.559  -5.708  1.00 14.45 ? 66  ALA A O   1 
ATOM   545 C CB  . ALA A 1 67 ? 10.990  -5.596  -8.308  1.00 16.89 ? 66  ALA A CB  1 
ATOM   546 N N   . VAL A 1 68 ? 9.580   -3.401  -6.287  1.00 12.33 ? 67  VAL A N   1 
ATOM   547 C CA  . VAL A 1 68 ? 8.251   -2.913  -5.887  1.00 11.76 ? 67  VAL A CA  1 
ATOM   548 C C   . VAL A 1 68 ? 7.506   -2.498  -7.162  1.00 12.11 ? 67  VAL A C   1 
ATOM   549 O O   . VAL A 1 68 ? 7.969   -1.643  -7.897  1.00 15.48 ? 67  VAL A O   1 
ATOM   550 C CB  . VAL A 1 68 ? 8.371   -1.738  -4.889  1.00 12.19 ? 67  VAL A CB  1 
ATOM   551 C CG1 . VAL A 1 68 ? 7.032   -1.064  -4.619  1.00 13.10 ? 67  VAL A CG1 1 
ATOM   552 C CG2 . VAL A 1 68 ? 9.000   -2.219  -3.594  1.00 13.99 ? 67  VAL A CG2 1 
ATOM   553 N N   . LYS A 1 69 ? 6.403   -3.183  -7.432  1.00 11.79 ? 68  LYS A N   1 
ATOM   554 C CA  . LYS A 1 69 ? 5.519   -2.932  -8.585  1.00 14.14 ? 68  LYS A CA  1 
ATOM   555 C C   . LYS A 1 69 ? 4.204   -2.255  -8.191  1.00 14.17 ? 68  LYS A C   1 
ATOM   556 O O   . LYS A 1 69 ? 3.655   -1.478  -8.980  1.00 17.47 ? 68  LYS A O   1 
ATOM   557 C CB  . LYS A 1 69 ? 5.161   -4.248  -9.283  1.00 18.49 ? 68  LYS A CB  1 
ATOM   558 C CG  . LYS A 1 69 ? 6.292   -4.874  -10.100 1.00 24.30 ? 68  LYS A CG  1 
ATOM   559 C CD  . LYS A 1 69 ? 5.928   -6.235  -10.704 1.00 33.55 ? 68  LYS A CD  1 
ATOM   560 C CE  . LYS A 1 69 ? 4.566   -6.221  -11.399 1.00 36.73 ? 68  LYS A CE  1 
ATOM   561 N NZ  . LYS A 1 69 ? 4.309   -7.374  -12.316 1.00 39.18 ? 68  LYS A NZ  1 
ATOM   562 N N   . TYR A 1 70 ? 3.666   -2.630  -7.026  1.00 10.15 ? 69  TYR A N   1 
ATOM   563 C CA  . TYR A 1 70 ? 2.457   -2.037  -6.438  1.00 9.81  ? 69  TYR A CA  1 
ATOM   564 C C   . TYR A 1 70 ? 2.732   -1.694  -4.989  1.00 9.18  ? 69  TYR A C   1 
ATOM   565 O O   . TYR A 1 70 ? 3.528   -2.364  -4.321  1.00 9.42  ? 69  TYR A O   1 
ATOM   566 C CB  . TYR A 1 70 ? 1.255   -3.008  -6.491  1.00 11.02 ? 69  TYR A CB  1 
ATOM   567 C CG  . TYR A 1 70 ? 1.083   -3.663  -7.847  1.00 11.57 ? 69  TYR A CG  1 
ATOM   568 C CD1 . TYR A 1 70 ? 0.497   -2.965  -8.898  1.00 12.57 ? 69  TYR A CD1 1 
ATOM   569 C CD2 . TYR A 1 70 ? 1.544   -4.957  -8.098  1.00 12.58 ? 69  TYR A CD2 1 
ATOM   570 C CE1 . TYR A 1 70 ? 0.344   -3.538  -10.151 1.00 15.26 ? 69  TYR A CE1 1 
ATOM   571 C CE2 . TYR A 1 70 ? 1.393   -5.536  -9.359  1.00 15.10 ? 69  TYR A CE2 1 
ATOM   572 C CZ  . TYR A 1 70 ? 0.805   -4.808  -10.380 1.00 15.82 ? 69  TYR A CZ  1 
ATOM   573 O OH  . TYR A 1 70 ? 0.655   -5.333  -11.639 1.00 21.23 ? 69  TYR A OH  1 
ATOM   574 N N   . TYR A 1 71 ? 2.046   -0.672  -4.483  1.00 8.96  ? 70  TYR A N   1 
ATOM   575 C CA  . TYR A 1 71 ? 2.182   -0.311  -3.075  1.00 9.49  ? 70  TYR A CA  1 
ATOM   576 C C   . TYR A 1 71 ? 0.939   0.371   -2.569  1.00 9.08  ? 70  TYR A C   1 
ATOM   577 O O   . TYR A 1 71 ? 0.133   0.878   -3.348  1.00 9.98  ? 70  TYR A O   1 
ATOM   578 C CB  . TYR A 1 71 ? 3.417   0.575   -2.831  1.00 10.29 ? 70  TYR A CB  1 
ATOM   579 C CG  . TYR A 1 71 ? 3.423   1.911   -3.562  1.00 10.11 ? 70  TYR A CG  1 
ATOM   580 C CD1 . TYR A 1 71 ? 2.865   3.046   -2.974  1.00 11.23 ? 70  TYR A CD1 1 
ATOM   581 C CD2 . TYR A 1 71 ? 4.045   2.055   -4.805  1.00 11.36 ? 70  TYR A CD2 1 
ATOM   582 C CE1 . TYR A 1 71 ? 2.892   4.263   -3.622  1.00 12.61 ? 70  TYR A CE1 1 
ATOM   583 C CE2 . TYR A 1 71 ? 4.080   3.287   -5.455  1.00 12.09 ? 70  TYR A CE2 1 
ATOM   584 C CZ  . TYR A 1 71 ? 3.491   4.382   -4.865  1.00 13.74 ? 70  TYR A CZ  1 
ATOM   585 O OH  . TYR A 1 71 ? 3.521   5.602   -5.513  1.00 17.35 ? 70  TYR A OH  1 
ATOM   586 N N   . ILE A 1 72 ? 0.776   0.382   -1.246  1.00 9.14  ? 71  ILE A N   1 
ATOM   587 C CA  . ILE A 1 72 ? -0.288  1.138   -0.598  1.00 9.47  ? 71  ILE A CA  1 
ATOM   588 C C   . ILE A 1 72 ? 0.286   2.360   0.108   1.00 9.28  ? 71  ILE A C   1 
ATOM   589 O O   . ILE A 1 72 ? 1.458   2.381   0.491   1.00 9.38  ? 71  ILE A O   1 
ATOM   590 C CB  . ILE A 1 72 ? -1.103  0.258   0.387   1.00 10.37 ? 71  ILE A CB  1 
ATOM   591 C CG1 . ILE A 1 72 ? -0.350  -0.048  1.690   1.00 11.06 ? 71  ILE A CG1 1 
ATOM   592 C CG2 . ILE A 1 72 ? -1.531  -1.038  -0.298  1.00 11.32 ? 71  ILE A CG2 1 
ATOM   593 C CD1 . ILE A 1 72 ? -1.288  -0.464  2.799   1.00 12.26 ? 71  ILE A CD1 1 
ATOM   594 N N   . LEU A 1 73 ? -0.580  3.353   0.276   1.00 9.70  ? 72  LEU A N   1 
ATOM   595 C CA  . LEU A 1 73 ? -0.379  4.434   1.251   1.00 9.97  ? 72  LEU A CA  1 
ATOM   596 C C   . LEU A 1 73 ? -1.553  4.363   2.217   1.00 9.67  ? 72  LEU A C   1 
ATOM   597 O O   . LEU A 1 73 ? -2.719  4.259   1.783   1.00 10.37 ? 72  LEU A O   1 
ATOM   598 C CB  . LEU A 1 73 ? -0.322  5.809   0.587   1.00 11.02 ? 72  LEU A CB  1 
ATOM   599 C CG  . LEU A 1 73 ? 0.811   6.060   -0.409  1.00 12.98 ? 72  LEU A CG  1 
ATOM   600 C CD1 . LEU A 1 73 ? 0.683   7.436   -1.035  1.00 15.05 ? 72  LEU A CD1 1 
ATOM   601 C CD2 . LEU A 1 73 ? 2.169   5.936   0.242   1.00 14.83 ? 72  LEU A CD2 1 
ATOM   602 N N   . THR A 1 74 ? -1.265  4.420   3.516   1.00 9.85  ? 73  THR A N   1 
ATOM   603 C CA  . THR A 1 74 ? -2.306  4.294   4.528   1.00 9.49  ? 73  THR A CA  1 
ATOM   604 C C   . THR A 1 74 ? -1.951  5.025   5.812   1.00 8.78  ? 73  THR A C   1 
ATOM   605 O O   . THR A 1 74 ? -0.766  5.140   6.140   1.00 9.51  ? 73  THR A O   1 
ATOM   606 C CB  . THR A 1 74 ? -2.549  2.784   4.825   1.00 11.02 ? 73  THR A CB  1 
ATOM   607 O OG1 . THR A 1 74 ? -3.723  2.622   5.624   1.00 11.22 ? 73  THR A OG1 1 
ATOM   608 C CG2 . THR A 1 74 ? -1.329  2.105   5.494   1.00 11.08 ? 73  THR A CG2 1 
ATOM   609 N N   . ASN A 1 75 ? -2.957  5.497   6.544   1.00 9.50  ? 74  ASN A N   1 
ATOM   610 C CA  . ASN A 1 75 ? -2.748  5.883   7.935   1.00 10.86 ? 74  ASN A CA  1 
ATOM   611 C C   . ASN A 1 75 ? -3.092  4.656   8.816   1.00 12.21 ? 74  ASN A C   1 
ATOM   612 O O   . ASN A 1 75 ? -3.438  3.571   8.299   1.00 12.83 ? 74  ASN A O   1 
ATOM   613 C CB  . ASN A 1 75 ? -3.465  7.198   8.298   1.00 11.09 ? 74  ASN A CB  1 
ATOM   614 C CG  . ASN A 1 75 ? -4.961  7.124   8.172   1.00 11.23 ? 74  ASN A CG  1 
ATOM   615 O OD1 . ASN A 1 75 ? -5.522  6.052   7.938   1.00 11.50 ? 74  ASN A OD1 1 
ATOM   616 N ND2 . ASN A 1 75 ? -5.627  8.269   8.329   1.00 11.99 ? 74  ASN A ND2 1 
ATOM   617 N N   . LYS A 1 76 ? -2.923  4.760   10.121  1.00 14.38 ? 75  LYS A N   1 
ATOM   618 C CA  . LYS A 1 76 ? -2.994  3.544   10.956  1.00 15.61 ? 75  LYS A CA  1 
ATOM   619 C C   . LYS A 1 76 ? -4.328  2.773   10.816  1.00 16.51 ? 75  LYS A C   1 
ATOM   620 O O   . LYS A 1 76 ? -4.335  1.545   10.716  1.00 16.82 ? 75  LYS A O   1 
ATOM   621 C CB  . LYS A 1 76 ? -2.714  3.903   12.427  1.00 19.37 ? 75  LYS A CB  1 
ATOM   622 C CG  . LYS A 1 76 ? -2.648  2.711   13.396  1.00 23.86 ? 75  LYS A CG  1 
ATOM   623 C CD  . LYS A 1 76 ? -2.293  3.139   14.809  1.00 29.81 ? 75  LYS A CD  1 
ATOM   624 N N   . ARG A 1 77 ? -5.439  3.504   10.770  1.00 16.61 ? 76  ARG A N   1 
ATOM   625 C CA  . ARG A 1 77 ? -6.779  2.904   10.701  1.00 19.04 ? 76  ARG A CA  1 
ATOM   626 C C   . ARG A 1 77 ? -7.248  2.598   9.275   1.00 17.12 ? 76  ARG A C   1 
ATOM   627 O O   . ARG A 1 77 ? -8.295  1.975   9.074   1.00 19.51 ? 76  ARG A O   1 
ATOM   628 C CB  . ARG A 1 77 ? -7.795  3.857   11.336  1.00 21.02 ? 76  ARG A CB  1 
ATOM   629 N N   . GLY A 1 78 ? -6.500  3.071   8.277   1.00 15.20 ? 77  GLY A N   1 
ATOM   630 C CA  . GLY A 1 78 ? -6.942  3.001   6.902   1.00 15.79 ? 77  GLY A CA  1 
ATOM   631 C C   . GLY A 1 78 ? -8.096  3.923   6.590   1.00 16.93 ? 77  GLY A C   1 
ATOM   632 O O   . GLY A 1 78 ? -8.785  3.683   5.587   1.00 16.67 ? 77  GLY A O   1 
ATOM   633 N N   . SER A 1 79 ? -8.314  4.978   7.409   1.00 15.73 ? 78  SER A N   1 
ATOM   634 C CA  . SER A 1 79 ? -9.284  6.057   7.030   1.00 14.05 ? 78  SER A CA  1 
ATOM   635 C C   . SER A 1 79 ? -8.771  6.861   5.858   1.00 11.61 ? 78  SER A C   1 
ATOM   636 O O   . SER A 1 79 ? -9.545  7.510   5.172   1.00 10.76 ? 78  SER A O   1 
ATOM   637 C CB  . SER A 1 79 ? -9.590  6.983   8.204   1.00 14.24 ? 78  SER A CB  1 
ATOM   638 O OG  . SER A 1 79 ? -8.451  7.662   8.707   1.00 16.83 ? 78  SER A OG  1 
ATOM   639 N N   . TYR A 1 80 ? -7.454  6.806   5.646   1.00 10.57 ? 79  TYR A N   1 
ATOM   640 C CA  . TYR A 1 80 ? -6.847  7.091   4.338   1.00 9.97  ? 79  TYR A CA  1 
ATOM   641 C C   . TYR A 1 80 ? -6.255  5.777   3.838   1.00 9.81  ? 79  TYR A C   1 
ATOM   642 O O   . TYR A 1 80 ? -5.439  5.165   4.539   1.00 10.26 ? 79  TYR A O   1 
ATOM   643 C CB  . TYR A 1 80 ? -5.722  8.150   4.414   1.00 10.05 ? 79  TYR A CB  1 
ATOM   644 C CG  . TYR A 1 80 ? -4.990  8.308   3.092   1.00 10.01 ? 79  TYR A CG  1 
ATOM   645 C CD1 . TYR A 1 80 ? -5.679  8.567   1.914   1.00 10.27 ? 79  TYR A CD1 1 
ATOM   646 C CD2 . TYR A 1 80 ? -3.618  8.116   3.000   1.00 10.52 ? 79  TYR A CD2 1 
ATOM   647 C CE1 . TYR A 1 80 ? -5.033  8.640   0.694   1.00 11.81 ? 79  TYR A CE1 1 
ATOM   648 C CE2 . TYR A 1 80 ? -2.965  8.179   1.790   1.00 12.92 ? 79  TYR A CE2 1 
ATOM   649 C CZ  . TYR A 1 80 ? -3.669  8.457   0.640   1.00 13.90 ? 79  TYR A CZ  1 
ATOM   650 O OH  . TYR A 1 80 ? -2.974  8.501   -0.544  1.00 15.85 ? 79  TYR A OH  1 
ATOM   651 N N   . LEU A 1 81 ? -6.661  5.345   2.646   1.00 9.57  ? 80  LEU A N   1 
ATOM   652 C CA  . LEU A 1 81 ? -6.111  4.128   2.034   1.00 9.36  ? 80  LEU A CA  1 
ATOM   653 C C   . LEU A 1 81 ? -6.208  4.256   0.523   1.00 9.51  ? 80  LEU A C   1 
ATOM   654 O O   . LEU A 1 81 ? -7.310  4.416   -0.007  1.00 10.15 ? 80  LEU A O   1 
ATOM   655 C CB  . LEU A 1 81 ? -6.874  2.883   2.499   1.00 10.40 ? 80  LEU A CB  1 
ATOM   656 C CG  . LEU A 1 81 ? -6.517  1.554   1.842   1.00 10.71 ? 80  LEU A CG  1 
ATOM   657 C CD1 . LEU A 1 81 ? -5.040  1.207   2.008   1.00 11.59 ? 80  LEU A CD1 1 
ATOM   658 C CD2 . LEU A 1 81 ? -7.407  0.448   2.398   1.00 12.49 ? 80  LEU A CD2 1 
ATOM   659 N N   . GLU A 1 82 ? -5.061  4.218   -0.157  1.00 9.30  ? 81  GLU A N   1 
ATOM   660 C CA  . GLU A 1 82 ? -5.007  4.186   -1.608  1.00 9.80  ? 81  GLU A CA  1 
ATOM   661 C C   . GLU A 1 82 ? -3.935  3.188   -2.061  1.00 9.67  ? 81  GLU A C   1 
ATOM   662 O O   . GLU A 1 82 ? -2.993  2.902   -1.333  1.00 9.97  ? 81  GLU A O   1 
ATOM   663 C CB  . GLU A 1 82 ? -4.735  5.585   -2.180  1.00 11.78 ? 81  GLU A CB  1 
ATOM   664 C CG  . GLU A 1 82 ? -5.910  6.569   -2.157  1.00 13.93 ? 81  GLU A CG  1 
ATOM   665 C CD  . GLU A 1 82 ? -5.625  7.905   -2.830  1.00 15.46 ? 81  GLU A CD  1 
ATOM   666 O OE1 . GLU A 1 82 ? -4.544  8.466   -2.659  1.00 16.14 ? 81  GLU A OE1 1 
ATOM   667 O OE2 . GLU A 1 82 ? -6.548  8.427   -3.472  1.00 22.89 ? 81  GLU A OE2 1 
ATOM   668 N N   . VAL A 1 83 ? -4.122  2.682   -3.269  1.00 9.42  ? 82  VAL A N   1 
ATOM   669 C CA  . VAL A 1 83 ? -3.248  1.701   -3.886  1.00 8.93  ? 82  VAL A CA  1 
ATOM   670 C C   . VAL A 1 83 ? -2.715  2.270   -5.207  1.00 9.07  ? 82  VAL A C   1 
ATOM   671 O O   . VAL A 1 83 ? -3.452  2.920   -5.958  1.00 10.06 ? 82  VAL A O   1 
ATOM   672 C CB  . VAL A 1 83 ? -3.965  0.340   -4.097  1.00 9.96  ? 82  VAL A CB  1 
ATOM   673 C CG1 . VAL A 1 83 ? -3.014  -0.747  -4.595  1.00 11.68 ? 82  VAL A CG1 1 
ATOM   674 C CG2 . VAL A 1 83 ? -4.659  -0.102  -2.800  1.00 10.83 ? 82  VAL A CG2 1 
ATOM   675 N N   . PHE A 1 84 ? -1.438  2.001   -5.484  1.00 10.05 ? 83  PHE A N   1 
ATOM   676 C CA  . PHE A 1 84 ? -0.729  2.540   -6.649  1.00 10.18 ? 83  PHE A CA  1 
ATOM   677 C C   . PHE A 1 84 ? 0.125   1.485   -7.321  1.00 11.24 ? 83  PHE A C   1 
ATOM   678 O O   . PHE A 1 84 ? 0.555   0.526   -6.685  1.00 11.80 ? 83  PHE A O   1 
ATOM   679 C CB  . PHE A 1 84 ? 0.206   3.691   -6.225  1.00 12.67 ? 83  PHE A CB  1 
ATOM   680 C CG  . PHE A 1 84 ? -0.512  4.783   -5.534  1.00 12.90 ? 83  PHE A CG  1 
ATOM   681 C CD1 . PHE A 1 84 ? -1.086  5.809   -6.259  1.00 12.96 ? 83  PHE A CD1 1 
ATOM   682 C CD2 . PHE A 1 84 ? -0.695  4.742   -4.165  1.00 13.26 ? 83  PHE A CD2 1 
ATOM   683 C CE1 . PHE A 1 84 ? -1.824  6.805   -5.623  1.00 15.82 ? 83  PHE A CE1 1 
ATOM   684 C CE2 . PHE A 1 84 ? -1.441  5.711   -3.533  1.00 15.85 ? 83  PHE A CE2 1 
ATOM   685 C CZ  . PHE A 1 84 ? -2.018  6.741   -4.255  1.00 15.07 ? 83  PHE A CZ  1 
ATOM   686 N N   . SER A 1 85 ? 0.367   1.696   -8.616  1.00 11.86 ? 84  SER A N   1 
ATOM   687 C CA  A SER A 1 85 ? 1.389   0.960   -9.346  0.50 12.84 ? 84  SER A CA  1 
ATOM   688 C CA  B SER A 1 85 ? 1.378   0.965   -9.408  0.50 12.80 ? 84  SER A CA  1 
ATOM   689 C C   . SER A 1 85 ? 2.571   1.880   -9.595  1.00 13.60 ? 84  SER A C   1 
ATOM   690 O O   . SER A 1 85 ? 2.397   3.083   -9.772  1.00 16.58 ? 84  SER A O   1 
ATOM   691 C CB  A SER A 1 85 ? 0.797   0.477   -10.670 0.50 16.08 ? 84  SER A CB  1 
ATOM   692 C CB  B SER A 1 85 ? 0.842   0.606   -10.818 0.50 13.63 ? 84  SER A CB  1 
ATOM   693 O OG  A SER A 1 85 ? 1.654   -0.441  -11.294 0.50 21.17 ? 84  SER A OG  1 
ATOM   694 O OG  B SER A 1 85 ? -0.329  -0.191  -10.797 0.50 14.90 ? 84  SER A OG  1 
ATOM   695 N N   . SER A 1 86 ? 3.775   1.332   -9.631  1.00 12.28 ? 85  SER A N   1 
ATOM   696 C CA  . SER A 1 86 ? 5.001   2.137   -9.874  1.00 13.01 ? 85  SER A CA  1 
ATOM   697 C C   . SER A 1 86 ? 5.269   2.365   -11.371 1.00 13.38 ? 85  SER A C   1 
ATOM   698 O O   . SER A 1 86 ? 6.296   1.940   -11.922 1.00 16.88 ? 85  SER A O   1 
ATOM   699 C CB  . SER A 1 86 ? 6.211   1.480   -9.196  1.00 14.52 ? 85  SER A CB  1 
ATOM   700 O OG  . SER A 1 86 ? 5.982   1.310   -7.796  1.00 16.35 ? 85  SER A OG  1 
ATOM   701 N N   . VAL A 1 87 ? 4.338   3.093   -11.983 1.00 15.01 ? 86  VAL A N   1 
ATOM   702 C CA  . VAL A 1 87 ? 4.358   3.541   -13.374 1.00 21.09 ? 86  VAL A CA  1 
ATOM   703 C C   . VAL A 1 87 ? 4.265   5.103   -13.383 1.00 17.89 ? 86  VAL A C   1 
ATOM   704 O O   . VAL A 1 87 ? 4.604   5.747   -12.392 1.00 23.66 ? 86  VAL A O   1 
ATOM   705 C CB  . VAL A 1 87 ? 3.260   2.805   -14.165 1.00 22.32 ? 86  VAL A CB  1 
ATOM   706 C CG1 . VAL A 1 87 ? 3.503   1.315   -14.087 1.00 22.99 ? 86  VAL A CG1 1 
ATOM   707 C CG2 . VAL A 1 87 ? 1.852   3.090   -13.653 1.00 20.78 ? 86  VAL A CG2 1 
ATOM   708 N N   . GLY A 1 88 ? 3.758   5.731   -14.434 1.00 21.42 ? 87  GLY A N   1 
ATOM   709 C CA  . GLY A 1 88 ? 3.780   7.185   -14.447 1.00 19.19 ? 87  GLY A CA  1 
ATOM   710 C C   . GLY A 1 88 ? 2.390   7.703   -14.216 1.00 31.38 ? 87  GLY A C   1 
ATOM   711 O O   . GLY A 1 88 ? 1.805   7.556   -13.136 1.00 38.74 ? 87  GLY A O   1 
ATOM   712 N N   . SER A 1 89 ? 1.907   8.287   -15.321 1.00 35.71 ? 88  SER A N   1 
ATOM   713 C CA  . SER A 1 89 ? 0.574   8.853   -15.425 1.00 41.23 ? 88  SER A CA  1 
ATOM   714 C C   . SER A 1 89 ? -0.446  7.997   -14.737 1.00 39.17 ? 88  SER A C   1 
ATOM   715 O O   . SER A 1 89 ? -1.091  8.444   -13.789 1.00 43.56 ? 88  SER A O   1 
ATOM   716 C CB  . SER A 1 89 ? 0.187   9.031   -16.908 1.00 37.90 ? 88  SER A CB  1 
ATOM   717 O OG  . SER A 1 89 ? 0.778   10.188  -17.456 1.00 39.69 ? 88  SER A OG  1 
ATOM   718 N N   . GLY A 1 90 ? -0.572  6.750   -15.174 1.00 41.00 ? 89  GLY A N   1 
ATOM   719 C CA  . GLY A 1 90 ? -1.658  5.896   -14.676 1.00 36.14 ? 89  GLY A CA  1 
ATOM   720 C C   . GLY A 1 90 ? -1.419  5.182   -13.356 1.00 28.33 ? 89  GLY A C   1 
ATOM   721 O O   . GLY A 1 90 ? -1.889  4.065   -13.187 1.00 29.39 ? 89  GLY A O   1 
ATOM   722 N N   . ASN A 1 91 ? -0.717  5.808   -12.412 1.00 21.72 ? 90  ASN A N   1 
ATOM   723 C CA  . ASN A 1 91 ? -0.310  5.106   -11.197 1.00 16.62 ? 90  ASN A CA  1 
ATOM   724 C C   . ASN A 1 91 ? -1.445  4.792   -10.211 1.00 13.95 ? 90  ASN A C   1 
ATOM   725 O O   . ASN A 1 91 ? -1.332  3.824   -9.493  1.00 13.52 ? 90  ASN A O   1 
ATOM   726 C CB  . ASN A 1 91 ? 0.840   5.814   -10.441 1.00 16.75 ? 90  ASN A CB  1 
ATOM   727 C CG  . ASN A 1 91 ? 0.408   7.114   -9.766  1.00 17.53 ? 90  ASN A CG  1 
ATOM   728 O OD1 . ASN A 1 91 ? -0.344  7.866   -10.336 1.00 21.47 ? 90  ASN A OD1 1 
ATOM   729 N ND2 . ASN A 1 91 ? 0.962   7.408   -8.569  1.00 19.39 ? 90  ASN A ND2 1 
ATOM   730 N N   . LYS A 1 92 ? -2.507  5.590   -10.143 1.00 14.42 ? 91  LYS A N   1 
ATOM   731 C CA  . LYS A 1 92 ? -3.530  5.335   -9.122  1.00 13.88 ? 91  LYS A CA  1 
ATOM   732 C C   . LYS A 1 92 ? -4.430  4.164   -9.511  1.00 13.18 ? 91  LYS A C   1 
ATOM   733 O O   . LYS A 1 92 ? -4.990  4.145   -10.582 1.00 16.99 ? 91  LYS A O   1 
ATOM   734 C CB  . LYS A 1 92 ? -4.360  6.583   -8.812  1.00 18.34 ? 91  LYS A CB  1 
ATOM   735 C CG  . LYS A 1 92 ? -5.323  6.458   -7.629  1.00 21.85 ? 91  LYS A CG  1 
ATOM   736 C CD  . LYS A 1 92 ? -4.763  5.817   -6.375  1.00 25.00 ? 91  LYS A CD  1 
ATOM   737 N N   . CYS A 1 93 ? -4.590  3.215   -8.611  1.00 12.71 ? 92  CYS A N   1 
ATOM   738 C CA  . CYS A 1 93 ? -5.476  2.071   -8.822  1.00 12.05 ? 92  CYS A CA  1 
ATOM   739 C C   . CYS A 1 93 ? -6.913  2.454   -8.399  1.00 12.92 ? 92  CYS A C   1 
ATOM   740 O O   . CYS A 1 93 ? -7.109  3.317   -7.544  1.00 16.22 ? 92  CYS A O   1 
ATOM   741 C CB  . CYS A 1 93 ? -4.972  0.878   -8.007  1.00 11.61 ? 92  CYS A CB  1 
ATOM   742 S SG  . CYS A 1 93 ? -3.219  0.525   -8.270  1.00 13.04 ? 92  CYS A SG  1 
ATOM   743 N N   . THR A 1 94 ? -7.898  1.793   -8.996  1.00 14.76 ? 93  THR A N   1 
ATOM   744 C CA  . THR A 1 94 ? -9.318  2.069   -8.770  1.00 16.25 ? 93  THR A CA  1 
ATOM   745 C C   . THR A 1 94 ? -9.916  0.977   -7.886  1.00 15.87 ? 93  THR A C   1 
ATOM   746 O O   . THR A 1 94 ? -9.710  -0.205  -8.166  1.00 16.44 ? 93  THR A O   1 
ATOM   747 C CB  . THR A 1 94 ? -10.067 2.073   -10.130 1.00 20.48 ? 93  THR A CB  1 
ATOM   748 O OG1 . THR A 1 94 ? -9.519  3.096   -10.976 1.00 27.86 ? 93  THR A OG1 1 
ATOM   749 C CG2 . THR A 1 94 ? -11.552 2.343   -9.966  1.00 24.98 ? 93  THR A CG2 1 
ATOM   750 N N   . PHE A 1 95 ? -10.640 1.374   -6.829  1.00 16.14 ? 94  PHE A N   1 
ATOM   751 C CA  . PHE A 1 95 ? -11.363 0.439   -5.969  1.00 17.35 ? 94  PHE A CA  1 
ATOM   752 C C   . PHE A 1 95 ? -12.633 0.000   -6.668  1.00 17.54 ? 94  PHE A C   1 
ATOM   753 O O   . PHE A 1 95 ? -13.422 0.836   -7.149  1.00 20.35 ? 94  PHE A O   1 
ATOM   754 C CB  . PHE A 1 95 ? -11.714 1.057   -4.613  1.00 19.04 ? 94  PHE A CB  1 
ATOM   755 C CG  . PHE A 1 95 ? -12.452 0.120   -3.697  1.00 18.35 ? 94  PHE A CG  1 
ATOM   756 C CD1 . PHE A 1 95 ? -11.819 -1.002  -3.167  1.00 19.29 ? 94  PHE A CD1 1 
ATOM   757 C CD2 . PHE A 1 95 ? -13.788 0.348   -3.372  1.00 23.61 ? 94  PHE A CD2 1 
ATOM   758 C CE1 . PHE A 1 95 ? -12.488 -1.863  -2.319  1.00 22.00 ? 94  PHE A CE1 1 
ATOM   759 C CE2 . PHE A 1 95 ? -14.470 -0.516  -2.525  1.00 30.63 ? 94  PHE A CE2 1 
ATOM   760 C CZ  . PHE A 1 95 ? -13.814 -1.626  -2.004  1.00 27.04 ? 94  PHE A CZ  1 
ATOM   761 N N   . VAL A 1 96 ? -12.814 -1.313  -6.731  1.00 18.19 ? 95  VAL A N   1 
ATOM   762 C CA  . VAL A 1 96 ? -13.963 -1.922  -7.394  1.00 19.70 ? 95  VAL A CA  1 
ATOM   763 C C   . VAL A 1 96 ? -14.749 -2.686  -6.333  1.00 22.24 ? 95  VAL A C   1 
ATOM   764 O O   . VAL A 1 96 ? -14.232 -3.642  -5.742  1.00 21.59 ? 95  VAL A O   1 
ATOM   765 C CB  . VAL A 1 96 ? -13.534 -2.866  -8.548  1.00 18.50 ? 95  VAL A CB  1 
ATOM   766 C CG1 . VAL A 1 96 ? -14.754 -3.471  -9.243  1.00 21.63 ? 95  VAL A CG1 1 
ATOM   767 C CG2 . VAL A 1 96 ? -12.677 -2.123  -9.556  1.00 21.15 ? 95  VAL A CG2 1 
ATOM   768 N N   . GLU A 1 97 ? -15.985 -2.250  -6.083  1.00 27.93 ? 98  GLU A N   1 
ATOM   769 C CA  . GLU A 1 97 ? -16.871 -2.909  -5.122  1.00 33.79 ? 98  GLU A CA  1 
ATOM   770 C C   . GLU A 1 97 ? -17.372 -4.205  -5.739  1.00 34.90 ? 98  GLU A C   1 
ATOM   771 O O   . GLU A 1 97 ? -17.888 -4.195  -6.857  1.00 48.54 ? 98  GLU A O   1 
ATOM   772 C CB  . GLU A 1 97 ? -18.061 -2.012  -4.759  1.00 40.46 ? 98  GLU A CB  1 
ATOM   773 N N   . GLY A 1 98 ? -17.233 -5.307  -5.007  1.00 40.49 ? 99  GLY A N   1 
ATOM   774 C CA  . GLY A 1 98 ? -17.583 -6.639  -5.506  1.00 46.04 ? 99  GLY A CA  1 
ATOM   775 C C   . GLY A 1 98 ? -16.965 -7.024  -6.840  1.00 45.27 ? 99  GLY A C   1 
HETATM 776 O O   . HOH B 2 .  ? 7.492   -9.585  -4.640  1.00 24.64 ? 101 HOH A O   1 
HETATM 777 O O   . HOH B 2 .  ? 6.333   -12.881 -1.853  1.00 27.57 ? 102 HOH A O   1 
HETATM 778 O O   . HOH B 2 .  ? 4.207   9.888   14.067  1.00 28.00 ? 103 HOH A O   1 
HETATM 779 O O   . HOH B 2 .  ? 5.484   -7.624  -6.402  1.00 25.88 ? 104 HOH A O   1 
HETATM 780 O O   . HOH B 2 .  ? -12.867 -3.911  -13.044 1.00 40.46 ? 105 HOH A O   1 
HETATM 781 O O   . HOH B 2 .  ? -10.881 -11.523 -6.019  1.00 15.94 ? 106 HOH A O   1 
HETATM 782 O O   . HOH B 2 .  ? -1.970  -8.624  -15.348 1.00 33.27 ? 107 HOH A O   1 
HETATM 783 O O   . HOH B 2 .  ? -1.433  -4.444  -15.756 1.00 35.59 ? 108 HOH A O   1 
HETATM 784 O O   . HOH B 2 .  ? 3.832   -1.766  -11.950 1.00 31.85 ? 109 HOH A O   1 
HETATM 785 O O   . HOH B 2 .  ? -3.919  -19.806 -0.277  1.00 26.24 ? 110 HOH A O   1 
HETATM 786 O O   . HOH B 2 .  ? -3.087  -13.568 -0.137  1.00 22.99 ? 111 HOH A O   1 
HETATM 787 O O   . HOH B 2 .  ? 15.533  -7.632  0.890   1.00 31.30 ? 112 HOH A O   1 
HETATM 788 O O   . HOH B 2 .  ? 0.094   -7.762  1.557   1.00 10.59 ? 113 HOH A O   1 
HETATM 789 O O   . HOH B 2 .  ? -8.240  1.704   -12.895 1.00 33.24 ? 114 HOH A O   1 
HETATM 790 O O   . HOH B 2 .  ? 3.612   -15.057 -5.145  1.00 36.83 ? 115 HOH A O   1 
HETATM 791 O O   . HOH B 2 .  ? 0.649   2.637   -17.628 1.00 28.83 ? 116 HOH A O   1 
HETATM 792 O O   . HOH B 2 .  ? -8.375  -1.592  -16.319 1.00 23.93 ? 117 HOH A O   1 
HETATM 793 O O   . HOH B 2 .  ? -1.780  7.165   11.366  1.00 16.21 ? 118 HOH A O   1 
HETATM 794 O O   . HOH B 2 .  ? 15.081  -2.896  5.835   1.00 31.66 ? 119 HOH A O   1 
HETATM 795 O O   . HOH B 2 .  ? 0.089   -3.362  12.836  1.00 21.29 ? 120 HOH A O   1 
HETATM 796 O O   . HOH B 2 .  ? -2.311  1.590   -11.450 1.00 19.58 ? 121 HOH A O   1 
HETATM 797 O O   . HOH B 2 .  ? 0.474   -8.653  -1.036  1.00 11.14 ? 122 HOH A O   1 
HETATM 798 O O   . HOH B 2 .  ? -2.136  -11.178 1.718   1.00 12.93 ? 123 HOH A O   1 
HETATM 799 O O   . HOH B 2 .  ? 8.858   10.275  3.517   1.00 31.38 ? 124 HOH A O   1 
HETATM 800 O O   . HOH B 2 .  ? -2.395  -0.463  10.598  1.00 15.56 ? 125 HOH A O   1 
HETATM 801 O O   . HOH B 2 .  ? 5.584   -10.212 4.103   1.00 13.17 ? 126 HOH A O   1 
HETATM 802 O O   . HOH B 2 .  ? 9.630   -8.315  -5.439  1.00 26.51 ? 127 HOH A O   1 
HETATM 803 O O   . HOH B 2 .  ? 1.569   12.766  8.276   1.00 14.49 ? 128 HOH A O   1 
HETATM 804 O O   . HOH B 2 .  ? 8.864   2.393   -3.498  1.00 13.08 ? 129 HOH A O   1 
HETATM 805 O O   . HOH B 2 .  ? 8.949   -2.006  -10.508 1.00 23.58 ? 130 HOH A O   1 
HETATM 806 O O   . HOH B 2 .  ? 2.721   -6.905  1.317   1.00 9.87  ? 131 HOH A O   1 
HETATM 807 O O   . HOH B 2 .  ? -1.165  -19.659 -3.502  1.00 21.84 ? 132 HOH A O   1 
HETATM 808 O O   . HOH B 2 .  ? -6.293  -4.323  7.644   1.00 18.96 ? 133 HOH A O   1 
HETATM 809 O O   . HOH B 2 .  ? 10.843  3.103   2.188   1.00 17.52 ? 134 HOH A O   1 
HETATM 810 O O   . HOH B 2 .  ? 8.729   -10.081 -2.061  1.00 21.84 ? 135 HOH A O   1 
HETATM 811 O O   . HOH B 2 .  ? 8.038   2.579   -6.242  0.50 11.92 ? 136 HOH A O   1 
HETATM 812 O O   . HOH B 2 .  ? 1.983   19.987  5.866   1.00 22.86 ? 137 HOH A O   1 
HETATM 813 O O   . HOH B 2 .  ? -11.061 4.205   -6.432  1.00 30.92 ? 138 HOH A O   1 
HETATM 814 O O   . HOH B 2 .  ? -3.884  -6.270  -18.170 1.00 34.63 ? 139 HOH A O   1 
HETATM 815 O O   . HOH B 2 .  ? -10.297 -9.829  -3.743  1.00 15.62 ? 140 HOH A O   1 
HETATM 816 O O   . HOH B 2 .  ? 7.925   2.735   14.054  1.00 21.73 ? 141 HOH A O   1 
HETATM 817 O O   . HOH B 2 .  ? -5.645  6.308   11.499  1.00 30.91 ? 142 HOH A O   1 
HETATM 818 O O   . HOH B 2 .  ? -0.460  10.343  13.595  1.00 22.87 ? 143 HOH A O   1 
HETATM 819 O O   . HOH B 2 .  ? 12.915  -8.562  -7.353  1.00 21.19 ? 144 HOH A O   1 
HETATM 820 O O   . HOH B 2 .  ? 10.337  7.629   4.915   1.00 23.47 ? 145 HOH A O   1 
HETATM 821 O O   . HOH B 2 .  ? 3.219   -8.572  -7.653  1.00 24.82 ? 146 HOH A O   1 
HETATM 822 O O   . HOH B 2 .  ? 5.101   -5.001  -5.549  1.00 15.00 ? 147 HOH A O   1 
HETATM 823 O O   . HOH B 2 .  ? -6.229  10.613  11.399  1.00 33.59 ? 148 HOH A O   1 
HETATM 824 O O   . HOH B 2 .  ? -8.547  3.441   -2.473  1.00 23.01 ? 149 HOH A O   1 
HETATM 825 O O   . HOH B 2 .  ? -14.355 -9.974  -7.823  1.00 30.00 ? 150 HOH A O   1 
HETATM 826 O O   . HOH B 2 .  ? -5.638  -9.671  -12.755 1.00 16.92 ? 151 HOH A O   1 
HETATM 827 O O   . HOH B 2 .  ? 6.907   6.322   12.803  1.00 18.86 ? 152 HOH A O   1 
HETATM 828 O O   . HOH B 2 .  ? -6.791  13.508  10.733  1.00 24.77 ? 153 HOH A O   1 
HETATM 829 O O   . HOH B 2 .  ? 2.034   5.056   -16.734 1.00 20.20 ? 154 HOH A O   1 
HETATM 830 O O   . HOH B 2 .  ? 7.972   12.605  7.011   1.00 15.74 ? 155 HOH A O   1 
HETATM 831 O O   . HOH B 2 .  ? 10.568  -3.501  13.313  1.00 15.37 ? 156 HOH A O   1 
HETATM 832 O O   . HOH B 2 .  ? 0.753   13.791  10.848  1.00 20.04 ? 157 HOH A O   1 
HETATM 833 O O   . HOH B 2 .  ? -5.469  1.974   -12.746 1.00 24.80 ? 158 HOH A O   1 
HETATM 834 O O   . HOH B 2 .  ? -3.298  7.980   -11.824 1.00 57.91 ? 159 HOH A O   1 
HETATM 835 O O   . HOH B 2 .  ? 3.765   12.414  13.273  1.00 27.40 ? 160 HOH A O   1 
HETATM 836 O O   . HOH B 2 .  ? 3.763   1.802   14.231  1.00 40.69 ? 161 HOH A O   1 
HETATM 837 O O   . HOH B 2 .  ? 3.573   4.718   13.986  1.00 32.96 ? 162 HOH A O   1 
HETATM 838 O O   . HOH B 2 .  ? -9.061  -11.089 -1.535  1.00 12.02 ? 163 HOH A O   1 
HETATM 839 O O   . HOH B 2 .  ? 13.659  -2.650  -3.116  0.50 35.85 ? 164 HOH A O   1 
HETATM 840 O O   . HOH B 2 .  ? -4.029  8.653   11.559  1.00 28.62 ? 165 HOH A O   1 
HETATM 841 O O   . HOH B 2 .  ? -3.719  -3.457  -19.160 1.00 35.89 ? 166 HOH A O   1 
HETATM 842 O O   . HOH B 2 .  ? 7.891   7.100   -0.709  1.00 37.87 ? 167 HOH A O   1 
HETATM 843 O O   . HOH B 2 .  ? 5.771   -10.478 -10.665 1.00 38.98 ? 168 HOH A O   1 
HETATM 844 O O   . HOH B 2 .  ? 15.797  -4.138  -4.171  1.00 51.62 ? 169 HOH A O   1 
HETATM 845 O O   . HOH B 2 .  ? -15.697 -13.645 -1.866  1.00 34.19 ? 170 HOH A O   1 
HETATM 846 O O   . HOH B 2 .  ? 0.935   12.902  13.372  1.00 26.15 ? 171 HOH A O   1 
HETATM 847 O O   . HOH B 2 .  ? 8.231   13.103  4.203   1.00 24.94 ? 172 HOH A O   1 
HETATM 848 O O   . HOH B 2 .  ? -6.854  -7.196  8.670   1.00 19.42 ? 173 HOH A O   1 
HETATM 849 O O   . HOH B 2 .  ? 9.336   -12.807 -1.947  1.00 36.72 ? 174 HOH A O   1 
HETATM 850 O O   . HOH B 2 .  ? 16.873  -7.666  -4.837  1.00 33.52 ? 175 HOH A O   1 
HETATM 851 O O   . HOH B 2 .  ? -2.042  -1.683  13.050  1.00 25.16 ? 176 HOH A O   1 
HETATM 852 O O   . HOH B 2 .  ? -0.514  6.718   13.804  1.00 28.71 ? 177 HOH A O   1 
HETATM 853 O O   . HOH B 2 .  ? 11.863  -8.997  -9.842  1.00 20.34 ? 178 HOH A O   1 
HETATM 854 O O   . HOH B 2 .  ? -3.136  -10.936 -12.725 1.00 30.63 ? 179 HOH A O   1 
HETATM 855 O O   . HOH B 2 .  ? -8.186  -2.411  6.486   1.00 36.37 ? 180 HOH A O   1 
HETATM 856 O O   . HOH B 2 .  ? 9.400   8.745   1.084   1.00 42.43 ? 181 HOH A O   1 
HETATM 857 O O   . HOH B 2 .  ? 6.808   -13.333 -10.068 1.00 31.94 ? 182 HOH A O   1 
HETATM 858 O O   . HOH B 2 .  ? 19.301  -10.145 -0.265  1.00 32.10 ? 183 HOH A O   1 
HETATM 859 O O   . HOH B 2 .  ? -15.115 5.963   1.599   1.00 38.90 ? 184 HOH A O   1 
HETATM 860 O O   . HOH B 2 .  ? -2.446  -6.666  -21.890 1.00 36.07 ? 185 HOH A O   1 
HETATM 861 O O   . HOH B 2 .  ? -1.558  -2.626  -23.254 1.00 33.45 ? 186 HOH A O   1 
# 
loop_
_atom_site_anisotrop.id 
_atom_site_anisotrop.type_symbol 
_atom_site_anisotrop.pdbx_label_atom_id 
_atom_site_anisotrop.pdbx_label_alt_id 
_atom_site_anisotrop.pdbx_label_comp_id 
_atom_site_anisotrop.pdbx_label_asym_id 
_atom_site_anisotrop.pdbx_label_seq_id 
_atom_site_anisotrop.pdbx_PDB_ins_code 
_atom_site_anisotrop.U[1][1] 
_atom_site_anisotrop.U[2][2] 
_atom_site_anisotrop.U[3][3] 
_atom_site_anisotrop.U[1][2] 
_atom_site_anisotrop.U[1][3] 
_atom_site_anisotrop.U[2][3] 
_atom_site_anisotrop.pdbx_auth_seq_id 
_atom_site_anisotrop.pdbx_auth_comp_id 
_atom_site_anisotrop.pdbx_auth_asym_id 
_atom_site_anisotrop.pdbx_auth_atom_id 
1   C C   . ALA A 1  ? 0.4513 0.4763 0.4990 0.0290  0.0199  -0.0294 0   ALA A C   
2   O O   . ALA A 1  ? 0.4426 0.4718 0.5465 0.0123  0.0172  -0.0516 0   ALA A O   
3   N N   . ALA A 2  ? 0.4061 0.4010 0.5185 -0.0662 -0.0115 -0.0297 1   ALA A N   
4   C CA  . ALA A 2  ? 0.3574 0.3055 0.4142 -0.0449 0.0527  0.0005  1   ALA A CA  
5   C C   . ALA A 2  ? 0.3013 0.2532 0.3195 -0.0509 -0.0102 -0.0469 1   ALA A C   
6   O O   . ALA A 2  ? 0.3175 0.3679 0.3215 -0.0749 -0.0036 -0.0664 1   ALA A O   
7   C CB  . ALA A 2  ? 0.3941 0.3667 0.4076 -0.0137 -0.0017 -0.0197 1   ALA A CB  
8   N N   . ALA A 3  ? 0.2836 0.2540 0.2536 -0.0700 0.0311  -0.0327 2   ALA A N   
9   C CA  . ALA A 3  ? 0.2335 0.2553 0.2879 -0.0338 0.0045  0.0117  2   ALA A CA  
10  C C   . ALA A 3  ? 0.2176 0.2199 0.2326 -0.0337 -0.0224 0.0280  2   ALA A C   
11  O O   . ALA A 3  ? 0.3204 0.2127 0.1690 -0.0034 0.0091  0.0240  2   ALA A O   
12  C CB  . ALA A 3  ? 0.2871 0.3132 0.3076 -0.0259 0.0071  -0.0253 2   ALA A CB  
13  N N   . TYR A 4  ? 0.1925 0.2155 0.1894 -0.0166 -0.0148 0.0092  3   TYR A N   
14  C CA  . TYR A 4  ? 0.1934 0.2014 0.1616 -0.0017 -0.0177 0.0056  3   TYR A CA  
15  C C   . TYR A 4  ? 0.1903 0.2011 0.1841 0.0029  -0.0249 0.0082  3   TYR A C   
16  O O   . TYR A 4  ? 0.1616 0.2119 0.1905 0.0021  -0.0323 -0.0144 3   TYR A O   
17  C CB  . TYR A 4  ? 0.1946 0.1826 0.1664 -0.0124 -0.0194 0.0123  3   TYR A CB  
18  C CG  . TYR A 4  ? 0.2238 0.1991 0.1703 -0.0357 -0.0355 0.0132  3   TYR A CG  
19  C CD1 . TYR A 4  ? 0.2384 0.1822 0.1735 -0.0277 -0.0360 0.0207  3   TYR A CD1 
20  C CD2 . TYR A 4  ? 0.2224 0.2189 0.2166 -0.0294 -0.0602 0.0297  3   TYR A CD2 
21  C CE1 . TYR A 4  ? 0.3162 0.2133 0.1782 -0.0097 -0.0589 0.0193  3   TYR A CE1 
22  C CE2 . TYR A 4  ? 0.2992 0.2654 0.2365 -0.0280 -0.1023 0.0060  3   TYR A CE2 
23  C CZ  . TYR A 4  ? 0.3162 0.2790 0.2154 -0.0047 -0.0799 0.0038  3   TYR A CZ  
24  O OH  . TYR A 4  ? 0.4886 0.3320 0.2623 -0.0053 -0.1691 0.0161  3   TYR A OH  
25  N N   . TRP A 5  ? 0.1917 0.1981 0.1622 -0.0008 -0.0252 0.0046  4   TRP A N   
26  C CA  . TRP A 5  ? 0.1870 0.1982 0.1754 0.0015  -0.0247 0.0103  4   TRP A CA  
27  C C   . TRP A 5  ? 0.1787 0.1882 0.1694 0.0095  -0.0190 0.0327  4   TRP A C   
28  O O   . TRP A 5  ? 0.2341 0.1934 0.1523 0.0217  -0.0204 0.0337  4   TRP A O   
29  C CB  . TRP A 5  ? 0.1830 0.2008 0.1820 -0.0015 -0.0221 0.0096  4   TRP A CB  
30  C CG  . TRP A 5  ? 0.1244 0.2283 0.2311 0.0175  -0.0407 -0.0192 4   TRP A CG  
31  C CD1 . TRP A 5  ? 0.1377 0.2394 0.2480 0.0158  -0.0440 0.0146  4   TRP A CD1 
32  C CD2 . TRP A 5  ? 0.1383 0.2237 0.2574 0.0020  -0.0394 -0.0079 4   TRP A CD2 
33  N NE1 . TRP A 5  ? 0.1717 0.2233 0.3120 0.0158  -0.0279 -0.0237 4   TRP A NE1 
34  C CE2 . TRP A 5  ? 0.1228 0.2670 0.2387 -0.0001 -0.0215 -0.0388 4   TRP A CE2 
35  C CE3 . TRP A 5  ? 0.1476 0.2343 0.2150 0.0138  -0.0363 -0.0132 4   TRP A CE3 
36  C CZ2 . TRP A 5  ? 0.1643 0.2593 0.2546 0.0148  -0.0081 -0.0443 4   TRP A CZ2 
37  C CZ3 . TRP A 5  ? 0.2255 0.2625 0.2102 0.0033  -0.0439 -0.0179 4   TRP A CZ3 
38  C CH2 . TRP A 5  ? 0.2255 0.2752 0.2742 0.0092  0.0034  -0.0315 4   TRP A CH2 
39  N N   . ASP A 6  ? 0.1873 0.1562 0.1636 -0.0110 -0.0287 0.0211  5   ASP A N   
40  C CA  . ASP A 6  ? 0.1873 0.1347 0.1623 -0.0234 -0.0317 0.0049  5   ASP A CA  
41  C C   . ASP A 6  ? 0.2049 0.1236 0.1389 -0.0287 -0.0300 0.0161  5   ASP A C   
42  O O   . ASP A 6  ? 0.1854 0.1268 0.1978 -0.0279 -0.0407 0.0257  5   ASP A O   
43  C CB  . ASP A 6  ? 0.2172 0.1578 0.1828 -0.0200 -0.0542 0.0044  5   ASP A CB  
44  C CG  . ASP A 6  ? 0.2677 0.1818 0.1822 -0.0108 -0.0575 0.0191  5   ASP A CG  
45  O OD1 . ASP A 6  ? 0.2812 0.1945 0.1537 -0.0360 -0.0410 0.0300  5   ASP A OD1 
46  O OD2 . ASP A 6  ? 0.3647 0.2935 0.2000 0.0237  -0.1014 0.0319  5   ASP A OD2 
47  N N   . CYS A 7  ? 0.2046 0.1508 0.1464 -0.0360 -0.0118 0.0119  6   CYS A N   
48  C CA  . CYS A 7  ? 0.2217 0.1359 0.1968 -0.0406 0.0196  -0.0065 6   CYS A CA  
49  C C   . CYS A 7  ? 0.2721 0.1720 0.2084 -0.0549 0.0379  -0.0137 6   CYS A C   
50  O O   . CYS A 7  ? 0.2803 0.1996 0.2190 -0.0577 0.0998  -0.0120 6   CYS A O   
51  C CB  . CYS A 7  ? 0.2332 0.1714 0.2025 -0.0220 0.0270  0.0078  6   CYS A CB  
52  S SG  . CYS A 7  ? 0.2053 0.1511 0.2025 -0.0018 -0.0116 -0.0116 6   CYS A SG  
53  N N   . ASP A 8  ? 0.3742 0.1900 0.2119 -0.0663 0.0236  0.0009  7   ASP A N   
54  C CA  . ASP A 8  ? 0.3766 0.2572 0.2261 -0.0526 0.0321  -0.0079 7   ASP A CA  
55  C C   . ASP A 8  ? 0.4267 0.2521 0.2249 -0.0721 0.0262  0.0047  7   ASP A C   
56  O O   . ASP A 8  ? 0.4939 0.3005 0.2618 -0.0822 0.1089  0.0298  7   ASP A O   
57  C CB  . ASP A 8  ? 0.3751 0.3095 0.3116 -0.0587 0.0731  0.0269  7   ASP A CB  
58  C CG  . ASP A 8  ? 0.3159 0.3862 0.3442 -0.0546 0.0178  0.1004  7   ASP A CG  
59  O OD1 . ASP A 8  ? 0.4280 0.3617 0.2927 -0.0388 0.0033  0.0998  7   ASP A OD1 
60  O OD2 . ASP A 8  ? 0.3272 0.4857 0.2976 -0.0858 -0.0061 0.0902  7   ASP A OD2 
61  N N   . GLY A 9  ? 0.3762 0.2309 0.1508 -0.0238 0.0134  0.0206  8   GLY A N   
62  C CA  . GLY A 9  ? 0.3288 0.2085 0.1516 -0.0171 -0.0196 0.0500  8   GLY A CA  
63  C C   . GLY A 9  ? 0.2803 0.1713 0.1309 -0.0391 -0.0122 0.0222  8   GLY A C   
64  O O   . GLY A 9  ? 0.3236 0.1753 0.1392 -0.0488 -0.0221 0.0175  8   GLY A O   
65  N N   . THR A 10 ? 0.2972 0.1815 0.1245 -0.0443 -0.0064 0.0048  9   THR A N   
66  C CA  . THR A 10 ? 0.2499 0.1693 0.1322 -0.0465 0.0049  0.0010  9   THR A CA  
67  C C   . THR A 10 ? 0.2187 0.1417 0.1341 -0.0274 -0.0012 0.0134  9   THR A C   
68  O O   . THR A 10 ? 0.2457 0.1589 0.1326 -0.0503 0.0131  0.0021  9   THR A O   
69  C CB  . THR A 10 ? 0.2453 0.2081 0.1486 -0.0244 0.0148  -0.0121 9   THR A CB  
70  O OG1 . THR A 10 ? 0.2892 0.2598 0.1589 -0.0573 0.0461  -0.0004 9   THR A OG1 
71  C CG2 . THR A 10 ? 0.2417 0.2153 0.2015 -0.0172 0.0187  0.0085  9   THR A CG2 
72  N N   . GLU A 11 ? 0.1929 0.1459 0.0992 -0.0376 -0.0227 -0.0025 10  GLU A N   
73  C CA  . GLU A 11 ? 0.2035 0.1164 0.1159 -0.0213 -0.0101 0.0101  10  GLU A CA  
74  C C   . GLU A 11 ? 0.1969 0.1087 0.1203 -0.0349 -0.0118 0.0076  10  GLU A C   
75  O O   . GLU A 11 ? 0.2147 0.1272 0.1208 -0.0201 -0.0232 -0.0009 10  GLU A O   
76  C CB  . GLU A 11 ? 0.1829 0.1322 0.1262 -0.0202 -0.0108 -0.0011 10  GLU A CB  
77  C CG  . GLU A 11 ? 0.1887 0.1554 0.1365 -0.0317 -0.0031 0.0053  10  GLU A CG  
78  C CD  . GLU A 11 ? 0.2095 0.2152 0.1810 -0.0681 0.0135  -0.0133 10  GLU A CD  
79  O OE1 . GLU A 11 ? 0.2708 0.3715 0.1928 -0.1259 0.0251  -0.0995 10  GLU A OE1 
80  O OE2 . GLU A 11 ? 0.2423 0.2001 0.2570 -0.0410 0.0597  0.0385  10  GLU A OE2 
81  N N   . ILE A 12 ? 0.1700 0.1121 0.1156 -0.0192 -0.0273 0.0071  11  ILE A N   
82  C CA  . ILE A 12 ? 0.1528 0.1320 0.1182 -0.0155 -0.0232 0.0160  11  ILE A CA  
83  C C   . ILE A 12 ? 0.1468 0.1539 0.1143 -0.0319 -0.0268 -0.0016 11  ILE A C   
84  O O   . ILE A 12 ? 0.1609 0.1798 0.1174 -0.0123 -0.0207 0.0172  11  ILE A O   
85  C CB  . ILE A 12 ? 0.1582 0.1367 0.1292 -0.0059 -0.0186 -0.0042 11  ILE A CB  
86  C CG1 . ILE A 12 ? 0.1950 0.1736 0.1422 -0.0232 -0.0114 0.0094  11  ILE A CG1 
87  C CG2 . ILE A 12 ? 0.1497 0.1673 0.1152 -0.0195 -0.0093 -0.0102 11  ILE A CG2 
88  C CD1 . ILE A 12 ? 0.1794 0.1954 0.1737 -0.0378 0.0058  -0.0008 11  ILE A CD1 
89  N N   . PRO A 13 ? 0.1972 0.1749 0.1146 -0.0447 -0.0193 0.0177  12  PRO A N   
90  C CA  . PRO A 13 ? 0.2101 0.2016 0.1318 -0.0527 -0.0050 0.0181  12  PRO A CA  
91  C C   . PRO A 13 ? 0.1519 0.1675 0.1329 -0.0429 -0.0239 0.0297  12  PRO A C   
92  O O   . PRO A 13 ? 0.1636 0.1567 0.1065 -0.0336 -0.0260 0.0088  12  PRO A O   
93  C CB  . PRO A 13 ? 0.2849 0.1860 0.1660 -0.0341 0.0100  0.0051  12  PRO A CB  
94  C CG  . PRO A 13 ? 0.2458 0.1624 0.1735 -0.0408 -0.0031 0.0288  12  PRO A CG  
95  C CD  . PRO A 13 ? 0.2283 0.1443 0.1360 -0.0415 -0.0186 0.0094  12  PRO A CD  
96  N N   . GLU A 14 ? 0.1386 0.2008 0.1169 -0.0461 -0.0380 0.0338  13  GLU A N   
97  C CA  A GLU A 14 ? 0.1771 0.2028 0.1411 -0.0166 -0.0253 0.0268  13  GLU A CA  
98  C CA  B GLU A 14 ? 0.1792 0.2027 0.1412 -0.0173 -0.0248 0.0266  13  GLU A CA  
99  C C   . GLU A 14 ? 0.1404 0.1682 0.1383 -0.0173 -0.0081 0.0306  13  GLU A C   
100 O O   . GLU A 14 ? 0.1123 0.1763 0.1637 -0.0053 -0.0167 0.0118  13  GLU A O   
101 C CB  A GLU A 14 ? 0.1947 0.2609 0.2432 -0.0014 0.0058  0.0139  13  GLU A CB  
102 C CB  B GLU A 14 ? 0.1955 0.2591 0.2455 0.0008  0.0021  0.0103  13  GLU A CB  
103 C CG  A GLU A 14 ? 0.2417 0.2533 0.2703 0.0063  -0.0030 0.0065  13  GLU A CG  
104 C CG  B GLU A 14 ? 0.2444 0.2576 0.2581 0.0034  0.0008  0.0018  13  GLU A CG  
105 C CD  A GLU A 14 ? 0.2685 0.2854 0.2890 -0.0092 0.0217  -0.0120 13  GLU A CD  
106 C CD  B GLU A 14 ? 0.2515 0.2634 0.2643 0.0010  0.0011  -0.0076 13  GLU A CD  
107 O OE1 A GLU A 14 ? 0.3363 0.3490 0.3052 0.0275  0.0207  -0.0229 13  GLU A OE1 
108 O OE1 B GLU A 14 ? 0.3011 0.2991 0.2845 -0.0242 0.0124  0.0030  13  GLU A OE1 
109 O OE2 A GLU A 14 ? 0.2595 0.3237 0.3176 -0.0057 0.0014  0.0003  13  GLU A OE2 
110 O OE2 B GLU A 14 ? 0.3201 0.3018 0.2783 0.0200  0.0094  -0.0227 13  GLU A OE2 
111 N N   . ARG A 15 ? 0.1201 0.1651 0.1050 -0.0235 -0.0090 0.0017  14  ARG A N   
112 C CA  A ARG A 15 ? 0.1391 0.1542 0.0952 -0.0206 -0.0030 0.0021  14  ARG A CA  
113 C CA  B ARG A 15 ? 0.1400 0.1547 0.0939 -0.0216 -0.0066 -0.0020 14  ARG A CA  
114 C C   . ARG A 15 ? 0.1374 0.1400 0.1092 -0.0138 -0.0034 0.0083  14  ARG A C   
115 O O   . ARG A 15 ? 0.1401 0.1191 0.1035 -0.0115 -0.0072 0.0037  14  ARG A O   
116 C CB  A ARG A 15 ? 0.1663 0.1553 0.1214 -0.0214 0.0060  0.0033  14  ARG A CB  
117 C CB  B ARG A 15 ? 0.1671 0.1562 0.1187 -0.0267 0.0008  -0.0037 14  ARG A CB  
118 C CG  A ARG A 15 ? 0.1487 0.1418 0.1395 -0.0245 0.0058  0.0067  14  ARG A CG  
119 C CG  B ARG A 15 ? 0.1573 0.1283 0.1373 -0.0197 -0.0134 -0.0107 14  ARG A CG  
120 C CD  A ARG A 15 ? 0.1789 0.1534 0.1416 -0.0425 -0.0120 0.0227  14  ARG A CD  
121 C CD  B ARG A 15 ? 0.1558 0.1315 0.1268 -0.0264 -0.0190 -0.0111 14  ARG A CD  
122 N NE  A ARG A 15 ? 0.1611 0.1610 0.1468 -0.0412 -0.0075 0.0296  14  ARG A NE  
123 N NE  B ARG A 15 ? 0.1573 0.0925 0.1177 -0.0033 -0.0258 0.0185  14  ARG A NE  
124 C CZ  A ARG A 15 ? 0.1382 0.1478 0.1022 -0.0146 0.0091  0.0235  14  ARG A CZ  
125 C CZ  B ARG A 15 ? 0.1231 0.1035 0.1244 -0.0072 -0.0266 -0.0044 14  ARG A CZ  
126 N NH1 A ARG A 15 ? 0.0962 0.1902 0.0831 -0.0007 0.0259  0.0661  14  ARG A NH1 
127 N NH1 B ARG A 15 ? 0.1454 0.1279 0.1438 -0.0001 -0.0120 -0.0117 14  ARG A NH1 
128 N NH2 A ARG A 15 ? 0.1885 0.0790 0.0993 0.0046  0.0464  0.0530  14  ARG A NH2 
129 N NH2 B ARG A 15 ? 0.1061 0.0497 0.0785 -0.0076 -0.0036 -0.0229 14  ARG A NH2 
130 N N   . ASN A 16 ? 0.1200 0.1253 0.1009 -0.0058 -0.0124 0.0001  15  ASN A N   
131 C CA  . ASN A 16 ? 0.1115 0.1355 0.1050 0.0059  -0.0026 0.0014  15  ASN A CA  
132 C C   . ASN A 16 ? 0.1123 0.1272 0.0977 -0.0018 -0.0081 0.0169  15  ASN A C   
133 O O   . ASN A 16 ? 0.1058 0.1280 0.1168 0.0039  -0.0099 0.0141  15  ASN A O   
134 C CB  . ASN A 16 ? 0.1493 0.1261 0.1104 -0.0077 0.0107  -0.0058 15  ASN A CB  
135 C CG  . ASN A 16 ? 0.1536 0.1303 0.1406 -0.0067 0.0270  -0.0103 15  ASN A CG  
136 O OD1 . ASN A 16 ? 0.2125 0.1335 0.1582 -0.0018 0.0335  -0.0048 15  ASN A OD1 
137 N ND2 . ASN A 16 ? 0.1751 0.1338 0.1187 0.0103  0.0094  -0.0112 15  ASN A ND2 
138 N N   . VAL A 17 ? 0.1168 0.1299 0.1048 0.0002  -0.0220 0.0091  16  VAL A N   
139 C CA  . VAL A 17 ? 0.1054 0.1258 0.1245 0.0011  -0.0169 0.0098  16  VAL A CA  
140 C C   . VAL A 17 ? 0.1140 0.1093 0.1257 0.0095  -0.0208 0.0018  16  VAL A C   
141 O O   . VAL A 17 ? 0.1273 0.1252 0.1295 0.0068  -0.0343 0.0019  16  VAL A O   
142 C CB  . VAL A 17 ? 0.1114 0.1253 0.1187 0.0107  -0.0110 0.0041  16  VAL A CB  
143 C CG1 . VAL A 17 ? 0.1334 0.1260 0.1153 0.0076  -0.0162 0.0032  16  VAL A CG1 
144 C CG2 . VAL A 17 ? 0.1304 0.1236 0.1258 0.0176  -0.0004 -0.0037 16  VAL A CG2 
145 N N   . ARG A 18 ? 0.1088 0.1307 0.1123 0.0102  -0.0162 -0.0040 17  ARG A N   
146 C CA  . ARG A 18 ? 0.1357 0.1314 0.1147 0.0077  -0.0067 0.0010  17  ARG A CA  
147 C C   . ARG A 18 ? 0.1310 0.1193 0.1125 0.0104  0.0011  0.0042  17  ARG A C   
148 O O   . ARG A 18 ? 0.1509 0.1281 0.1182 0.0164  -0.0056 -0.0041 17  ARG A O   
149 C CB  . ARG A 18 ? 0.1502 0.1596 0.1547 -0.0082 0.0082  0.0012  17  ARG A CB  
150 C CG  . ARG A 18 ? 0.1714 0.2684 0.2292 0.0214  -0.0128 -0.0202 17  ARG A CG  
151 C CD  . ARG A 18 ? 0.2289 0.3232 0.3472 -0.0160 0.0444  -0.0155 17  ARG A CD  
152 N NE  . ARG A 18 ? 0.2706 0.3342 0.3915 -0.0194 0.0304  -0.0046 17  ARG A NE  
153 C CZ  . ARG A 18 ? 0.2143 0.3552 0.3027 -0.0505 0.0501  0.0423  17  ARG A CZ  
154 N NH1 . ARG A 18 ? 0.3292 0.3724 0.2314 -0.0061 0.0390  0.0303  17  ARG A NH1 
155 N NH2 . ARG A 18 ? 0.3249 0.4058 0.2946 -0.0254 -0.0057 0.0267  17  ARG A NH2 
156 N N   . ALA A 19 ? 0.1225 0.1122 0.0982 0.0074  -0.0139 0.0102  18  ALA A N   
157 C CA  . ALA A 19 ? 0.1212 0.1257 0.1056 0.0058  -0.0179 0.0121  18  ALA A CA  
158 C C   . ALA A 19 ? 0.1287 0.1301 0.1185 0.0021  -0.0341 0.0176  18  ALA A C   
159 O O   . ALA A 19 ? 0.1406 0.1171 0.1144 0.0026  -0.0362 0.0155  18  ALA A O   
160 C CB  . ALA A 19 ? 0.1223 0.1192 0.1135 0.0044  -0.0184 0.0145  18  ALA A CB  
161 N N   . ALA A 20 ? 0.1270 0.1085 0.1138 0.0008  -0.0249 0.0054  19  ALA A N   
162 C CA  . ALA A 20 ? 0.1110 0.1266 0.1305 -0.0012 -0.0189 0.0059  19  ALA A CA  
163 C C   . ALA A 20 ? 0.1069 0.1191 0.1398 -0.0028 -0.0255 0.0064  19  ALA A C   
164 O O   . ALA A 20 ? 0.1133 0.1320 0.1477 -0.0031 -0.0400 0.0073  19  ALA A O   
165 C CB  . ALA A 20 ? 0.1272 0.1196 0.1362 0.0108  -0.0094 0.0086  19  ALA A CB  
166 N N   . VAL A 21 ? 0.1074 0.1147 0.1498 0.0048  -0.0283 0.0154  20  VAL A N   
167 C CA  . VAL A 21 ? 0.1198 0.1211 0.1335 0.0094  -0.0237 0.0215  20  VAL A CA  
168 C C   . VAL A 21 ? 0.1209 0.1254 0.1281 0.0062  -0.0270 0.0058  20  VAL A C   
169 O O   . VAL A 21 ? 0.1604 0.1455 0.1258 -0.0106 -0.0226 -0.0024 20  VAL A O   
170 C CB  . VAL A 21 ? 0.1198 0.1354 0.1547 0.0095  -0.0193 0.0220  20  VAL A CB  
171 C CG1 . VAL A 21 ? 0.0671 0.1779 0.1725 0.0266  -0.0080 0.0117  20  VAL A CG1 
172 C CG2 . VAL A 21 ? 0.1276 0.1337 0.1437 0.0116  -0.0228 0.0060  20  VAL A CG2 
173 N N   . VAL A 22 ? 0.1202 0.1306 0.1159 0.0067  -0.0172 0.0091  21  VAL A N   
174 C CA  . VAL A 22 ? 0.1255 0.1359 0.1171 0.0171  -0.0139 0.0106  21  VAL A CA  
175 C C   . VAL A 22 ? 0.1233 0.1313 0.1072 0.0132  -0.0165 0.0173  21  VAL A C   
176 O O   . VAL A 22 ? 0.1356 0.1564 0.1333 0.0289  -0.0337 -0.0045 21  VAL A O   
177 C CB  . VAL A 22 ? 0.1341 0.1521 0.1301 0.0065  -0.0141 0.0215  21  VAL A CB  
178 C CG1 . VAL A 22 ? 0.1375 0.1889 0.1869 0.0009  0.0104  0.0288  21  VAL A CG1 
179 C CG2 . VAL A 22 ? 0.1459 0.1640 0.1474 -0.0044 -0.0187 0.0062  21  VAL A CG2 
180 N N   . LEU A 23 ? 0.1149 0.1267 0.1170 0.0092  -0.0145 0.0076  22  LEU A N   
181 C CA  . LEU A 23 ? 0.1129 0.1204 0.1346 0.0024  -0.0188 0.0044  22  LEU A CA  
182 C C   . LEU A 23 ? 0.1132 0.1101 0.1115 0.0136  -0.0254 -0.0060 22  LEU A C   
183 O O   . LEU A 23 ? 0.1098 0.1151 0.1553 0.0055  -0.0358 -0.0150 22  LEU A O   
184 C CB  . LEU A 23 ? 0.1059 0.1176 0.1407 0.0176  -0.0161 0.0069  22  LEU A CB  
185 C CG  . LEU A 23 ? 0.1257 0.1185 0.1359 0.0106  -0.0229 0.0041  22  LEU A CG  
186 C CD1 . LEU A 23 ? 0.1548 0.1219 0.1503 0.0088  -0.0111 -0.0035 22  LEU A CD1 
187 C CD2 . LEU A 23 ? 0.1407 0.1108 0.1360 0.0141  -0.0255 -0.0035 22  LEU A CD2 
188 N N   . ALA A 24 ? 0.1057 0.1002 0.1352 0.0155  -0.0253 -0.0068 23  ALA A N   
189 C CA  . ALA A 24 ? 0.1005 0.1183 0.1334 -0.0013 -0.0151 -0.0052 23  ALA A CA  
190 C C   . ALA A 24 ? 0.1124 0.1246 0.1361 0.0061  -0.0196 -0.0091 23  ALA A C   
191 O O   . ALA A 24 ? 0.1206 0.1227 0.1536 -0.0002 -0.0249 -0.0071 23  ALA A O   
192 C CB  . ALA A 24 ? 0.1263 0.1213 0.1474 0.0044  -0.0214 0.0009  23  ALA A CB  
193 N N   . PHE A 25 ? 0.1123 0.1235 0.1374 0.0150  -0.0194 -0.0016 24  PHE A N   
194 C CA  . PHE A 25 ? 0.1309 0.1300 0.1455 0.0218  -0.0218 -0.0125 24  PHE A CA  
195 C C   . PHE A 25 ? 0.1577 0.1374 0.1421 0.0260  -0.0277 -0.0136 24  PHE A C   
196 O O   . PHE A 25 ? 0.1974 0.1604 0.1533 0.0427  -0.0431 -0.0328 24  PHE A O   
197 C CB  . PHE A 25 ? 0.1528 0.1403 0.1388 0.0313  -0.0008 -0.0031 24  PHE A CB  
198 C CG  . PHE A 25 ? 0.1565 0.1419 0.1484 0.0302  -0.0162 0.0028  24  PHE A CG  
199 C CD1 . PHE A 25 ? 0.1408 0.1493 0.1528 0.0130  -0.0158 0.0010  24  PHE A CD1 
200 C CD2 . PHE A 25 ? 0.1793 0.1440 0.1532 0.0454  -0.0115 -0.0143 24  PHE A CD2 
201 C CE1 . PHE A 25 ? 0.1568 0.1536 0.1582 0.0225  -0.0160 0.0003  24  PHE A CE1 
202 C CE2 . PHE A 25 ? 0.1874 0.1456 0.1657 0.0481  -0.0302 -0.0109 24  PHE A CE2 
203 C CZ  . PHE A 25 ? 0.1507 0.1502 0.1653 0.0389  -0.0216 0.0008  24  PHE A CZ  
204 N N   . ASN A 26 ? 0.1330 0.1157 0.1379 0.0093  -0.0274 -0.0046 25  ASN A N   
205 C CA  . ASN A 26 ? 0.1399 0.1252 0.1541 0.0197  -0.0326 -0.0026 25  ASN A CA  
206 C C   . ASN A 26 ? 0.1440 0.1395 0.1564 0.0121  -0.0491 0.0170  25  ASN A C   
207 O O   . ASN A 26 ? 0.1475 0.1827 0.1598 -0.0091 -0.0655 0.0293  25  ASN A O   
208 C CB  . ASN A 26 ? 0.1219 0.1234 0.1448 0.0240  -0.0164 -0.0044 25  ASN A CB  
209 C CG  . ASN A 26 ? 0.1446 0.1335 0.1397 0.0204  -0.0141 0.0026  25  ASN A CG  
210 O OD1 . ASN A 26 ? 0.1569 0.1439 0.1872 0.0338  -0.0206 -0.0028 25  ASN A OD1 
211 N ND2 . ASN A 26 ? 0.1491 0.1384 0.1501 0.0494  0.0024  0.0195  25  ASN A ND2 
212 N N   . TYR A 27 ? 0.1282 0.1251 0.1672 0.0130  -0.0329 0.0039  26  TYR A N   
213 C CA  . TYR A 27 ? 0.1302 0.1351 0.1652 0.0009  -0.0337 0.0040  26  TYR A CA  
214 C C   . TYR A 27 ? 0.1343 0.1282 0.1984 0.0046  -0.0331 0.0159  26  TYR A C   
215 O O   . TYR A 27 ? 0.1832 0.1202 0.2300 0.0118  -0.0621 0.0142  26  TYR A O   
216 C CB  . TYR A 27 ? 0.1265 0.1439 0.1534 -0.0117 -0.0347 0.0121  26  TYR A CB  
217 C CG  . TYR A 27 ? 0.1191 0.1348 0.1444 0.0021  -0.0228 0.0062  26  TYR A CG  
218 C CD1 . TYR A 27 ? 0.0997 0.1470 0.1473 0.0019  -0.0562 -0.0097 26  TYR A CD1 
219 C CD2 . TYR A 27 ? 0.1188 0.1440 0.1352 0.0093  -0.0200 0.0063  26  TYR A CD2 
220 C CE1 . TYR A 27 ? 0.1032 0.1337 0.1545 0.0038  -0.0310 0.0044  26  TYR A CE1 
221 C CE2 . TYR A 27 ? 0.0955 0.1572 0.1409 0.0228  -0.0556 -0.0216 26  TYR A CE2 
222 C CZ  . TYR A 27 ? 0.0954 0.1230 0.1402 0.0091  -0.0164 -0.0178 26  TYR A CZ  
223 O OH  . TYR A 27 ? 0.1212 0.1185 0.1519 0.0045  -0.0340 0.0015  26  TYR A OH  
224 N N   . ARG A 28 ? 0.1598 0.1338 0.1776 -0.0088 -0.0494 0.0198  27  ARG A N   
225 C CA  A ARG A 28 ? 0.1959 0.1425 0.2009 -0.0236 -0.0342 0.0013  27  ARG A CA  
226 C CA  B ARG A 28 ? 0.1918 0.1431 0.2011 -0.0222 -0.0359 0.0012  27  ARG A CA  
227 C C   . ARG A 28 ? 0.1880 0.1479 0.1994 -0.0313 -0.0526 0.0026  27  ARG A C   
228 O O   . ARG A 28 ? 0.1697 0.1374 0.1831 -0.0334 -0.0605 0.0237  27  ARG A O   
229 C CB  A ARG A 28 ? 0.2148 0.2206 0.1987 -0.0456 -0.0594 0.0140  27  ARG A CB  
230 C CB  B ARG A 28 ? 0.2239 0.2192 0.2103 -0.0452 -0.0642 0.0153  27  ARG A CB  
231 C CG  A ARG A 28 ? 0.3063 0.3047 0.2110 -0.0468 -0.0701 0.0400  27  ARG A CG  
232 C CG  B ARG A 28 ? 0.3327 0.3005 0.2174 -0.0519 -0.0606 0.0345  27  ARG A CG  
233 C CD  A ARG A 28 ? 0.2599 0.4669 0.3557 -0.0590 -0.0579 0.0604  27  ARG A CD  
234 C CD  B ARG A 28 ? 0.3117 0.4741 0.3762 -0.0674 -0.0959 0.0629  27  ARG A CD  
235 N NE  A ARG A 28 ? 0.4703 0.5523 0.3824 -0.0656 -0.0796 -0.0026 27  ARG A NE  
236 N NE  B ARG A 28 ? 0.4714 0.5146 0.3698 -0.0289 -0.0582 0.0476  27  ARG A NE  
237 C CZ  A ARG A 28 ? 0.3365 0.5087 0.2903 -0.0688 0.0323  0.0674  27  ARG A CZ  
238 C CZ  B ARG A 28 ? 0.3723 0.4958 0.3050 0.0246  -0.0265 0.0744  27  ARG A CZ  
239 N NH1 A ARG A 28 ? 0.2707 0.4637 0.2289 0.0162  0.0641  0.1344  27  ARG A NH1 
240 N NH1 B ARG A 28 ? 0.3619 0.4061 0.2551 0.0400  -0.0320 0.1550  27  ARG A NH1 
241 N NH2 A ARG A 28 ? 0.4382 0.4807 0.3140 -0.0816 0.0427  0.0652  27  ARG A NH2 
242 N NH2 B ARG A 28 ? 0.4429 0.5205 0.3811 -0.0068 0.0061  0.0689  27  ARG A NH2 
243 N N   . LYS A 29 ? 0.1750 0.1449 0.1648 -0.0158 -0.0548 0.0049  28  LYS A N   
244 C CA  . LYS A 29 ? 0.1417 0.1451 0.1592 -0.0168 -0.0810 0.0069  28  LYS A CA  
245 C C   . LYS A 29 ? 0.1408 0.1565 0.1978 -0.0299 -0.0599 0.0010  28  LYS A C   
246 O O   . LYS A 29 ? 0.1569 0.2275 0.1972 -0.0274 -0.0882 0.0114  28  LYS A O   
247 C CB  . LYS A 29 ? 0.1842 0.1362 0.1613 -0.0077 -0.0435 -0.0034 28  LYS A CB  
248 C CG  . LYS A 29 ? 0.1857 0.1358 0.1785 -0.0129 -0.0287 0.0009  28  LYS A CG  
249 C CD  . LYS A 29 ? 0.2049 0.1230 0.2265 0.0008  -0.0513 0.0131  28  LYS A CD  
250 C CE  . LYS A 29 ? 0.1758 0.1731 0.2362 -0.0368 -0.0196 -0.0259 28  LYS A CE  
251 N NZ  . LYS A 29 ? 0.2603 0.1663 0.1792 -0.0267 -0.0317 -0.0023 28  LYS A NZ  
252 N N   . GLU A 30 ? 0.0796 0.1447 0.1944 -0.0027 -0.0688 0.0255  29  GLU A N   
253 C CA  . GLU A 30 ? 0.1272 0.1777 0.2029 0.0011  -0.0472 0.0241  29  GLU A CA  
254 C C   . GLU A 30 ? 0.1301 0.1634 0.2228 0.0085  -0.0258 0.0082  29  GLU A C   
255 O O   . GLU A 30 ? 0.1716 0.2330 0.3416 0.0484  0.0491  0.1020  29  GLU A O   
256 C CB  . GLU A 30 ? 0.1505 0.1926 0.2225 -0.0162 -0.0380 0.0087  29  GLU A CB  
257 C CG  . GLU A 30 ? 0.2312 0.2466 0.2772 0.0376  -0.0584 0.0213  29  GLU A CG  
258 C CD  . GLU A 30 ? 0.2918 0.3861 0.3202 -0.0282 0.0481  0.0236  29  GLU A CD  
259 O OE1 . GLU A 30 ? 0.5008 0.3530 0.4895 0.0330  0.0731  0.0795  29  GLU A OE1 
260 O OE2 . GLU A 30 ? 0.2101 0.6414 0.2098 -0.1856 -0.0264 0.0323  29  GLU A OE2 
261 N N   . SER A 31 ? 0.1126 0.1649 0.2191 -0.0032 -0.0531 0.0212  30  SER A N   
262 C CA  . SER A 31 ? 0.1170 0.1678 0.2340 -0.0106 -0.0665 0.0296  30  SER A CA  
263 C C   . SER A 31 ? 0.1186 0.1559 0.2878 0.0048  -0.0791 0.0263  30  SER A C   
264 O O   . SER A 31 ? 0.1878 0.1470 0.4544 0.0106  -0.1604 0.0294  30  SER A O   
265 C CB  . SER A 31 ? 0.1804 0.1676 0.2303 -0.0117 -0.0830 0.0197  30  SER A CB  
266 O OG  . SER A 31 ? 0.2033 0.1528 0.2295 -0.0288 -0.0755 0.0436  30  SER A OG  
267 N N   . PHE A 32 ? 0.1129 0.1326 0.2060 -0.0105 -0.0462 0.0275  31  PHE A N   
268 C CA  . PHE A 32 ? 0.0989 0.1315 0.2137 0.0156  -0.0181 -0.0025 31  PHE A CA  
269 C C   . PHE A 32 ? 0.1007 0.1431 0.2177 0.0200  -0.0115 0.0069  31  PHE A C   
270 O O   . PHE A 32 ? 0.1032 0.1283 0.2242 0.0205  -0.0122 0.0147  31  PHE A O   
271 C CB  . PHE A 32 ? 0.1074 0.1422 0.1596 -0.0021 -0.0197 0.0085  31  PHE A CB  
272 C CG  . PHE A 32 ? 0.0986 0.1337 0.1907 0.0050  -0.0110 0.0120  31  PHE A CG  
273 C CD1 . PHE A 32 ? 0.1100 0.1533 0.1674 0.0051  -0.0197 0.0149  31  PHE A CD1 
274 C CD2 . PHE A 32 ? 0.1127 0.1371 0.1739 0.0083  -0.0011 0.0023  31  PHE A CD2 
275 C CE1 . PHE A 32 ? 0.1088 0.1502 0.2125 0.0115  -0.0058 0.0027  31  PHE A CE1 
276 C CE2 . PHE A 32 ? 0.1131 0.1442 0.1739 0.0116  -0.0064 -0.0078 31  PHE A CE2 
277 C CZ  . PHE A 32 ? 0.1453 0.1307 0.1805 0.0021  0.0053  -0.0077 31  PHE A CZ  
278 N N   . HIS A 33 ? 0.1046 0.1398 0.2603 0.0358  -0.0179 -0.0001 32  HIS A N   
279 C CA  . HIS A 33 ? 0.0718 0.2376 0.2958 0.0988  0.0207  0.0172  32  HIS A CA  
280 C C   . HIS A 33 ? 0.1151 0.2027 0.2754 0.0225  0.0028  -0.0089 32  HIS A C   
281 O O   . HIS A 33 ? 0.1298 0.1801 0.3002 0.0448  0.0181  0.0321  32  HIS A O   
282 C CB  . HIS A 33 ? 0.0692 0.2142 0.2407 0.0910  0.0186  0.0350  32  HIS A CB  
283 C CG  . HIS A 33 ? 0.1244 0.1775 0.2117 0.0501  0.0053  0.0047  32  HIS A CG  
284 N ND1 . HIS A 33 ? 0.1489 0.1537 0.2375 0.0594  0.0177  0.0240  32  HIS A ND1 
285 C CD2 . HIS A 33 ? 0.1425 0.1630 0.2157 0.0297  0.0045  -0.0015 32  HIS A CD2 
286 C CE1 . HIS A 33 ? 0.1568 0.1376 0.2174 0.0642  0.0190  0.0097  32  HIS A CE1 
287 N NE2 . HIS A 33 ? 0.1673 0.1478 0.1885 0.0203  0.0210  0.0022  32  HIS A NE2 
288 N N   . GLY A 34 ? 0.1162 0.1731 0.2734 0.0092  0.0010  0.0163  33  GLY A N   
289 C CA  . GLY A 34 ? 0.1482 0.1621 0.2710 0.0187  0.0503  0.0029  33  GLY A CA  
290 C C   . GLY A 34 ? 0.1217 0.1569 0.2545 0.0097  0.0207  0.0284  33  GLY A C   
291 O O   . GLY A 34 ? 0.1292 0.1450 0.2931 -0.0060 0.0357  0.0075  33  GLY A O   
292 N N   . TYR A 35 ? 0.1085 0.1272 0.1957 0.0173  -0.0006 0.0157  34  TYR A N   
293 C CA  . TYR A 35 ? 0.1003 0.1181 0.1540 0.0053  -0.0065 0.0011  34  TYR A CA  
294 C C   . TYR A 35 ? 0.1134 0.1139 0.1520 0.0101  -0.0106 0.0026  34  TYR A C   
295 O O   . TYR A 35 ? 0.1094 0.1303 0.1800 0.0103  -0.0225 0.0204  34  TYR A O   
296 C CB  . TYR A 35 ? 0.1076 0.1154 0.1516 -0.0030 -0.0029 -0.0006 34  TYR A CB  
297 C CG  . TYR A 35 ? 0.1235 0.1298 0.1445 0.0105  -0.0126 0.0049  34  TYR A CG  
298 C CD1 . TYR A 35 ? 0.1436 0.1337 0.1696 0.0167  0.0028  0.0029  34  TYR A CD1 
299 C CD2 . TYR A 35 ? 0.1300 0.1370 0.1618 0.0195  -0.0223 0.0044  34  TYR A CD2 
300 C CE1 . TYR A 35 ? 0.1458 0.1409 0.1646 0.0100  -0.0048 0.0018  34  TYR A CE1 
301 C CE2 . TYR A 35 ? 0.1577 0.1262 0.1631 0.0007  -0.0180 -0.0022 34  TYR A CE2 
302 C CZ  . TYR A 35 ? 0.1496 0.1235 0.1565 -0.0152 -0.0085 0.0063  34  TYR A CZ  
303 O OH  . TYR A 35 ? 0.1836 0.1454 0.1664 -0.0114 0.0039  0.0189  34  TYR A OH  
304 N N   . PRO A 36 ? 0.1170 0.1174 0.1302 0.0091  -0.0221 -0.0058 35  PRO A N   
305 C CA  . PRO A 36 ? 0.1159 0.1102 0.1502 0.0118  -0.0180 -0.0055 35  PRO A CA  
306 C C   . PRO A 36 ? 0.1149 0.1109 0.1368 0.0116  -0.0258 -0.0015 35  PRO A C   
307 O O   . PRO A 36 ? 0.1282 0.1381 0.1716 0.0083  -0.0548 0.0083  35  PRO A O   
308 C CB  . PRO A 36 ? 0.1286 0.1182 0.1581 -0.0015 -0.0068 -0.0015 35  PRO A CB  
309 C CG  . PRO A 36 ? 0.1546 0.1369 0.1534 0.0021  -0.0015 0.0027  35  PRO A CG  
310 C CD  . PRO A 36 ? 0.1590 0.1264 0.1239 -0.0036 -0.0185 -0.0119 35  PRO A CD  
311 N N   . ALA A 37 ? 0.1254 0.1165 0.1436 0.0138  -0.0242 0.0040  36  ALA A N   
312 C CA  . ALA A 37 ? 0.0806 0.1259 0.1616 -0.0021 -0.0279 -0.0057 36  ALA A CA  
313 C C   . ALA A 37 ? 0.1123 0.1265 0.1497 0.0029  -0.0240 -0.0087 36  ALA A C   
314 O O   . ALA A 37 ? 0.1058 0.1242 0.1500 0.0132  -0.0214 -0.0085 36  ALA A O   
315 C CB  . ALA A 37 ? 0.1103 0.1492 0.1645 -0.0009 -0.0060 0.0029  36  ALA A CB  
316 N N   . THR A 38 ? 0.0981 0.1253 0.1814 0.0154  -0.0323 -0.0204 37  THR A N   
317 C CA  . THR A 38 ? 0.1249 0.1365 0.1684 0.0104  -0.0169 -0.0114 37  THR A CA  
318 C C   . THR A 38 ? 0.1267 0.1206 0.2025 0.0095  -0.0117 -0.0338 37  THR A C   
319 O O   . THR A 38 ? 0.1352 0.1500 0.2404 -0.0053 -0.0158 -0.0173 37  THR A O   
320 C CB  . THR A 38 ? 0.1946 0.1831 0.1871 0.0325  -0.0519 -0.0125 37  THR A CB  
321 O OG1 . THR A 38 ? 0.2469 0.1664 0.2727 0.0029  -0.1280 -0.0165 37  THR A OG1 
322 C CG2 . THR A 38 ? 0.1638 0.1944 0.1813 0.0381  -0.0417 0.0004  37  THR A CG2 
323 N N   . PHE A 39 ? 0.1149 0.1270 0.1793 0.0012  -0.0097 -0.0211 38  PHE A N   
324 C CA  . PHE A 39 ? 0.1254 0.1271 0.1779 -0.0010 -0.0183 -0.0153 38  PHE A CA  
325 C C   . PHE A 39 ? 0.1384 0.1577 0.1767 0.0117  -0.0345 -0.0354 38  PHE A C   
326 O O   . PHE A 39 ? 0.1369 0.1321 0.2019 0.0195  -0.0319 -0.0367 38  PHE A O   
327 C CB  . PHE A 39 ? 0.1172 0.1446 0.1948 0.0131  -0.0229 -0.0060 38  PHE A CB  
328 C CG  . PHE A 39 ? 0.1447 0.1653 0.1870 0.0215  -0.0181 0.0031  38  PHE A CG  
329 C CD1 . PHE A 39 ? 0.1490 0.1776 0.1817 -0.0001 -0.0246 -0.0066 38  PHE A CD1 
330 C CD2 . PHE A 39 ? 0.2011 0.2025 0.2019 -0.0128 -0.0040 0.0053  38  PHE A CD2 
331 C CE1 . PHE A 39 ? 0.1809 0.2130 0.1802 0.0075  -0.0319 -0.0174 38  PHE A CE1 
332 C CE2 . PHE A 39 ? 0.1997 0.2343 0.2114 -0.0046 -0.0004 -0.0011 38  PHE A CE2 
333 C CZ  . PHE A 39 ? 0.2348 0.2396 0.1935 -0.0051 -0.0211 -0.0105 38  PHE A CZ  
334 N N   . ILE A 40 ? 0.1411 0.1589 0.1800 0.0073  -0.0358 -0.0348 39  ILE A N   
335 C CA  . ILE A 40 ? 0.1657 0.1780 0.1793 -0.0066 -0.0359 -0.0344 39  ILE A CA  
336 C C   . ILE A 40 ? 0.2054 0.1786 0.2011 0.0040  -0.0501 -0.0549 39  ILE A C   
337 O O   . ILE A 40 ? 0.1877 0.1494 0.2415 0.0192  -0.0605 -0.0449 39  ILE A O   
338 C CB  . ILE A 40 ? 0.1661 0.1890 0.1888 0.0029  -0.0379 -0.0347 39  ILE A CB  
339 C CG1 . ILE A 40 ? 0.1639 0.1940 0.2034 -0.0003 -0.0573 -0.0291 39  ILE A CG1 
340 C CG2 . ILE A 40 ? 0.2099 0.1918 0.1997 0.0070  -0.0273 -0.0258 39  ILE A CG2 
341 C CD1 . ILE A 40 ? 0.1799 0.2086 0.2218 -0.0173 -0.0695 -0.0552 39  ILE A CD1 
342 N N   . ILE A 41 ? 0.2253 0.2140 0.2063 0.0586  -0.0458 -0.0459 40  ILE A N   
343 C CA  . ILE A 41 ? 0.2569 0.2137 0.2559 0.0567  -0.0513 -0.0644 40  ILE A CA  
344 C C   . ILE A 41 ? 0.2732 0.2145 0.2963 0.0358  -0.0492 -0.0676 40  ILE A C   
345 O O   . ILE A 41 ? 0.2709 0.2141 0.3087 0.0240  -0.0574 -0.0972 40  ILE A O   
346 C CB  . ILE A 41 ? 0.2993 0.2319 0.2576 0.0288  -0.0352 -0.0680 40  ILE A CB  
347 C CG1 . ILE A 41 ? 0.3547 0.2507 0.3413 0.0561  -0.0033 -0.0672 40  ILE A CG1 
348 C CG2 . ILE A 41 ? 0.3106 0.2722 0.3067 -0.0036 -0.0577 -0.0590 40  ILE A CG2 
349 C CD1 . ILE A 41 ? 0.4961 0.3787 0.3036 0.0227  -0.0097 -0.0421 40  ILE A CD1 
350 N N   . GLY A 42 ? 0.2597 0.1845 0.2947 -0.0005 -0.0420 -0.0578 41  GLY A N   
351 C CA  . GLY A 42 ? 0.2910 0.2187 0.3034 -0.0315 -0.0245 -0.0587 41  GLY A CA  
352 C C   . GLY A 42 ? 0.3170 0.1898 0.2932 -0.0444 -0.0322 -0.0464 41  GLY A C   
353 O O   . GLY A 42 ? 0.3221 0.1971 0.3597 -0.0596 -0.0353 -0.0171 41  GLY A O   
354 N N   . SER A 43 ? 0.2030 0.1813 0.2595 -0.0188 -0.0120 -0.0400 42  SER A N   
355 C CA  . SER A 43 ? 0.1805 0.1820 0.2391 -0.0042 -0.0026 -0.0103 42  SER A CA  
356 C C   . SER A 43 ? 0.1581 0.1399 0.2569 -0.0120 0.0026  -0.0137 42  SER A C   
357 O O   . SER A 43 ? 0.1824 0.1340 0.2710 -0.0083 0.0188  -0.0296 42  SER A O   
358 C CB  . SER A 43 ? 0.1701 0.1835 0.2266 0.0167  -0.0083 -0.0312 42  SER A CB  
359 O OG  . SER A 43 ? 0.1712 0.1515 0.2657 0.0093  -0.0214 -0.0413 42  SER A OG  
360 N N   . THR A 44 ? 0.1603 0.1659 0.2455 -0.0087 0.0148  -0.0073 43  THR A N   
361 C CA  . THR A 44 ? 0.1709 0.1726 0.2345 -0.0154 0.0119  -0.0025 43  THR A CA  
362 C C   . THR A 44 ? 0.1540 0.1456 0.2106 0.0154  0.0184  0.0006  43  THR A C   
363 O O   . THR A 44 ? 0.1619 0.1654 0.2192 0.0250  0.0107  0.0297  43  THR A O   
364 C CB  . THR A 44 ? 0.2188 0.2488 0.2329 -0.0103 0.0250  0.0107  43  THR A CB  
365 O OG1 . THR A 44 ? 0.2176 0.2547 0.2615 -0.0243 0.0787  -0.0496 43  THR A OG1 
366 C CG2 . THR A 44 ? 0.2328 0.2430 0.2619 -0.0088 0.0178  0.0306  43  THR A CG2 
367 N N   . PHE A 45 ? 0.1403 0.1300 0.2052 0.0114  -0.0046 -0.0101 44  PHE A N   
368 C CA  . PHE A 45 ? 0.1474 0.1340 0.1768 0.0161  0.0015  0.0046  44  PHE A CA  
369 C C   . PHE A 45 ? 0.1268 0.1368 0.1837 0.0123  -0.0100 -0.0164 44  PHE A C   
370 O O   . PHE A 45 ? 0.1497 0.1264 0.2090 0.0115  0.0022  -0.0171 44  PHE A O   
371 C CB  . PHE A 45 ? 0.1576 0.1382 0.1761 0.0236  0.0002  0.0020  44  PHE A CB  
372 C CG  . PHE A 45 ? 0.1705 0.1472 0.1781 0.0221  -0.0212 -0.0034 44  PHE A CG  
373 C CD1 . PHE A 45 ? 0.1751 0.1260 0.2037 0.0012  -0.0152 -0.0036 44  PHE A CD1 
374 C CD2 . PHE A 45 ? 0.1782 0.2164 0.1612 0.0382  -0.0231 0.0079  44  PHE A CD2 
375 C CE1 . PHE A 45 ? 0.1830 0.1476 0.1933 0.0123  -0.0267 0.0076  44  PHE A CE1 
376 C CE2 . PHE A 45 ? 0.1869 0.2142 0.1805 0.0394  -0.0221 -0.0159 44  PHE A CE2 
377 C CZ  . PHE A 45 ? 0.2041 0.1645 0.1900 0.0083  -0.0132 -0.0131 44  PHE A CZ  
378 N N   . SER A 46 ? 0.1551 0.1328 0.2029 0.0118  -0.0121 -0.0196 45  SER A N   
379 C CA  . SER A 46 ? 0.1852 0.1499 0.2116 0.0194  -0.0235 -0.0293 45  SER A CA  
380 C C   . SER A 46 ? 0.1825 0.1813 0.1957 0.0006  -0.0343 -0.0276 45  SER A C   
381 O O   . SER A 46 ? 0.2083 0.1693 0.2116 0.0255  -0.0122 -0.0146 45  SER A O   
382 C CB  . SER A 46 ? 0.2359 0.1577 0.2334 -0.0028 -0.0095 -0.0259 45  SER A CB  
383 O OG  . SER A 46 ? 0.3254 0.2238 0.2460 -0.0234 -0.0358 -0.0323 45  SER A OG  
384 N N   . GLY A 47 ? 0.1583 0.1416 0.2078 0.0058  -0.0119 -0.0159 46  GLY A N   
385 C CA  . GLY A 47 ? 0.1584 0.1511 0.2099 0.0194  -0.0106 -0.0254 46  GLY A CA  
386 C C   . GLY A 47 ? 0.1504 0.1394 0.2058 0.0312  -0.0032 -0.0285 46  GLY A C   
387 O O   . GLY A 47 ? 0.1756 0.1398 0.1907 0.0328  0.0121  -0.0124 46  GLY A O   
388 N N   . VAL A 48 ? 0.1300 0.1346 0.1841 0.0285  0.0066  -0.0161 47  VAL A N   
389 C CA  . VAL A 48 ? 0.1608 0.1509 0.1693 0.0126  0.0156  -0.0093 47  VAL A CA  
390 C C   . VAL A 48 ? 0.1633 0.1529 0.1784 0.0373  -0.0021 -0.0262 47  VAL A C   
391 O O   . VAL A 48 ? 0.1924 0.1703 0.1923 0.0259  0.0063  -0.0009 47  VAL A O   
392 C CB  . VAL A 48 ? 0.1490 0.1606 0.1689 0.0166  0.0025  -0.0085 47  VAL A CB  
393 C CG1 . VAL A 48 ? 0.1860 0.1598 0.1611 0.0083  -0.0036 -0.0055 47  VAL A CG1 
394 C CG2 . VAL A 48 ? 0.1350 0.1945 0.1805 0.0152  -0.0078 -0.0124 47  VAL A CG2 
395 N N   . GLY A 49 ? 0.1804 0.1522 0.1757 0.0371  -0.0140 -0.0215 48  GLY A N   
396 C CA  . GLY A 49 ? 0.1886 0.1499 0.1599 0.0394  -0.0072 -0.0215 48  GLY A CA  
397 C C   . GLY A 49 ? 0.1728 0.1366 0.1399 0.0322  -0.0271 -0.0312 48  GLY A C   
398 O O   . GLY A 49 ? 0.1540 0.1454 0.1507 0.0320  -0.0281 -0.0194 48  GLY A O   
399 N N   . GLU A 50 ? 0.1599 0.1502 0.1362 0.0300  -0.0169 -0.0247 49  GLU A N   
400 C CA  . GLU A 50 ? 0.1369 0.1445 0.1587 0.0127  -0.0145 -0.0277 49  GLU A CA  
401 C C   . GLU A 50 ? 0.1303 0.1173 0.1416 0.0258  -0.0187 -0.0100 49  GLU A C   
402 O O   . GLU A 50 ? 0.1387 0.1264 0.1275 0.0180  -0.0246 -0.0203 49  GLU A O   
403 C CB  . GLU A 50 ? 0.1821 0.1630 0.1526 0.0163  -0.0249 -0.0235 49  GLU A CB  
404 C CG  . GLU A 50 ? 0.1578 0.1703 0.1474 -0.0008 -0.0498 -0.0499 49  GLU A CG  
405 C CD  . GLU A 50 ? 0.1932 0.1803 0.2048 -0.0097 -0.1381 -0.0928 49  GLU A CD  
406 O OE1 . GLU A 50 ? 0.3905 0.2271 0.2643 0.0246  -0.1830 -0.0787 49  GLU A OE1 
407 O OE2 . GLU A 50 ? 0.4509 0.2466 0.3129 0.1022  -0.1739 -0.0825 49  GLU A OE2 
408 N N   . VAL A 51 ? 0.1192 0.1097 0.1414 0.0133  -0.0231 -0.0252 50  VAL A N   
409 C CA  . VAL A 51 ? 0.1131 0.1085 0.1316 0.0064  -0.0270 -0.0144 50  VAL A CA  
410 C C   . VAL A 51 ? 0.1118 0.1220 0.1221 0.0094  -0.0275 -0.0150 50  VAL A C   
411 O O   . VAL A 51 ? 0.1083 0.1159 0.1618 0.0184  -0.0291 -0.0179 50  VAL A O   
412 C CB  . VAL A 51 ? 0.1129 0.1060 0.1445 0.0161  -0.0245 -0.0084 50  VAL A CB  
413 C CG1 . VAL A 51 ? 0.1200 0.1289 0.1361 0.0053  -0.0164 -0.0095 50  VAL A CG1 
414 C CG2 . VAL A 51 ? 0.1079 0.1187 0.1519 0.0130  -0.0223 -0.0107 50  VAL A CG2 
415 N N   . ARG A 52 ? 0.1037 0.1123 0.1300 0.0132  -0.0256 -0.0049 51  ARG A N   
416 C CA  . ARG A 52 ? 0.1026 0.1193 0.1420 0.0158  -0.0347 -0.0087 51  ARG A CA  
417 C C   . ARG A 52 ? 0.0919 0.1214 0.1390 0.0163  -0.0191 -0.0139 51  ARG A C   
418 O O   . ARG A 52 ? 0.0951 0.1366 0.1376 0.0212  -0.0245 -0.0128 51  ARG A O   
419 C CB  . ARG A 52 ? 0.1131 0.1110 0.1433 0.0047  -0.0240 -0.0107 51  ARG A CB  
420 C CG  . ARG A 52 ? 0.1371 0.1081 0.1447 0.0049  -0.0281 -0.0122 51  ARG A CG  
421 C CD  . ARG A 52 ? 0.1505 0.1223 0.1429 0.0106  -0.0287 -0.0080 51  ARG A CD  
422 N NE  . ARG A 52 ? 0.2264 0.0825 0.1650 0.0373  -0.0544 -0.0401 51  ARG A NE  
423 C CZ  . ARG A 52 ? 0.2057 0.1191 0.1857 0.0021  -0.0680 -0.0176 51  ARG A CZ  
424 N NH1 . ARG A 52 ? 0.1590 0.1304 0.1669 0.0169  -0.0799 -0.0531 51  ARG A NH1 
425 N NH2 . ARG A 52 ? 0.3164 0.0366 0.2246 0.0102  -0.0854 -0.0465 51  ARG A NH2 
426 N N   . GLN A 53 ? 0.1048 0.1217 0.1244 0.0107  -0.0102 -0.0203 52  GLN A N   
427 C CA  . GLN A 53 ? 0.1014 0.1234 0.1286 0.0067  -0.0106 -0.0258 52  GLN A CA  
428 C C   . GLN A 53 ? 0.0997 0.1294 0.1289 0.0089  -0.0232 -0.0203 52  GLN A C   
429 O O   . GLN A 53 ? 0.1021 0.1472 0.1547 0.0242  -0.0318 -0.0393 52  GLN A O   
430 C CB  . GLN A 53 ? 0.1196 0.1563 0.1501 -0.0020 -0.0040 -0.0055 52  GLN A CB  
431 C CG  . GLN A 53 ? 0.1002 0.1947 0.1534 -0.0028 -0.0026 -0.0104 52  GLN A CG  
432 C CD  . GLN A 53 ? 0.1109 0.1457 0.1267 -0.0029 0.0028  0.0086  52  GLN A CD  
433 O OE1 . GLN A 53 ? 0.1036 0.1849 0.1825 -0.0102 -0.0028 -0.0087 52  GLN A OE1 
434 N NE2 . GLN A 53 ? 0.1005 0.1852 0.1381 -0.0260 0.0159  -0.0191 52  GLN A NE2 
435 N N   . PHE A 54 ? 0.1046 0.1213 0.1358 0.0264  -0.0280 -0.0356 53  PHE A N   
436 C CA  . PHE A 54 ? 0.0727 0.1282 0.1443 0.0229  -0.0237 -0.0120 53  PHE A CA  
437 C C   . PHE A 54 ? 0.0963 0.1022 0.1326 0.0176  -0.0071 -0.0036 53  PHE A C   
438 O O   . PHE A 54 ? 0.0983 0.1241 0.1389 0.0304  -0.0119 -0.0206 53  PHE A O   
439 C CB  . PHE A 54 ? 0.1143 0.1560 0.1271 0.0248  -0.0207 -0.0165 53  PHE A CB  
440 C CG  . PHE A 54 ? 0.1062 0.1478 0.1237 0.0190  -0.0126 -0.0193 53  PHE A CG  
441 C CD1 . PHE A 54 ? 0.1037 0.1428 0.1312 0.0088  -0.0139 -0.0196 53  PHE A CD1 
442 C CD2 . PHE A 54 ? 0.1027 0.1497 0.1104 0.0147  -0.0078 -0.0108 53  PHE A CD2 
443 C CE1 . PHE A 54 ? 0.1252 0.1638 0.1465 0.0217  -0.0249 -0.0024 53  PHE A CE1 
444 C CE2 . PHE A 54 ? 0.1230 0.1445 0.1302 0.0045  -0.0179 -0.0001 53  PHE A CE2 
445 C CZ  . PHE A 54 ? 0.1261 0.1524 0.1490 0.0226  -0.0284 0.0157  53  PHE A CZ  
446 N N   . PRO A 55 ? 0.0973 0.1175 0.1200 0.0210  -0.0066 -0.0062 54  PRO A N   
447 C CA  . PRO A 55 ? 0.0975 0.1132 0.1235 0.0151  -0.0003 -0.0059 54  PRO A CA  
448 C C   . PRO A 55 ? 0.1009 0.1016 0.1196 0.0191  -0.0005 -0.0047 54  PRO A C   
449 O O   . PRO A 55 ? 0.1104 0.1129 0.1160 0.0028  -0.0063 -0.0075 54  PRO A O   
450 C CB  . PRO A 55 ? 0.1020 0.1075 0.1280 0.0176  0.0071  0.0067  54  PRO A CB  
451 C CG  . PRO A 55 ? 0.0804 0.1157 0.1409 0.0254  0.0041  0.0091  54  PRO A CG  
452 C CD  . PRO A 55 ? 0.0860 0.1199 0.1368 0.0099  0.0025  -0.0018 54  PRO A CD  
453 N N   . VAL A 56 ? 0.1196 0.1094 0.1217 0.0048  -0.0018 -0.0040 55  VAL A N   
454 C CA  . VAL A 56 ? 0.1252 0.1190 0.1093 0.0007  0.0069  -0.0100 55  VAL A CA  
455 C C   . VAL A 56 ? 0.1500 0.1231 0.1123 0.0029  0.0168  -0.0091 55  VAL A C   
456 O O   . VAL A 56 ? 0.1735 0.1291 0.1202 -0.0095 0.0195  -0.0112 55  VAL A O   
457 C CB  . VAL A 56 ? 0.1198 0.1467 0.1209 0.0025  -0.0048 0.0010  55  VAL A CB  
458 C CG1 . VAL A 56 ? 0.1199 0.1301 0.1242 0.0066  0.0052  0.0003  55  VAL A CG1 
459 C CG2 . VAL A 56 ? 0.1307 0.1535 0.1347 -0.0021 -0.0004 -0.0027 55  VAL A CG2 
460 N N   . GLU A 57 ? 0.1649 0.1391 0.1067 -0.0197 -0.0016 -0.0027 56  GLU A N   
461 C CA  A GLU A 57 ? 0.1679 0.1302 0.1263 -0.0026 0.0248  -0.0029 56  GLU A CA  
462 C CA  B GLU A 57 ? 0.1759 0.1431 0.1232 -0.0055 0.0222  -0.0083 56  GLU A CA  
463 C C   . GLU A 57 ? 0.1880 0.1374 0.1299 -0.0118 0.0094  -0.0076 56  GLU A C   
464 O O   . GLU A 57 ? 0.1693 0.1386 0.1168 -0.0039 -0.0160 0.0049  56  GLU A O   
465 C CB  A GLU A 57 ? 0.1774 0.1336 0.1507 0.0040  -0.0022 -0.0034 56  GLU A CB  
466 C CB  B GLU A 57 ? 0.2171 0.1434 0.1481 -0.0011 0.0002  -0.0082 56  GLU A CB  
467 C CG  A GLU A 57 ? 0.1649 0.1536 0.1893 -0.0074 -0.0060 -0.0070 56  GLU A CG  
468 C CG  B GLU A 57 ? 0.2204 0.1760 0.1437 -0.0015 0.0031  -0.0233 56  GLU A CG  
469 C CD  A GLU A 57 ? 0.1678 0.2078 0.2436 -0.0169 0.0126  -0.0078 56  GLU A CD  
470 C CD  B GLU A 57 ? 0.2253 0.2080 0.1612 0.0266  -0.0062 -0.0306 56  GLU A CD  
471 O OE1 A GLU A 57 ? 0.2232 0.2231 0.2493 0.0033  0.0191  -0.0125 56  GLU A OE1 
472 O OE1 B GLU A 57 ? 0.2858 0.2794 0.1683 0.0220  -0.0062 -0.0667 56  GLU A OE1 
473 O OE2 A GLU A 57 ? 0.1621 0.2214 0.2610 -0.0353 0.0139  0.0099  56  GLU A OE2 
474 O OE2 B GLU A 57 ? 0.2879 0.2375 0.1804 0.0083  -0.0436 -0.0303 56  GLU A OE2 
475 N N   . ASP A 58 ? 0.1946 0.1456 0.1323 -0.0173 0.0019  -0.0121 57  ASP A N   
476 C CA  . ASP A 58 ? 0.2089 0.1637 0.1465 -0.0048 -0.0270 -0.0022 57  ASP A CA  
477 C C   . ASP A 58 ? 0.2472 0.1664 0.1490 -0.0209 -0.0303 -0.0277 57  ASP A C   
478 O O   . ASP A 58 ? 0.2464 0.1849 0.3021 -0.0475 -0.0682 0.0034  57  ASP A O   
479 C CB  . ASP A 58 ? 0.2563 0.2027 0.1457 -0.0410 -0.0252 0.0004  57  ASP A CB  
480 C CG  . ASP A 58 ? 0.3279 0.2805 0.1713 -0.0330 0.0099  -0.0175 57  ASP A CG  
481 O OD1 . ASP A 58 ? 0.3815 0.3141 0.2615 0.0244  0.0247  -0.0129 57  ASP A OD1 
482 O OD2 . ASP A 58 ? 0.4705 0.4381 0.1089 -0.0398 0.0547  0.0375  57  ASP A OD2 
483 N N   . SER A 59 ? 0.2419 0.1464 0.1564 -0.0420 -0.0374 -0.0150 58  SER A N   
484 C CA  . SER A 59 ? 0.2564 0.1389 0.1343 -0.0027 -0.0207 -0.0185 58  SER A CA  
485 C C   . SER A 59 ? 0.2417 0.1234 0.1354 0.0145  -0.0159 -0.0110 58  SER A C   
486 O O   . SER A 59 ? 0.2653 0.1449 0.1504 0.0350  -0.0199 -0.0252 58  SER A O   
487 C CB  . SER A 59 ? 0.2850 0.0841 0.1828 -0.0073 0.0370  -0.0015 58  SER A CB  
488 O OG  . SER A 59 ? 0.2826 0.2288 0.2106 0.0021  0.0127  -0.0172 58  SER A OG  
489 N N   . ASP A 60 ? 0.2113 0.1254 0.1378 0.0032  -0.0040 -0.0158 59  ASP A N   
490 C CA  . ASP A 60 ? 0.1870 0.1486 0.1418 0.0039  -0.0029 -0.0084 59  ASP A CA  
491 C C   . ASP A 60 ? 0.1902 0.1263 0.1270 0.0122  -0.0022 -0.0123 59  ASP A C   
492 O O   . ASP A 60 ? 0.2175 0.1326 0.1624 0.0133  -0.0121 -0.0026 59  ASP A O   
493 C CB  . ASP A 60 ? 0.1851 0.1579 0.1822 -0.0024 -0.0016 -0.0043 59  ASP A CB  
494 C CG  . ASP A 60 ? 0.1858 0.2098 0.1876 -0.0055 -0.0072 0.0157  59  ASP A CG  
495 O OD1 . ASP A 60 ? 0.2170 0.2249 0.1725 -0.0052 0.0144  0.0200  59  ASP A OD1 
496 O OD2 . ASP A 60 ? 0.2348 0.2118 0.2009 -0.0402 -0.0257 0.0241  59  ASP A OD2 
497 N N   . ALA A 61 ? 0.2036 0.1340 0.1397 0.0021  -0.0145 -0.0089 60  ALA A N   
498 C CA  . ALA A 61 ? 0.1936 0.1358 0.1342 0.0126  -0.0095 -0.0128 60  ALA A CA  
499 C C   . ALA A 61 ? 0.1596 0.1317 0.1334 0.0163  0.0044  -0.0088 60  ALA A C   
500 O O   . ALA A 61 ? 0.2088 0.1322 0.1695 0.0119  -0.0526 -0.0112 60  ALA A O   
501 C CB  . ALA A 61 ? 0.1853 0.1464 0.1661 0.0059  -0.0062 -0.0274 60  ALA A CB  
502 N N   . ASN A 62 ? 0.1467 0.1076 0.1430 0.0051  0.0064  0.0027  61  ASN A N   
503 C CA  . ASN A 62 ? 0.1403 0.1002 0.1245 0.0096  0.0116  0.0102  61  ASN A CA  
504 C C   . ASN A 62 ? 0.1458 0.1182 0.1282 0.0158  0.0237  0.0177  61  ASN A C   
505 O O   . ASN A 62 ? 0.1546 0.1219 0.1958 0.0200  0.0383  0.0208  61  ASN A O   
506 C CB  . ASN A 62 ? 0.1322 0.1183 0.1210 0.0123  0.0097  0.0081  61  ASN A CB  
507 C CG  . ASN A 62 ? 0.1235 0.1119 0.1153 0.0088  -0.0056 -0.0018 61  ASN A CG  
508 O OD1 . ASN A 62 ? 0.1782 0.1472 0.1295 0.0078  0.0167  0.0173  61  ASN A OD1 
509 N ND2 . ASN A 62 ? 0.0960 0.0981 0.1057 -0.0033 0.0127  0.0076  61  ASN A ND2 
510 N N   . TRP A 63 ? 0.1303 0.1157 0.1279 0.0133  0.0180  0.0059  62  TRP A N   
511 C CA  . TRP A 63 ? 0.1416 0.1191 0.1392 0.0019  0.0191  0.0255  62  TRP A CA  
512 C C   . TRP A 63 ? 0.1243 0.1420 0.1431 0.0032  0.0255  0.0092  62  TRP A C   
513 O O   . TRP A 63 ? 0.1412 0.1605 0.1301 0.0072  0.0162  0.0240  62  TRP A O   
514 C CB  . TRP A 63 ? 0.1487 0.1072 0.1449 0.0111  0.0056  0.0091  62  TRP A CB  
515 C CG  . TRP A 63 ? 0.1495 0.1157 0.1358 0.0224  0.0188  0.0087  62  TRP A CG  
516 C CD1 . TRP A 63 ? 0.1583 0.1226 0.1353 0.0092  0.0196  0.0011  62  TRP A CD1 
517 C CD2 . TRP A 63 ? 0.1204 0.1136 0.1533 0.0330  0.0280  0.0047  62  TRP A CD2 
518 N NE1 . TRP A 63 ? 0.1451 0.1415 0.1514 0.0190  0.0449  0.0014  62  TRP A NE1 
519 C CE2 . TRP A 63 ? 0.1149 0.1240 0.1600 0.0271  0.0272  0.0076  62  TRP A CE2 
520 C CE3 . TRP A 63 ? 0.1085 0.1112 0.1559 0.0249  0.0287  -0.0039 62  TRP A CE3 
521 C CZ2 . TRP A 63 ? 0.1252 0.1259 0.1978 0.0155  0.0343  -0.0014 62  TRP A CZ2 
522 C CZ3 . TRP A 63 ? 0.1263 0.1235 0.1628 0.0142  0.0050  0.0037  62  TRP A CZ3 
523 C CH2 . TRP A 63 ? 0.1207 0.1356 0.1989 0.0185  0.0279  -0.0025 62  TRP A CH2 
524 N N   . GLN A 64 ? 0.1324 0.1604 0.1576 0.0232  0.0291  0.0358  63  GLN A N   
525 C CA  . GLN A 64 ? 0.1418 0.1644 0.1863 0.0179  0.0123  0.0328  63  GLN A CA  
526 C C   . GLN A 64 ? 0.1566 0.1336 0.2132 0.0381  0.0325  0.0245  63  GLN A C   
527 O O   . GLN A 64 ? 0.1698 0.1705 0.2589 0.0586  0.0377  0.0415  63  GLN A O   
528 C CB  . GLN A 64 ? 0.1610 0.1555 0.1977 0.0244  0.0147  0.0310  63  GLN A CB  
529 C CG  . GLN A 64 ? 0.2154 0.1656 0.1840 0.0245  0.0087  0.0189  63  GLN A CG  
530 C CD  . GLN A 64 ? 0.2007 0.1845 0.2228 0.0061  0.0187  0.0323  63  GLN A CD  
531 O OE1 . GLN A 64 ? 0.3384 0.1851 0.3034 0.0130  -0.0862 0.0270  63  GLN A OE1 
532 N NE2 . GLN A 64 ? 0.1957 0.1494 0.1902 -0.0164 0.0341  0.0908  63  GLN A NE2 
533 N N   . GLY A 65 ? 0.1401 0.1579 0.2342 0.0732  0.0436  0.0481  64  GLY A N   
534 C CA  . GLY A 65 ? 0.1603 0.1841 0.2587 0.0364  0.0548  0.0284  64  GLY A CA  
535 C C   . GLY A 65 ? 0.1650 0.1764 0.2630 0.0522  0.0536  0.0240  64  GLY A C   
536 O O   . GLY A 65 ? 0.2104 0.2117 0.2065 0.0346  0.0582  -0.0060 64  GLY A O   
537 N N   . GLY A 66 ? 0.1810 0.2511 0.2618 0.0129  0.0480  0.0297  65  GLY A N   
538 C CA  . GLY A 66 ? 0.2052 0.2399 0.2546 0.0544  0.0281  0.0158  65  GLY A CA  
539 C C   . GLY A 66 ? 0.2206 0.1633 0.2416 0.0227  0.0857  0.0226  65  GLY A C   
540 O O   . GLY A 66 ? 0.2055 0.1832 0.2429 0.0226  0.0759  0.0051  65  GLY A O   
541 N N   . ALA A 67 ? 0.1792 0.1925 0.2396 0.0234  0.0857  0.0230  66  ALA A N   
542 C CA  . ALA A 67 ? 0.1594 0.2039 0.1902 0.0036  0.0581  0.0045  66  ALA A CA  
543 C C   . ALA A 67 ? 0.1624 0.1613 0.2032 -0.0129 0.0720  0.0005  66  ALA A C   
544 O O   . ALA A 67 ? 0.1811 0.1566 0.2112 -0.0274 0.0732  -0.0124 66  ALA A O   
545 C CB  . ALA A 67 ? 0.2031 0.2488 0.1897 0.0255  0.0390  0.0006  66  ALA A CB  
546 N N   . VAL A 68 ? 0.1483 0.1567 0.1635 -0.0184 0.0456  0.0021  67  VAL A N   
547 C CA  . VAL A 68 ? 0.1504 0.1527 0.1436 -0.0066 0.0310  0.0026  67  VAL A CA  
548 C C   . VAL A 68 ? 0.1796 0.1378 0.1427 -0.0046 0.0354  0.0177  67  VAL A C   
549 O O   . VAL A 68 ? 0.2624 0.1680 0.1575 -0.0622 0.0371  0.0201  67  VAL A O   
550 C CB  . VAL A 68 ? 0.1693 0.1477 0.1460 0.0011  0.0369  0.0048  67  VAL A CB  
551 C CG1 . VAL A 68 ? 0.1710 0.1723 0.1542 0.0071  0.0249  -0.0067 67  VAL A CG1 
552 C CG2 . VAL A 68 ? 0.1778 0.2043 0.1493 -0.0117 0.0234  0.0058  67  VAL A CG2 
553 N N   . LYS A 69 ? 0.1722 0.1295 0.1462 0.0002  0.0392  0.0066  68  LYS A N   
554 C CA  . LYS A 69 ? 0.1765 0.1921 0.1685 0.0220  0.0317  0.0283  68  LYS A CA  
555 C C   . LYS A 69 ? 0.1851 0.1756 0.1775 0.0095  0.0685  0.0290  68  LYS A C   
556 O O   . LYS A 69 ? 0.2145 0.2336 0.2154 0.0367  0.0642  0.0600  68  LYS A O   
557 C CB  . LYS A 69 ? 0.2661 0.2431 0.1930 0.0098  -0.0059 -0.0079 68  LYS A CB  
558 C CG  . LYS A 69 ? 0.3051 0.3055 0.3125 0.0359  0.0430  -0.0107 68  LYS A CG  
559 C CD  . LYS A 69 ? 0.5035 0.3437 0.4276 -0.0065 0.0157  -0.0494 68  LYS A CD  
560 C CE  . LYS A 69 ? 0.5001 0.4135 0.4818 -0.0065 0.0131  -0.0362 68  LYS A CE  
561 N NZ  . LYS A 69 ? 0.5478 0.3988 0.5418 -0.0359 0.0128  -0.0380 68  LYS A NZ  
562 N N   . TYR A 70 ? 0.1473 0.1214 0.1168 0.0195  0.0191  -0.0064 69  TYR A N   
563 C CA  . TYR A 70 ? 0.1351 0.1123 0.1252 0.0187  0.0080  -0.0031 69  TYR A CA  
564 C C   . TYR A 70 ? 0.1126 0.1183 0.1179 0.0167  0.0174  0.0032  69  TYR A C   
565 O O   . TYR A 70 ? 0.1311 0.1169 0.1098 0.0197  0.0143  0.0002  69  TYR A O   
566 C CB  . TYR A 70 ? 0.1615 0.1271 0.1302 -0.0041 -0.0100 -0.0091 69  TYR A CB  
567 C CG  . TYR A 70 ? 0.1691 0.1307 0.1398 -0.0274 -0.0055 -0.0167 69  TYR A CG  
568 C CD1 . TYR A 70 ? 0.1676 0.1528 0.1572 -0.0177 -0.0137 -0.0093 69  TYR A CD1 
569 C CD2 . TYR A 70 ? 0.1844 0.1364 0.1570 -0.0194 0.0133  -0.0107 69  TYR A CD2 
570 C CE1 . TYR A 70 ? 0.2168 0.2143 0.1485 -0.0378 0.0099  -0.0176 69  TYR A CE1 
571 C CE2 . TYR A 70 ? 0.2337 0.1493 0.1905 -0.0232 0.0223  -0.0529 69  TYR A CE2 
572 C CZ  . TYR A 70 ? 0.2192 0.2172 0.1644 -0.0495 -0.0023 -0.0552 69  TYR A CZ  
573 O OH  . TYR A 70 ? 0.2914 0.3326 0.1823 -0.0795 -0.0022 -0.0956 69  TYR A OH  
574 N N   . TYR A 71 ? 0.1095 0.1180 0.1130 0.0186  0.0001  -0.0023 70  TYR A N   
575 C CA  . TYR A 71 ? 0.1305 0.1082 0.1215 0.0190  -0.0064 -0.0125 70  TYR A CA  
576 C C   . TYR A 71 ? 0.1207 0.1111 0.1130 0.0187  -0.0117 -0.0055 70  TYR A C   
577 O O   . TYR A 71 ? 0.1074 0.1371 0.1345 0.0269  -0.0133 -0.0036 70  TYR A O   
578 C CB  . TYR A 71 ? 0.1278 0.1327 0.1303 0.0129  -0.0106 -0.0029 70  TYR A CB  
579 C CG  . TYR A 71 ? 0.1150 0.1298 0.1391 0.0123  -0.0131 -0.0054 70  TYR A CG  
580 C CD1 . TYR A 71 ? 0.1465 0.1164 0.1636 0.0089  -0.0216 -0.0118 70  TYR A CD1 
581 C CD2 . TYR A 71 ? 0.1428 0.1366 0.1521 -0.0088 -0.0010 0.0020  70  TYR A CD2 
582 C CE1 . TYR A 71 ? 0.1466 0.1105 0.2219 0.0008  -0.0179 -0.0019 70  TYR A CE1 
583 C CE2 . TYR A 71 ? 0.1395 0.1532 0.1663 -0.0175 0.0023  0.0207  70  TYR A CE2 
584 C CZ  . TYR A 71 ? 0.1654 0.1287 0.2277 -0.0145 -0.0169 0.0210  70  TYR A CZ  
585 O OH  . TYR A 71 ? 0.2115 0.1445 0.3031 -0.0053 -0.0366 0.0569  70  TYR A OH  
586 N N   . ILE A 72 ? 0.1106 0.1266 0.1100 0.0297  -0.0164 -0.0238 71  ILE A N   
587 C CA  . ILE A 72 ? 0.1041 0.1304 0.1253 0.0326  -0.0168 -0.0233 71  ILE A CA  
588 C C   . ILE A 72 ? 0.1059 0.1315 0.1149 0.0350  -0.0365 -0.0126 71  ILE A C   
589 O O   . ILE A 72 ? 0.1036 0.1257 0.1268 0.0287  -0.0278 -0.0179 71  ILE A O   
590 C CB  . ILE A 72 ? 0.1104 0.1475 0.1358 0.0268  -0.0148 -0.0178 71  ILE A CB  
591 C CG1 . ILE A 72 ? 0.1576 0.1417 0.1208 0.0152  -0.0156 -0.0146 71  ILE A CG1 
592 C CG2 . ILE A 72 ? 0.1252 0.1471 0.1578 0.0064  -0.0141 -0.0122 71  ILE A CG2 
593 C CD1 . ILE A 72 ? 0.1693 0.1468 0.1495 0.0155  -0.0043 0.0052  71  ILE A CD1 
594 N N   . LEU A 73 ? 0.1167 0.1149 0.1369 0.0279  -0.0188 -0.0207 72  LEU A N   
595 C CA  . LEU A 73 ? 0.1166 0.1153 0.1468 0.0197  -0.0213 -0.0225 72  LEU A CA  
596 C C   . LEU A 73 ? 0.1124 0.1267 0.1284 0.0178  -0.0311 -0.0173 72  LEU A C   
597 O O   . LEU A 73 ? 0.1114 0.1410 0.1416 0.0319  -0.0374 -0.0303 72  LEU A O   
598 C CB  . LEU A 73 ? 0.1372 0.1258 0.1558 0.0297  -0.0269 -0.0104 72  LEU A CB  
599 C CG  . LEU A 73 ? 0.1573 0.1554 0.1804 0.0257  -0.0032 -0.0034 72  LEU A CG  
600 C CD1 . LEU A 73 ? 0.1838 0.1646 0.2232 0.0037  0.0016  0.0155  72  LEU A CD1 
601 C CD2 . LEU A 73 ? 0.1398 0.1895 0.2340 0.0431  0.0078  0.0083  72  LEU A CD2 
602 N N   . THR A 74 ? 0.1190 0.1288 0.1261 0.0182  -0.0235 -0.0105 73  THR A N   
603 C CA  . THR A 74 ? 0.1103 0.1145 0.1355 0.0204  -0.0230 -0.0288 73  THR A CA  
604 C C   . THR A 74 ? 0.1010 0.1031 0.1293 0.0148  -0.0261 -0.0168 73  THR A C   
605 O O   . THR A 74 ? 0.1014 0.1173 0.1425 0.0176  -0.0273 -0.0229 73  THR A O   
606 C CB  . THR A 74 ? 0.1276 0.1237 0.1671 0.0068  -0.0167 -0.0145 73  THR A CB  
607 O OG1 . THR A 74 ? 0.1451 0.1102 0.1710 -0.0025 -0.0096 -0.0093 73  THR A OG1 
608 C CG2 . THR A 74 ? 0.1592 0.1119 0.1498 0.0131  -0.0214 -0.0003 73  THR A CG2 
609 N N   . ASN A 75 ? 0.1132 0.1074 0.1401 0.0255  -0.0171 -0.0076 74  ASN A N   
610 C CA  . ASN A 75 ? 0.1270 0.1507 0.1349 0.0274  -0.0059 -0.0062 74  ASN A CA  
611 C C   . ASN A 75 ? 0.1416 0.1467 0.1753 0.0374  -0.0052 0.0062  74  ASN A C   
612 O O   . ASN A 75 ? 0.1685 0.1413 0.1776 0.0247  -0.0231 0.0322  74  ASN A O   
613 C CB  . ASN A 75 ? 0.1413 0.1481 0.1319 0.0188  -0.0047 -0.0195 74  ASN A CB  
614 C CG  . ASN A 75 ? 0.1369 0.1494 0.1404 0.0329  0.0039  -0.0120 74  ASN A CG  
615 O OD1 . ASN A 75 ? 0.1138 0.1578 0.1651 0.0254  -0.0177 0.0150  74  ASN A OD1 
616 N ND2 . ASN A 75 ? 0.1457 0.1586 0.1513 0.0439  -0.0140 -0.0112 74  ASN A ND2 
617 N N   . LYS A 76 ? 0.1870 0.1862 0.1728 0.0532  0.0112  0.0117  75  LYS A N   
618 C CA  . LYS A 76 ? 0.2032 0.2153 0.1744 0.0344  -0.0059 0.0286  75  LYS A CA  
619 C C   . LYS A 76 ? 0.2082 0.2078 0.2112 0.0356  -0.0042 0.0221  75  LYS A C   
620 O O   . LYS A 76 ? 0.2097 0.2161 0.2132 0.0283  -0.0153 0.0364  75  LYS A O   
621 C CB  . LYS A 76 ? 0.2781 0.2775 0.1804 0.0062  0.0098  -0.0030 75  LYS A CB  
622 C CG  . LYS A 76 ? 0.3510 0.3279 0.2276 -0.0140 0.0130  0.0440  75  LYS A CG  
623 C CD  . LYS A 76 ? 0.4362 0.4343 0.2620 -0.0149 -0.0198 0.0012  75  LYS A CD  
624 N N   . ARG A 77 ? 0.2074 0.2328 0.1908 0.0422  0.0095  0.0407  76  ARG A N   
625 C CA  . ARG A 77 ? 0.2095 0.2918 0.2219 0.0189  0.0376  0.0261  76  ARG A CA  
626 C C   . ARG A 77 ? 0.1710 0.2281 0.2511 0.0151  0.0192  0.0056  76  ARG A C   
627 O O   . ARG A 77 ? 0.2062 0.2390 0.2960 -0.0083 -0.0123 0.0135  76  ARG A O   
628 C CB  . ARG A 77 ? 0.2447 0.3396 0.2141 0.0259  0.0365  -0.0224 76  ARG A CB  
629 N N   . GLY A 78 ? 0.1813 0.1771 0.2188 0.0245  -0.0123 0.0153  77  GLY A N   
630 C CA  . GLY A 78 ? 0.1830 0.1819 0.2351 0.0087  -0.0287 -0.0020 77  GLY A CA  
631 C C   . GLY A 78 ? 0.1908 0.2218 0.2306 0.0244  -0.0244 0.0288  77  GLY A C   
632 O O   . GLY A 78 ? 0.1762 0.2000 0.2568 0.0339  -0.0227 0.0024  77  GLY A O   
633 N N   . SER A 79 ? 0.1670 0.1986 0.2320 0.0303  -0.0339 0.0524  78  SER A N   
634 C CA  . SER A 79 ? 0.1327 0.2200 0.1811 0.0190  -0.0219 0.0672  78  SER A CA  
635 C C   . SER A 79 ? 0.1188 0.1478 0.1743 0.0282  -0.0019 0.0278  78  SER A C   
636 O O   . SER A 79 ? 0.1112 0.1386 0.1590 0.0255  0.0043  0.0245  78  SER A O   
637 C CB  . SER A 79 ? 0.1750 0.2412 0.1247 0.0050  0.0574  0.1178  78  SER A CB  
638 O OG  . SER A 79 ? 0.1487 0.3051 0.1854 0.0411  0.0220  0.0311  78  SER A OG  
639 N N   . TYR A 80 ? 0.1170 0.1451 0.1395 0.0312  -0.0022 -0.0069 79  TYR A N   
640 C CA  . TYR A 80 ? 0.1181 0.1205 0.1403 0.0284  -0.0016 -0.0105 79  TYR A CA  
641 C C   . TYR A 80 ? 0.1224 0.1157 0.1345 0.0336  -0.0186 -0.0078 79  TYR A C   
642 O O   . TYR A 80 ? 0.1142 0.1483 0.1273 0.0491  -0.0194 -0.0232 79  TYR A O   
643 C CB  . TYR A 80 ? 0.1008 0.1286 0.1522 0.0314  0.0003  -0.0395 79  TYR A CB  
644 C CG  . TYR A 80 ? 0.0965 0.1229 0.1609 0.0203  0.0051  -0.0207 79  TYR A CG  
645 C CD1 . TYR A 80 ? 0.1121 0.1117 0.1661 0.0265  0.0023  -0.0202 79  TYR A CD1 
646 C CD2 . TYR A 80 ? 0.0936 0.1189 0.1873 0.0198  -0.0115 -0.0151 79  TYR A CD2 
647 C CE1 . TYR A 80 ? 0.1558 0.1257 0.1673 0.0339  0.0077  0.0030  79  TYR A CE1 
648 C CE2 . TYR A 80 ? 0.0367 0.1875 0.2667 0.0249  0.0407  -0.0112 79  TYR A CE2 
649 C CZ  . TYR A 80 ? 0.1567 0.1552 0.2161 0.0305  0.0425  0.0066  79  TYR A CZ  
650 O OH  . TYR A 80 ? 0.1999 0.1751 0.2270 0.0419  0.0615  0.0436  79  TYR A OH  
651 N N   . LEU A 81 ? 0.1105 0.1262 0.1267 0.0424  -0.0066 -0.0143 80  LEU A N   
652 C CA  . LEU A 81 ? 0.1033 0.1186 0.1337 0.0381  -0.0088 -0.0081 80  LEU A CA  
653 C C   . LEU A 81 ? 0.1095 0.1211 0.1308 0.0273  -0.0157 -0.0125 80  LEU A C   
654 O O   . LEU A 81 ? 0.1210 0.1356 0.1289 0.0341  -0.0256 0.0039  80  LEU A O   
655 C CB  . LEU A 81 ? 0.1272 0.1231 0.1450 0.0330  -0.0034 -0.0060 80  LEU A CB  
656 C CG  . LEU A 81 ? 0.1260 0.1123 0.1684 0.0279  -0.0199 -0.0074 80  LEU A CG  
657 C CD1 . LEU A 81 ? 0.1325 0.1246 0.1831 0.0368  -0.0235 0.0039  80  LEU A CD1 
658 C CD2 . LEU A 81 ? 0.1396 0.1384 0.1967 0.0224  -0.0072 0.0065  80  LEU A CD2 
659 N N   . GLU A 82 ? 0.1145 0.1268 0.1119 0.0241  -0.0181 -0.0181 81  GLU A N   
660 C CA  . GLU A 82 ? 0.1168 0.1424 0.1130 0.0259  -0.0136 -0.0148 81  GLU A CA  
661 C C   . GLU A 82 ? 0.1181 0.1320 0.1171 0.0299  -0.0174 -0.0011 81  GLU A C   
662 O O   . GLU A 82 ? 0.1069 0.1420 0.1298 0.0307  -0.0189 -0.0082 81  GLU A O   
663 C CB  . GLU A 82 ? 0.1457 0.1488 0.1530 0.0164  -0.0035 -0.0069 81  GLU A CB  
664 C CG  . GLU A 82 ? 0.1869 0.1609 0.1815 0.0445  -0.0097 0.0135  81  GLU A CG  
665 C CD  . GLU A 82 ? 0.2087 0.1745 0.2039 0.0455  -0.0043 0.0310  81  GLU A CD  
666 O OE1 . GLU A 82 ? 0.2366 0.1811 0.1957 0.0313  0.0261  0.0119  81  GLU A OE1 
667 O OE2 . GLU A 82 ? 0.2918 0.2341 0.3438 0.0914  -0.0739 0.0503  81  GLU A OE2 
668 N N   . VAL A 83 ? 0.1138 0.1240 0.1201 0.0208  -0.0175 -0.0013 82  VAL A N   
669 C CA  . VAL A 83 ? 0.1157 0.1095 0.1140 0.0136  -0.0094 0.0064  82  VAL A CA  
670 C C   . VAL A 83 ? 0.1236 0.1079 0.1130 0.0071  -0.0101 0.0047  82  VAL A C   
671 O O   . VAL A 83 ? 0.1360 0.1269 0.1192 0.0106  -0.0130 0.0182  82  VAL A O   
672 C CB  . VAL A 83 ? 0.1302 0.1202 0.1280 0.0043  -0.0128 0.0050  82  VAL A CB  
673 C CG1 . VAL A 83 ? 0.1579 0.1322 0.1537 0.0107  0.0022  -0.0026 82  VAL A CG1 
674 C CG2 . VAL A 83 ? 0.1507 0.1324 0.1284 0.0039  -0.0138 0.0153  82  VAL A CG2 
675 N N   . PHE A 84 ? 0.1234 0.1408 0.1178 0.0078  -0.0030 0.0211  83  PHE A N   
676 C CA  . PHE A 84 ? 0.1411 0.1281 0.1173 0.0046  -0.0031 0.0229  83  PHE A CA  
677 C C   . PHE A 84 ? 0.1454 0.1477 0.1337 0.0140  0.0060  0.0167  83  PHE A C   
678 O O   . PHE A 84 ? 0.1334 0.1592 0.1554 0.0245  -0.0011 0.0200  83  PHE A O   
679 C CB  . PHE A 84 ? 0.1602 0.1608 0.1600 -0.0137 -0.0125 0.0078  83  PHE A CB  
680 C CG  . PHE A 84 ? 0.1578 0.1674 0.1650 -0.0311 -0.0079 -0.0128 83  PHE A CG  
681 C CD1 . PHE A 84 ? 0.1694 0.1598 0.1629 -0.0260 -0.0044 -0.0131 83  PHE A CD1 
682 C CD2 . PHE A 84 ? 0.1526 0.1848 0.1661 -0.0308 -0.0138 -0.0214 83  PHE A CD2 
683 C CE1 . PHE A 84 ? 0.2027 0.1842 0.2140 -0.0012 -0.0090 -0.0315 83  PHE A CE1 
684 C CE2 . PHE A 84 ? 0.1978 0.1894 0.2148 -0.0224 0.0234  -0.0281 83  PHE A CE2 
685 C CZ  . PHE A 84 ? 0.1796 0.1764 0.2165 -0.0343 -0.0033 -0.0477 83  PHE A CZ  
686 N N   . SER A 85 ? 0.1586 0.1548 0.1370 0.0121  0.0096  0.0091  84  SER A N   
687 C CA  A SER A 85 ? 0.1450 0.1753 0.1675 0.0119  0.0089  -0.0008 84  SER A CA  
688 C CA  B SER A 85 ? 0.1424 0.1766 0.1671 0.0158  0.0136  0.0079  84  SER A CA  
689 C C   . SER A 85 ? 0.1684 0.1789 0.1692 0.0031  0.0160  0.0213  84  SER A C   
690 O O   . SER A 85 ? 0.1582 0.1827 0.2890 0.0204  0.0476  0.0149  84  SER A O   
691 C CB  A SER A 85 ? 0.1860 0.2005 0.2245 -0.0315 -0.0229 -0.0350 84  SER A CB  
692 C CB  B SER A 85 ? 0.1303 0.1871 0.2004 -0.0141 0.0008  -0.0218 84  SER A CB  
693 O OG  A SER A 85 ? 0.2521 0.2901 0.2620 -0.0031 0.0325  -0.0546 84  SER A OG  
694 O OG  B SER A 85 ? 0.1452 0.1703 0.2506 -0.0173 -0.0079 0.0086  84  SER A OG  
695 N N   . SER A 86 ? 0.1582 0.1620 0.1460 -0.0037 0.0058  0.0089  85  SER A N   
696 C CA  . SER A 86 ? 0.1467 0.1818 0.1657 -0.0004 0.0131  0.0088  85  SER A CA  
697 C C   . SER A 86 ? 0.1384 0.1963 0.1737 0.0150  0.0141  0.0271  85  SER A C   
698 O O   . SER A 86 ? 0.1490 0.3199 0.1721 0.0434  0.0200  0.0356  85  SER A O   
699 C CB  . SER A 86 ? 0.1555 0.2335 0.1627 0.0074  0.0074  0.0206  85  SER A CB  
700 O OG  . SER A 86 ? 0.1672 0.2913 0.1627 0.0041  0.0063  0.0325  85  SER A OG  
701 N N   . VAL A 87 ? 0.1338 0.2501 0.1863 0.0095  -0.0059 0.0430  86  VAL A N   
702 C CA  . VAL A 87 ? 0.2465 0.3423 0.2124 0.0146  0.0228  0.0853  86  VAL A CA  
703 C C   . VAL A 87 ? 0.1397 0.3363 0.2034 -0.0201 0.0092  0.1078  86  VAL A C   
704 O O   . VAL A 87 ? 0.2811 0.3013 0.3165 -0.0753 -0.0439 0.1079  86  VAL A O   
705 C CB  . VAL A 87 ? 0.2874 0.4049 0.1557 0.0161  0.0253  0.0498  86  VAL A CB  
706 C CG1 . VAL A 87 ? 0.3034 0.3968 0.1732 -0.0066 0.0014  -0.0392 86  VAL A CG1 
707 C CG2 . VAL A 87 ? 0.2478 0.3161 0.2258 0.0218  -0.0197 0.0236  86  VAL A CG2 
708 N N   . GLY A 88 ? 0.2636 0.3230 0.2268 -0.0130 0.0004  0.1200  87  GLY A N   
709 C CA  . GLY A 88 ? 0.3634 0.3008 0.0649 -0.2140 0.1060  -0.0377 87  GLY A CA  
710 C C   . GLY A 88 ? 0.4499 0.4911 0.2510 -0.1867 0.2737  0.0172  87  GLY A C   
711 O O   . GLY A 88 ? 0.5867 0.5536 0.3315 -0.0120 0.2997  0.0668  87  GLY A O   
712 N N   . SER A 89 ? 0.4557 0.5914 0.3096 -0.1550 0.3446  -0.0592 88  SER A N   
713 C CA  . SER A 89 ? 0.5575 0.5105 0.4983 -0.0827 0.2226  0.2206  88  SER A CA  
714 C C   . SER A 89 ? 0.3717 0.4027 0.7139 -0.0361 0.2549  0.2807  88  SER A C   
715 O O   . SER A 89 ? 0.5203 0.5326 0.6021 0.1593  0.1171  0.3039  88  SER A O   
716 C CB  . SER A 89 ? 0.5286 0.5057 0.4056 -0.0262 0.2103  0.1066  88  SER A CB  
717 O OG  . SER A 89 ? 0.4634 0.5331 0.5113 -0.1826 0.0626  0.0256  88  SER A OG  
718 N N   . GLY A 90 ? 0.6767 0.4644 0.4165 0.0488  0.1004  0.2292  89  GLY A N   
719 C CA  . GLY A 90 ? 0.5774 0.4470 0.3486 0.0085  -0.0249 0.1018  89  GLY A CA  
720 C C   . GLY A 90 ? 0.4875 0.3110 0.2778 -0.0563 -0.0402 0.0100  89  GLY A C   
721 O O   . GLY A 90 ? 0.4830 0.3592 0.2744 -0.1201 -0.0111 -0.0244 89  GLY A O   
722 N N   . ASN A 91 ? 0.3660 0.2125 0.2465 -0.0720 0.0031  0.0753  90  ASN A N   
723 C CA  . ASN A 91 ? 0.2634 0.1533 0.2149 -0.0365 0.0241  0.0329  90  ASN A CA  
724 C C   . ASN A 91 ? 0.1933 0.1294 0.2072 -0.0084 -0.0050 0.0131  90  ASN A C   
725 O O   . ASN A 91 ? 0.1850 0.1262 0.2021 0.0066  0.0233  0.0097  90  ASN A O   
726 C CB  . ASN A 91 ? 0.1965 0.1913 0.2485 -0.0271 0.0376  0.0415  90  ASN A CB  
727 C CG  . ASN A 91 ? 0.1758 0.2247 0.2655 -0.0262 0.0402  0.0077  90  ASN A CG  
728 O OD1 . ASN A 91 ? 0.2086 0.2515 0.3555 -0.0214 0.0269  0.0401  90  ASN A OD1 
729 N ND2 . ASN A 91 ? 0.2691 0.1851 0.2823 -0.0391 0.0368  0.0217  90  ASN A ND2 
730 N N   . LYS A 92 ? 0.1907 0.1364 0.2205 -0.0074 -0.0096 0.0493  91  LYS A N   
731 C CA  . LYS A 92 ? 0.1656 0.1413 0.2203 0.0091  -0.0151 0.0203  91  LYS A CA  
732 C C   . LYS A 92 ? 0.1779 0.1498 0.1731 0.0074  -0.0253 0.0109  91  LYS A C   
733 O O   . LYS A 92 ? 0.2408 0.2245 0.1803 -0.0737 -0.0553 0.0505  91  LYS A O   
734 C CB  . LYS A 92 ? 0.2143 0.1783 0.3040 0.0377  0.0009  -0.0099 91  LYS A CB  
735 C CG  . LYS A 92 ? 0.2606 0.2493 0.3203 0.0113  0.0147  -0.0085 91  LYS A CG  
736 C CD  . LYS A 92 ? 0.3218 0.3094 0.3186 0.0173  -0.0067 -0.0164 91  LYS A CD  
737 N N   . CYS A 93 ? 0.1804 0.1416 0.1609 -0.0088 -0.0270 -0.0015 92  CYS A N   
738 C CA  . CYS A 93 ? 0.1580 0.1377 0.1621 0.0043  -0.0327 -0.0048 92  CYS A CA  
739 C C   . CYS A 93 ? 0.1648 0.1421 0.1836 0.0110  -0.0202 0.0059  92  CYS A C   
740 O O   . CYS A 93 ? 0.1924 0.2079 0.2159 0.0314  -0.0250 -0.0339 92  CYS A O   
741 C CB  . CYS A 93 ? 0.1621 0.1309 0.1481 -0.0020 -0.0267 -0.0080 92  CYS A CB  
742 S SG  . CYS A 93 ? 0.1623 0.1491 0.1838 -0.0065 -0.0178 -0.0107 92  CYS A SG  
743 N N   . THR A 94 ? 0.1847 0.1514 0.2245 -0.0044 -0.0380 0.0152  93  THR A N   
744 C CA  . THR A 94 ? 0.1899 0.1690 0.2582 0.0140  -0.0355 0.0240  93  THR A CA  
745 C C   . THR A 94 ? 0.1745 0.1623 0.2658 0.0407  -0.0242 0.0280  93  THR A C   
746 O O   . THR A 94 ? 0.2056 0.1523 0.2667 0.0102  0.0077  0.0314  93  THR A O   
747 C CB  . THR A 94 ? 0.2107 0.2711 0.2960 0.0198  -0.0720 0.1013  93  THR A CB  
748 O OG1 . THR A 94 ? 0.3407 0.3461 0.3714 -0.0100 -0.0671 0.1660  93  THR A OG1 
749 C CG2 . THR A 94 ? 0.2437 0.3471 0.3583 0.0557  -0.0233 0.0540  93  THR A CG2 
750 N N   . PHE A 95 ? 0.1482 0.1707 0.2943 -0.0056 -0.0237 -0.0241 94  PHE A N   
751 C CA  . PHE A 95 ? 0.1680 0.2246 0.2666 -0.0016 -0.0281 -0.0034 94  PHE A CA  
752 C C   . PHE A 95 ? 0.1676 0.2011 0.2976 0.0019  -0.0466 0.0219  94  PHE A C   
753 O O   . PHE A 95 ? 0.1740 0.2357 0.3634 0.0310  -0.0707 0.0133  94  PHE A O   
754 C CB  . PHE A 95 ? 0.1945 0.2277 0.3011 0.0092  0.0122  -0.0227 94  PHE A CB  
755 C CG  . PHE A 95 ? 0.1731 0.2478 0.2764 0.0165  0.0108  -0.0315 94  PHE A CG  
756 C CD1 . PHE A 95 ? 0.2373 0.2528 0.2425 0.0182  -0.0221 -0.0431 94  PHE A CD1 
757 C CD2 . PHE A 95 ? 0.2022 0.3714 0.3232 0.0490  0.0466  -0.0411 94  PHE A CD2 
758 C CE1 . PHE A 95 ? 0.2414 0.2754 0.3191 0.0033  -0.0032 -0.0250 94  PHE A CE1 
759 C CE2 . PHE A 95 ? 0.1181 0.4052 0.6405 0.0382  0.2308  -0.0273 94  PHE A CE2 
760 C CZ  . PHE A 95 ? 0.2793 0.4092 0.3391 -0.0141 0.0766  -0.0600 94  PHE A CZ  
761 N N   . VAL A 96 ? 0.1780 0.2059 0.3072 0.0008  -0.0310 -0.0175 95  VAL A N   
762 C CA  . VAL A 96 ? 0.2003 0.2356 0.3124 -0.0032 -0.0541 -0.0155 95  VAL A CA  
763 C C   . VAL A 96 ? 0.2318 0.2456 0.3677 -0.0046 -0.0319 0.0174  95  VAL A C   
764 O O   . VAL A 96 ? 0.1741 0.2549 0.3912 -0.0289 -0.0123 0.0476  95  VAL A O   
765 C CB  . VAL A 96 ? 0.2253 0.2133 0.2643 -0.0107 -0.0615 0.0077  95  VAL A CB  
766 C CG1 . VAL A 96 ? 0.2303 0.2683 0.3231 -0.0317 -0.0599 -0.0154 95  VAL A CG1 
767 C CG2 . VAL A 96 ? 0.2997 0.2444 0.2595 -0.0114 -0.0355 0.0130  95  VAL A CG2 
768 N N   . GLU A 97 ? 0.2498 0.3505 0.4607 0.0267  -0.0044 0.0370  98  GLU A N   
769 C CA  . GLU A 97 ? 0.3282 0.4456 0.5100 -0.0046 0.0354  0.0472  98  GLU A CA  
770 C C   . GLU A 97 ? 0.2753 0.4935 0.5571 -0.0717 -0.0339 0.0704  98  GLU A C   
771 O O   . GLU A 97 ? 0.5514 0.7446 0.5482 -0.1773 -0.0682 -0.0033 98  GLU A O   
772 C CB  . GLU A 97 ? 0.3470 0.4941 0.6960 0.0399  0.0349  0.0549  98  GLU A CB  
773 N N   . GLY A 98 ? 0.4221 0.5016 0.6145 -0.0958 -0.0450 0.0876  99  GLY A N   
774 C CA  . GLY A 98 ? 0.5591 0.5316 0.6583 -0.0775 -0.0184 0.0146  99  GLY A CA  
775 C C   . GLY A 98 ? 0.5218 0.5801 0.6180 -0.0348 -0.0762 0.0047  99  GLY A C   
776 O O   . HOH B .  ? 0.3394 0.2759 0.3208 -0.0605 0.0533  -0.0476 101 HOH A O   
777 O O   . HOH B .  ? 0.3080 0.3641 0.3751 0.0453  0.0648  0.0691  102 HOH A O   
778 O O   . HOH B .  ? 0.2911 0.3306 0.4420 0.0463  -0.0699 -0.0528 103 HOH A O   
779 O O   . HOH B .  ? 0.3102 0.1900 0.4831 -0.0062 0.0492  -0.0468 104 HOH A O   
780 O O   . HOH B .  ? 0.7305 0.4606 0.3461 0.0398  0.0652  -0.1019 105 HOH A O   
781 O O   . HOH B .  ? 0.2697 0.1492 0.1867 -0.0471 0.0089  0.0111  106 HOH A O   
782 O O   . HOH B .  ? 0.3665 0.4428 0.4549 -0.0257 -0.0425 -0.0271 107 HOH A O   
783 O O   . HOH B .  ? 0.4720 0.4312 0.4488 -0.1018 0.1393  0.0678  108 HOH A O   
784 O O   . HOH B .  ? 0.4521 0.4850 0.2730 0.1791  0.0158  0.0111  109 HOH A O   
785 O O   . HOH B .  ? 0.4838 0.3702 0.1427 -0.1625 -0.0463 0.0069  110 HOH A O   
786 O O   . HOH B .  ? 0.3327 0.3086 0.2321 -0.0219 -0.0038 -0.0539 111 HOH A O   
787 O O   . HOH B .  ? 0.2993 0.4227 0.4672 -0.0470 0.1215  -0.0067 112 HOH A O   
788 O O   . HOH B .  ? 0.1238 0.1517 0.1265 -0.0023 0.0136  0.0146  113 HOH A O   
789 O O   . HOH B .  ? 0.4644 0.4062 0.3924 -0.0227 -0.0366 -0.0132 114 HOH A O   
790 O O   . HOH B .  ? 0.6693 0.3499 0.3801 0.1017  0.0152  -0.0819 115 HOH A O   
791 O O   . HOH B .  ? 0.5629 0.3049 0.2276 -0.0965 0.0847  0.0358  116 HOH A O   
792 O O   . HOH B .  ? 0.4575 0.2200 0.2316 -0.0112 -0.0812 0.0120  117 HOH A O   
793 O O   . HOH B .  ? 0.2494 0.2060 0.1602 0.0035  -0.0216 -0.0229 118 HOH A O   
794 O O   . HOH B .  ? 0.2699 0.3858 0.5469 -0.0298 -0.0208 -0.0721 119 HOH A O   
795 O O   . HOH B .  ? 0.3307 0.3315 0.1467 0.1840  -0.0201 -0.0148 120 HOH A O   
796 O O   . HOH B .  ? 0.2419 0.1910 0.3109 -0.0208 -0.0115 -0.0286 121 HOH A O   
797 O O   . HOH B .  ? 0.1536 0.1377 0.1319 0.0022  0.0012  0.0084  122 HOH A O   
798 O O   . HOH B .  ? 0.1511 0.1807 0.1595 -0.0149 -0.0300 0.0487  123 HOH A O   
799 O O   . HOH B .  ? 0.2217 0.6324 0.3379 -0.0235 -0.0335 0.1806  124 HOH A O   
800 O O   . HOH B .  ? 0.1908 0.2064 0.1937 0.0186  0.0021  -0.0012 125 HOH A O   
801 O O   . HOH B .  ? 0.1507 0.2318 0.1178 -0.0182 -0.0129 0.0146  126 HOH A O   
802 O O   . HOH B .  ? 0.3647 0.1915 0.4511 -0.0255 0.1597  -0.0085 127 HOH A O   
803 O O   . HOH B .  ? 0.1721 0.1503 0.2278 0.0319  -0.0373 -0.0132 128 HOH A O   
804 O O   . HOH B .  ? 0.1431 0.1952 0.1588 0.0055  0.0092  0.0234  129 HOH A O   
805 O O   . HOH B .  ? 0.4439 0.2101 0.2418 -0.1371 0.1513  -0.0482 130 HOH A O   
806 O O   . HOH B .  ? 0.1349 0.1260 0.1138 0.0047  0.0107  0.0101  131 HOH A O   
807 O O   . HOH B .  ? 0.2475 0.3024 0.2800 0.0113  -0.1252 -0.0124 132 HOH A O   
808 O O   . HOH B .  ? 0.1942 0.3040 0.2222 -0.0023 0.0172  -0.0745 133 HOH A O   
809 O O   . HOH B .  ? 0.1743 0.2745 0.2169 0.0250  0.0038  -0.0364 134 HOH A O   
810 O O   . HOH B .  ? 0.2924 0.2623 0.2749 0.0454  0.1231  -0.0724 135 HOH A O   
811 O O   . HOH B .  ? 0.1593 0.1680 0.1255 0.0015  0.0081  0.0052  136 HOH A O   
812 O O   . HOH B .  ? 0.2376 0.2046 0.4262 -0.0154 0.0099  -0.0410 137 HOH A O   
813 O O   . HOH B .  ? 0.3037 0.2825 0.5885 -0.0143 0.0431  -0.0864 138 HOH A O   
814 O O   . HOH B .  ? 0.5414 0.5044 0.2697 -0.1608 -0.0556 -0.0591 139 HOH A O   
815 O O   . HOH B .  ? 0.2178 0.2050 0.1705 -0.0083 -0.0292 -0.0051 140 HOH A O   
816 O O   . HOH B .  ? 0.2343 0.3441 0.2472 0.0562  -0.0207 0.0465  141 HOH A O   
817 O O   . HOH B .  ? 0.5704 0.3465 0.2573 0.0497  0.1038  0.0012  142 HOH A O   
818 O O   . HOH B .  ? 0.3994 0.3020 0.1674 0.0105  -0.0245 -0.0369 143 HOH A O   
819 O O   . HOH B .  ? 0.3157 0.1533 0.3360 0.0370  0.0761  -0.0081 144 HOH A O   
820 O O   . HOH B .  ? 0.1549 0.3026 0.4340 -0.0717 -0.0768 0.1323  145 HOH A O   
821 O O   . HOH B .  ? 0.3131 0.3458 0.2841 -0.0775 0.0546  -0.0827 146 HOH A O   
822 O O   . HOH B .  ? 0.1896 0.1942 0.1859 0.0083  0.0364  0.0260  147 HOH A O   
823 O O   . HOH B .  ? 0.2734 0.6305 0.3722 -0.0584 -0.0234 -0.0409 148 HOH A O   
824 O O   . HOH B .  ? 0.2921 0.2594 0.3226 0.0452  -0.1091 -0.0767 149 HOH A O   
825 O O   . HOH B .  ? 0.3428 0.3281 0.4686 -0.0501 0.0986  -0.1477 150 HOH A O   
826 O O   . HOH B .  ? 0.3217 0.1675 0.1534 -0.0479 0.0022  -0.0587 151 HOH A O   
827 O O   . HOH B .  ? 0.2281 0.2087 0.2798 -0.0346 -0.0926 0.0245  152 HOH A O   
828 O O   . HOH B .  ? 0.3148 0.2588 0.3674 -0.0117 -0.0115 -0.0490 153 HOH A O   
829 O O   . HOH B .  ? 0.3592 0.2536 0.1544 0.0334  -0.0020 0.0618  154 HOH A O   
830 O O   . HOH B .  ? 0.1344 0.1992 0.2642 0.0230  -0.0556 -0.0326 155 HOH A O   
831 O O   . HOH B .  ? 0.1685 0.1553 0.2602 0.0443  -0.0362 0.0337  156 HOH A O   
832 O O   . HOH B .  ? 0.2754 0.2294 0.2564 0.0158  -0.0172 -0.0350 157 HOH A O   
833 O O   . HOH B .  ? 0.4384 0.2661 0.2375 -0.0054 0.0372  -0.0116 158 HOH A O   
834 O O   . HOH B .  ? 0.7843 0.7385 0.6775 -0.1393 -0.0946 0.3019  159 HOH A O   
835 O O   . HOH B .  ? 0.2886 0.3886 0.3638 0.0628  0.0200  0.0446  160 HOH A O   
836 O O   . HOH B .  ? 0.5711 0.3935 0.5812 0.0517  -0.1860 0.0996  161 HOH A O   
837 O O   . HOH B .  ? 0.4086 0.4385 0.4051 0.0286  -0.0237 0.0144  162 HOH A O   
838 O O   . HOH B .  ? 0.1658 0.1686 0.1223 -0.0356 -0.0502 0.0094  163 HOH A O   
839 O O   . HOH B .  ? 0.5488 0.5073 0.3058 0.1052  -0.0447 -0.0737 164 HOH A O   
840 O O   . HOH B .  ? 0.3480 0.3564 0.3828 0.1425  -0.0596 -0.1158 165 HOH A O   
841 O O   . HOH B .  ? 0.4449 0.4797 0.4389 -0.0288 0.0065  -0.0445 166 HOH A O   
842 O O   . HOH B .  ? 0.6572 0.5410 0.2406 0.2602  -0.0674 -0.0702 167 HOH A O   
843 O O   . HOH B .  ? 0.5669 0.5497 0.3644 0.2000  0.1233  0.0120  168 HOH A O   
844 O O   . HOH B .  ? 0.5156 0.9023 0.5432 0.1295  0.1616  0.1585  169 HOH A O   
845 O O   . HOH B .  ? 0.4306 0.5361 0.3322 0.0167  0.0310  0.1259  170 HOH A O   
846 O O   . HOH B .  ? 0.3538 0.3297 0.3103 0.0823  -0.0616 -0.0851 171 HOH A O   
847 O O   . HOH B .  ? 0.2937 0.3804 0.2732 -0.0431 -0.0049 -0.0311 172 HOH A O   
848 O O   . HOH B .  ? 0.2447 0.3233 0.1696 0.0857  -0.0236 -0.0274 173 HOH A O   
849 O O   . HOH B .  ? 0.5388 0.2801 0.5760 0.0357  0.0644  -0.0160 174 HOH A O   
850 O O   . HOH B .  ? 0.6216 0.2508 0.4010 0.0301  -0.1199 0.0110  175 HOH A O   
851 O O   . HOH B .  ? 0.3121 0.3887 0.2551 0.1540  0.0885  0.0487  176 HOH A O   
852 O O   . HOH B .  ? 0.4669 0.4155 0.2082 -0.0521 -0.0553 -0.0147 177 HOH A O   
853 O O   . HOH B .  ? 0.2199 0.1470 0.4059 0.0134  0.0392  -0.0663 178 HOH A O   
854 O O   . HOH B .  ? 0.4656 0.2855 0.4126 -0.0300 -0.1233 -0.0604 179 HOH A O   
855 O O   . HOH B .  ? 0.3226 0.5376 0.5214 0.1163  -0.0497 -0.1016 180 HOH A O   
856 O O   . HOH B .  ? 0.3730 0.4513 0.7877 0.0434  0.1113  0.2706  181 HOH A O   
857 O O   . HOH B .  ? 0.4407 0.3067 0.4661 -0.0452 -0.0590 -0.0543 182 HOH A O   
858 O O   . HOH B .  ? 0.4418 0.3343 0.4433 -0.0543 0.0046  -0.0390 183 HOH A O   
859 O O   . HOH B .  ? 0.4264 0.5608 0.4906 0.0512  -0.0983 -0.0840 184 HOH A O   
860 O O   . HOH B .  ? 0.5498 0.4319 0.3888 -0.1476 -0.0900 -0.0377 185 HOH A O   
861 O O   . HOH B .  ? 0.4689 0.3337 0.4682 -0.0742 0.0008  0.0309  186 HOH A O   
# 
